data_6DC6
#
_entry.id   6DC6
#
_cell.length_a   104.999
_cell.length_b   70.438
_cell.length_c   188.851
_cell.angle_alpha   90.000
_cell.angle_beta   95.190
_cell.angle_gamma   90.000
#
_symmetry.space_group_name_H-M   'P 1 21 1'
#
loop_
_entity.id
_entity.type
_entity.pdbx_description
1 polymer 'Ubiquitin-like modifier-activating enzyme 1'
2 polymer Ubiquitin
3 non-polymer 'MAGNESIUM ION'
4 non-polymer 'PYROPHOSPHATE 2-'
#
loop_
_entity_poly.entity_id
_entity_poly.type
_entity_poly.pdbx_seq_one_letter_code
_entity_poly.pdbx_strand_id
1 'polypeptide(L)'
;GAMGSDIDEGLYSRQLYVLGHEAMKRLQTSSVLVSGLRGLGVEIAKNIILGGVKAVTLHDQGTAQWADLSSQFYLREEDI
GKNRAEVSQPRLAELNSYVPVTAYTGPLVEDFLSGFQVVVLTNTPLEDQLRVGEFCHNRGIKLVVADTRGLFGQLFCDFG
EEMILTDSNGEQPLSAMVSMVTKDNPGVVTCLDEARHGFESGDFVSFSEVQGMVELNGNQPMEIKVLGPYTFSICDTSNF
SDYIRGGIVSQVKVPKKISFKSLVASLAEPDFVVTDFAKFSRPAQLHIGFQALHQFCAQHGRPPRPRNEEDAAELVALAQ
AVNARALPAVQQNNLDEDLIRKLAYVAAGDLAPINAFIGGLAAQEVMKACSGKFMPIMQWLYFDALECLPEDKEVLTEDK
CLQRQNRYDGQVAVFGSDLQEKLGKQKYFLVGAGAIGCELLKNFAMIGLGCGEGGEIIVTDMDTIEKSNLNRQFLFRPWD
VTKLKSDTAAAAVRQMNPHIRVTSHQNRVGPDTERIYDDDFFQNLDGVANALDNVDARMYMDRRCVYYRKPLLESGTLGT
KGNVQVVIPFLTESYSSSQDPPEKSIPIATLKNFPNAIEHTLQWARDEFEGLFKQPAENVNQYLTDPKFVERTLRLAGTQ
PLEVLEAVQRSLVLQRPQTWADCVTWACHHWHTQYSNNIRQLLHNFPPDQLTSSGAPFWSGPKRCPHPLTFDVNNPLHLD
YVMAAANLFAQTYGLTGSQDRAAVATFLQSVQVPEFTPKSGVKIHVSDQELQSANASVDDSRLEELKATLPSPDKLPGFK
MYPIDFEKDDDSNFHMDFIVAASNLRAENYDIPSADRHKSKLIAGKIIPAIATTTAAVVGLVCLELYKVVQGHRQLDSYK
NGFLNLALPFFGFSEPLAAPRHQYYNQEWTLWDRFEVQGLQPNGEEMTLKQFLDYFKTEHKLEITMLSQGVSMLYSFFMP
AAKLKERLDQPMTEIVSRVSKRKLGRHVRALVLELCCNDESGEDVEVPYVRYTIR
;
A,C
2 'polypeptide(L)' GAMAMQIFVKTLTGKTITLEVEPSDTIENVKAKIQDKEGIPPDQQRLIFAGKQLEDGRTLSDYNIQKESTLHLVLRLRGG B,D
#
# COMPACT_ATOMS: atom_id res chain seq x y z
N ASP A 6 -7.65 -59.02 0.77
CA ASP A 6 -6.53 -59.96 0.72
C ASP A 6 -5.30 -59.29 0.11
N ILE A 7 -5.48 -58.06 -0.38
CA ILE A 7 -4.41 -57.30 -0.99
C ILE A 7 -3.79 -56.38 0.07
N ASP A 8 -2.47 -56.17 -0.04
CA ASP A 8 -1.72 -55.42 0.96
C ASP A 8 -2.00 -53.93 0.78
N GLU A 9 -2.88 -53.38 1.60
CA GLU A 9 -3.17 -51.96 1.53
C GLU A 9 -2.01 -51.11 2.03
N GLY A 10 -1.09 -51.69 2.80
CA GLY A 10 0.05 -50.93 3.28
C GLY A 10 1.06 -50.63 2.18
N LEU A 11 1.20 -51.53 1.22
CA LEU A 11 2.13 -51.34 0.10
C LEU A 11 1.48 -50.60 -1.06
N TYR A 12 0.25 -50.98 -1.42
CA TYR A 12 -0.44 -50.39 -2.55
C TYR A 12 -1.35 -49.24 -2.14
N SER A 13 -1.06 -48.54 -1.03
CA SER A 13 -1.96 -47.50 -0.56
C SER A 13 -2.14 -46.39 -1.59
N ARG A 14 -1.03 -45.82 -2.06
CA ARG A 14 -1.12 -44.74 -3.03
C ARG A 14 -1.60 -45.22 -4.41
N GLN A 15 -1.52 -46.51 -4.69
CA GLN A 15 -1.95 -47.04 -5.98
C GLN A 15 -3.40 -47.49 -5.98
N LEU A 16 -3.92 -47.95 -4.84
CA LEU A 16 -5.34 -48.30 -4.76
C LEU A 16 -6.25 -47.11 -4.97
N TYR A 17 -5.72 -45.89 -4.89
CA TYR A 17 -6.47 -44.68 -5.18
C TYR A 17 -6.43 -44.29 -6.65
N VAL A 18 -5.77 -45.08 -7.48
CA VAL A 18 -5.76 -44.84 -8.92
C VAL A 18 -6.29 -46.01 -9.73
N LEU A 19 -6.49 -47.19 -9.11
CA LEU A 19 -6.99 -48.36 -9.82
C LEU A 19 -8.20 -48.96 -9.11
N GLY A 20 -8.23 -48.89 -7.80
CA GLY A 20 -9.32 -49.44 -7.03
C GLY A 20 -9.11 -50.92 -6.71
N HIS A 21 -9.83 -51.37 -5.69
CA HIS A 21 -9.65 -52.75 -5.23
C HIS A 21 -10.07 -53.76 -6.28
N GLU A 22 -11.12 -53.46 -7.05
CA GLU A 22 -11.59 -54.41 -8.04
C GLU A 22 -10.57 -54.60 -9.16
N ALA A 23 -10.06 -53.51 -9.71
CA ALA A 23 -9.06 -53.61 -10.77
C ALA A 23 -7.73 -54.11 -10.25
N MET A 24 -7.46 -53.94 -8.95
CA MET A 24 -6.23 -54.48 -8.38
C MET A 24 -6.30 -56.00 -8.29
N LYS A 25 -7.46 -56.54 -7.88
CA LYS A 25 -7.62 -57.99 -7.81
C LYS A 25 -7.50 -58.64 -9.18
N ARG A 26 -7.94 -57.95 -10.24
CA ARG A 26 -7.74 -58.47 -11.59
C ARG A 26 -6.29 -58.39 -12.02
N LEU A 27 -5.46 -57.60 -11.35
CA LEU A 27 -4.03 -57.61 -11.60
C LEU A 27 -3.35 -58.78 -10.90
N GLN A 28 -3.82 -59.15 -9.70
CA GLN A 28 -3.21 -60.24 -8.96
C GLN A 28 -3.31 -61.57 -9.69
N THR A 29 -4.20 -61.67 -10.68
CA THR A 29 -4.40 -62.93 -11.39
C THR A 29 -4.14 -62.74 -12.88
N SER A 30 -3.03 -62.09 -13.23
CA SER A 30 -2.69 -61.87 -14.63
C SER A 30 -1.18 -61.94 -14.80
N SER A 31 -0.72 -62.86 -15.64
CA SER A 31 0.70 -63.01 -15.93
C SER A 31 1.06 -62.19 -17.17
N VAL A 32 2.21 -61.54 -17.11
CA VAL A 32 2.67 -60.67 -18.19
C VAL A 32 4.00 -61.19 -18.71
N LEU A 33 4.17 -61.16 -20.02
CA LEU A 33 5.41 -61.53 -20.67
C LEU A 33 6.06 -60.29 -21.26
N VAL A 34 7.33 -60.07 -20.94
CA VAL A 34 8.07 -58.93 -21.44
C VAL A 34 9.20 -59.45 -22.31
N SER A 35 9.14 -59.17 -23.60
CA SER A 35 10.13 -59.66 -24.55
C SER A 35 11.07 -58.54 -24.94
N GLY A 36 12.37 -58.78 -24.77
CA GLY A 36 13.37 -57.78 -25.09
C GLY A 36 13.71 -56.91 -23.90
N LEU A 37 14.81 -57.21 -23.22
CA LEU A 37 15.20 -56.49 -22.02
C LEU A 37 16.26 -55.45 -22.30
N ARG A 38 15.99 -54.59 -23.29
CA ARG A 38 16.85 -53.44 -23.54
C ARG A 38 16.42 -52.32 -22.62
N GLY A 39 16.79 -51.07 -22.95
CA GLY A 39 16.41 -49.95 -22.10
C GLY A 39 14.91 -49.80 -21.99
N LEU A 40 14.18 -49.99 -23.10
CA LEU A 40 12.73 -49.92 -23.05
C LEU A 40 12.11 -51.11 -22.34
N GLY A 41 12.71 -52.30 -22.47
CA GLY A 41 12.10 -53.48 -21.90
C GLY A 41 12.17 -53.52 -20.37
N VAL A 42 13.30 -53.09 -19.81
CA VAL A 42 13.43 -53.09 -18.37
C VAL A 42 12.53 -52.03 -17.73
N GLU A 43 12.32 -50.91 -18.44
CA GLU A 43 11.46 -49.86 -17.90
C GLU A 43 10.00 -50.33 -17.84
N ILE A 44 9.53 -51.00 -18.90
CA ILE A 44 8.18 -51.52 -18.89
C ILE A 44 8.01 -52.56 -17.78
N ALA A 45 8.99 -53.46 -17.66
CA ALA A 45 8.91 -54.51 -16.64
C ALA A 45 8.99 -53.95 -15.23
N LYS A 46 9.67 -52.81 -15.06
CA LYS A 46 9.81 -52.23 -13.72
C LYS A 46 8.46 -51.79 -13.18
N ASN A 47 7.72 -51.01 -13.97
CA ASN A 47 6.44 -50.50 -13.47
C ASN A 47 5.40 -51.61 -13.36
N ILE A 48 5.51 -52.66 -14.18
CA ILE A 48 4.57 -53.76 -14.10
C ILE A 48 4.73 -54.53 -12.79
N ILE A 49 5.98 -54.80 -12.40
CA ILE A 49 6.24 -55.49 -11.15
C ILE A 49 5.80 -54.64 -9.96
N LEU A 50 6.09 -53.34 -10.02
CA LEU A 50 5.65 -52.45 -8.95
C LEU A 50 4.13 -52.34 -8.90
N GLY A 51 3.46 -52.51 -10.05
CA GLY A 51 2.01 -52.44 -10.08
C GLY A 51 1.33 -53.60 -9.38
N GLY A 52 1.99 -54.76 -9.34
CA GLY A 52 1.47 -55.90 -8.60
C GLY A 52 0.66 -56.86 -9.45
N VAL A 53 1.24 -57.36 -10.53
CA VAL A 53 0.59 -58.35 -11.36
C VAL A 53 0.80 -59.72 -10.74
N LYS A 54 0.38 -60.77 -11.43
CA LYS A 54 0.56 -62.13 -10.90
C LYS A 54 2.00 -62.58 -11.02
N ALA A 55 2.57 -62.51 -12.22
CA ALA A 55 3.94 -62.92 -12.45
C ALA A 55 4.42 -62.32 -13.77
N VAL A 56 5.70 -61.95 -13.80
CA VAL A 56 6.33 -61.39 -14.99
C VAL A 56 7.38 -62.39 -15.48
N THR A 57 7.43 -62.58 -16.79
CA THR A 57 8.41 -63.45 -17.41
C THR A 57 9.20 -62.64 -18.43
N LEU A 58 10.52 -62.66 -18.31
CA LEU A 58 11.40 -61.95 -19.22
C LEU A 58 11.83 -62.86 -20.37
N HIS A 59 12.38 -62.25 -21.42
CA HIS A 59 12.80 -63.02 -22.59
C HIS A 59 13.77 -62.17 -23.40
N ASP A 60 14.87 -62.79 -23.84
CA ASP A 60 15.84 -62.10 -24.67
C ASP A 60 16.83 -63.11 -25.23
N GLN A 61 17.25 -62.88 -26.49
CA GLN A 61 18.25 -63.71 -27.14
C GLN A 61 19.59 -63.03 -27.35
N GLY A 62 19.63 -61.69 -27.34
CA GLY A 62 20.87 -60.98 -27.58
C GLY A 62 21.70 -60.72 -26.33
N THR A 63 22.98 -60.46 -26.55
CA THR A 63 23.92 -60.18 -25.47
C THR A 63 23.91 -58.70 -25.10
N ALA A 64 24.31 -58.43 -23.85
CA ALA A 64 24.36 -57.09 -23.27
C ALA A 64 25.50 -56.30 -23.89
N GLN A 65 25.22 -55.66 -25.02
CA GLN A 65 26.23 -54.88 -25.72
C GLN A 65 26.46 -53.55 -25.01
N TRP A 66 27.48 -52.82 -25.48
CA TRP A 66 27.78 -51.50 -24.90
C TRP A 66 26.68 -50.50 -25.17
N ALA A 67 26.13 -50.47 -26.39
CA ALA A 67 25.11 -49.51 -26.77
C ALA A 67 23.80 -49.68 -25.99
N ASP A 68 23.73 -50.64 -25.06
CA ASP A 68 22.54 -50.84 -24.25
C ASP A 68 22.65 -50.24 -22.84
N LEU A 69 23.83 -49.77 -22.44
CA LEU A 69 24.01 -49.22 -21.10
C LEU A 69 23.61 -47.76 -20.96
N SER A 70 23.23 -47.10 -22.07
CA SER A 70 22.79 -45.71 -21.98
C SER A 70 21.40 -45.56 -21.37
N SER A 71 20.66 -46.66 -21.23
CA SER A 71 19.30 -46.60 -20.66
C SER A 71 18.97 -47.75 -19.73
N GLN A 72 19.55 -48.93 -19.90
CA GLN A 72 19.27 -50.05 -19.01
C GLN A 72 19.98 -49.84 -17.68
N PHE A 73 19.20 -49.53 -16.64
CA PHE A 73 19.74 -49.26 -15.31
C PHE A 73 20.04 -50.53 -14.53
N TYR A 74 19.88 -51.71 -15.12
CA TYR A 74 20.20 -52.96 -14.45
C TYR A 74 21.31 -53.76 -15.11
N LEU A 75 21.82 -53.33 -16.26
CA LEU A 75 22.99 -53.95 -16.88
C LEU A 75 24.23 -53.23 -16.37
N ARG A 76 24.94 -53.86 -15.44
CA ARG A 76 26.16 -53.27 -14.92
C ARG A 76 27.26 -53.32 -15.97
N GLU A 77 28.34 -52.57 -15.71
CA GLU A 77 29.45 -52.51 -16.66
C GLU A 77 30.25 -53.80 -16.71
N GLU A 78 30.05 -54.70 -15.74
CA GLU A 78 30.72 -56.00 -15.69
C GLU A 78 29.80 -57.13 -16.12
N ASP A 79 28.66 -56.81 -16.71
CA ASP A 79 27.72 -57.80 -17.23
C ASP A 79 27.67 -57.79 -18.75
N ILE A 80 28.62 -57.13 -19.40
CA ILE A 80 28.59 -57.02 -20.86
C ILE A 80 28.94 -58.36 -21.47
N GLY A 81 28.06 -58.87 -22.35
CA GLY A 81 28.24 -60.14 -22.99
C GLY A 81 27.30 -61.23 -22.52
N LYS A 82 26.74 -61.09 -21.32
CA LYS A 82 25.84 -62.10 -20.78
C LYS A 82 24.44 -61.93 -21.35
N ASN A 83 23.51 -62.76 -20.87
CA ASN A 83 22.12 -62.66 -21.28
C ASN A 83 21.40 -61.63 -20.44
N ARG A 84 20.71 -60.70 -21.10
CA ARG A 84 20.09 -59.58 -20.40
C ARG A 84 18.96 -60.04 -19.48
N ALA A 85 18.25 -61.11 -19.85
CA ALA A 85 17.12 -61.55 -19.04
C ALA A 85 17.57 -62.25 -17.76
N GLU A 86 18.71 -62.92 -17.79
CA GLU A 86 19.15 -63.67 -16.62
C GLU A 86 19.78 -62.78 -15.56
N VAL A 87 20.54 -61.77 -15.98
CA VAL A 87 21.26 -60.95 -15.01
C VAL A 87 20.31 -59.97 -14.32
N SER A 88 19.35 -59.42 -15.06
CA SER A 88 18.41 -58.46 -14.51
C SER A 88 17.22 -59.12 -13.82
N GLN A 89 17.17 -60.46 -13.78
CA GLN A 89 16.06 -61.12 -13.12
C GLN A 89 16.08 -60.92 -11.60
N PRO A 90 17.20 -61.14 -10.89
CA PRO A 90 17.15 -60.92 -9.43
C PRO A 90 16.93 -59.47 -9.06
N ARG A 91 17.37 -58.54 -9.90
CA ARG A 91 17.19 -57.12 -9.60
C ARG A 91 15.73 -56.71 -9.75
N LEU A 92 15.07 -57.18 -10.81
CA LEU A 92 13.65 -56.88 -10.98
C LEU A 92 12.79 -57.62 -9.97
N ALA A 93 13.18 -58.84 -9.60
CA ALA A 93 12.42 -59.62 -8.62
C ALA A 93 12.49 -59.02 -7.23
N GLU A 94 13.32 -58.01 -7.02
CA GLU A 94 13.47 -57.38 -5.72
C GLU A 94 12.52 -56.20 -5.51
N LEU A 95 11.95 -55.66 -6.59
CA LEU A 95 11.09 -54.49 -6.47
C LEU A 95 9.82 -54.81 -5.70
N ASN A 96 9.22 -55.95 -5.98
CA ASN A 96 7.97 -56.36 -5.35
C ASN A 96 8.15 -57.78 -4.82
N SER A 97 7.99 -57.94 -3.51
CA SER A 97 8.08 -59.26 -2.89
C SER A 97 6.84 -60.10 -3.10
N TYR A 98 5.87 -59.62 -3.88
CA TYR A 98 4.66 -60.36 -4.18
C TYR A 98 4.61 -60.87 -5.62
N VAL A 99 5.51 -60.44 -6.49
CA VAL A 99 5.46 -60.80 -7.91
C VAL A 99 6.69 -61.62 -8.29
N PRO A 100 6.54 -62.93 -8.50
CA PRO A 100 7.69 -63.74 -8.95
C PRO A 100 8.06 -63.43 -10.39
N VAL A 101 9.35 -63.18 -10.62
CA VAL A 101 9.88 -62.81 -11.93
C VAL A 101 10.73 -63.94 -12.46
N THR A 102 10.51 -64.34 -13.70
CA THR A 102 11.26 -65.40 -14.36
C THR A 102 11.77 -64.92 -15.71
N ALA A 103 12.76 -65.62 -16.24
CA ALA A 103 13.37 -65.31 -17.52
C ALA A 103 13.24 -66.50 -18.46
N TYR A 104 13.53 -66.27 -19.74
CA TYR A 104 13.54 -67.32 -20.74
C TYR A 104 14.68 -67.06 -21.72
N THR A 105 15.18 -68.14 -22.32
CA THR A 105 16.43 -68.10 -23.07
C THR A 105 16.24 -68.40 -24.57
N GLY A 106 15.18 -67.87 -25.18
CA GLY A 106 15.13 -67.91 -26.63
C GLY A 106 13.86 -68.34 -27.36
N PRO A 107 13.26 -69.48 -26.99
CA PRO A 107 12.11 -69.97 -27.78
C PRO A 107 10.86 -69.14 -27.54
N LEU A 108 10.32 -68.56 -28.62
CA LEU A 108 9.03 -67.90 -28.60
C LEU A 108 8.02 -68.76 -29.38
N VAL A 109 7.72 -69.92 -28.81
CA VAL A 109 6.86 -70.91 -29.45
C VAL A 109 5.41 -70.68 -29.03
N GLU A 110 4.48 -71.32 -29.75
CA GLU A 110 3.07 -71.12 -29.46
C GLU A 110 2.68 -71.68 -28.09
N ASP A 111 3.34 -72.74 -27.65
CA ASP A 111 3.05 -73.32 -26.34
C ASP A 111 3.55 -72.47 -25.19
N PHE A 112 4.56 -71.63 -25.43
CA PHE A 112 5.09 -70.77 -24.38
C PHE A 112 4.19 -69.57 -24.12
N LEU A 113 3.58 -69.02 -25.16
CA LEU A 113 2.72 -67.86 -25.01
C LEU A 113 1.37 -68.21 -24.41
N SER A 114 1.05 -69.49 -24.25
CA SER A 114 -0.28 -69.89 -23.77
C SER A 114 -0.48 -69.64 -22.29
N GLY A 115 0.60 -69.54 -21.52
CA GLY A 115 0.48 -69.36 -20.08
C GLY A 115 0.53 -67.91 -19.65
N PHE A 116 0.33 -66.99 -20.60
CA PHE A 116 0.37 -65.57 -20.33
C PHE A 116 -0.94 -64.92 -20.78
N GLN A 117 -1.30 -63.83 -20.12
CA GLN A 117 -2.47 -63.05 -20.49
C GLN A 117 -2.11 -61.82 -21.31
N VAL A 118 -1.01 -61.16 -20.96
CA VAL A 118 -0.52 -59.99 -21.67
C VAL A 118 0.89 -60.27 -22.15
N VAL A 119 1.20 -59.84 -23.37
CA VAL A 119 2.51 -60.07 -23.98
C VAL A 119 3.02 -58.74 -24.52
N VAL A 120 4.23 -58.37 -24.13
CA VAL A 120 4.85 -57.12 -24.55
C VAL A 120 6.02 -57.44 -25.46
N LEU A 121 6.00 -56.88 -26.68
CA LEU A 121 7.05 -57.10 -27.67
C LEU A 121 7.85 -55.81 -27.83
N THR A 122 9.11 -55.82 -27.39
CA THR A 122 9.99 -54.67 -27.51
C THR A 122 11.23 -55.05 -28.31
N ASN A 123 11.60 -54.18 -29.25
CA ASN A 123 12.81 -54.33 -30.05
C ASN A 123 12.83 -55.69 -30.77
N THR A 124 11.69 -56.02 -31.39
CA THR A 124 11.52 -57.26 -32.12
C THR A 124 11.21 -56.95 -33.58
N PRO A 125 11.87 -57.62 -34.54
CA PRO A 125 11.60 -57.33 -35.95
C PRO A 125 10.12 -57.51 -36.30
N LEU A 126 9.68 -56.70 -37.26
CA LEU A 126 8.25 -56.66 -37.60
C LEU A 126 7.75 -58.02 -38.09
N GLU A 127 8.51 -58.66 -38.99
CA GLU A 127 8.10 -59.97 -39.48
C GLU A 127 7.97 -60.96 -38.34
N ASP A 128 8.81 -60.85 -37.31
CA ASP A 128 8.67 -61.69 -36.12
C ASP A 128 7.53 -61.22 -35.22
N GLN A 129 7.14 -59.95 -35.31
CA GLN A 129 6.00 -59.46 -34.54
C GLN A 129 4.68 -59.85 -35.19
N LEU A 130 4.65 -59.97 -36.52
CA LEU A 130 3.40 -60.30 -37.21
C LEU A 130 2.93 -61.69 -36.85
N ARG A 131 3.85 -62.64 -36.69
CA ARG A 131 3.44 -63.99 -36.31
C ARG A 131 2.86 -64.02 -34.90
N VAL A 132 3.49 -63.29 -33.97
CA VAL A 132 2.97 -63.27 -32.61
C VAL A 132 1.66 -62.50 -32.54
N GLY A 133 1.48 -61.49 -33.41
CA GLY A 133 0.26 -60.71 -33.38
C GLY A 133 -0.96 -61.49 -33.83
N GLU A 134 -0.80 -62.36 -34.83
CA GLU A 134 -1.92 -63.17 -35.29
C GLU A 134 -2.34 -64.19 -34.24
N PHE A 135 -1.36 -64.79 -33.55
CA PHE A 135 -1.67 -65.83 -32.58
C PHE A 135 -2.35 -65.25 -31.35
N CYS A 136 -1.83 -64.14 -30.81
CA CYS A 136 -2.37 -63.58 -29.58
C CYS A 136 -3.78 -63.06 -29.78
N HIS A 137 -4.03 -62.39 -30.91
CA HIS A 137 -5.36 -61.84 -31.13
C HIS A 137 -6.38 -62.94 -31.33
N ASN A 138 -6.02 -64.01 -32.03
CA ASN A 138 -6.96 -65.09 -32.31
C ASN A 138 -7.19 -66.02 -31.12
N ARG A 139 -6.42 -65.88 -30.04
CA ARG A 139 -6.62 -66.71 -28.85
C ARG A 139 -6.89 -65.90 -27.60
N GLY A 140 -7.05 -64.59 -27.72
CA GLY A 140 -7.44 -63.76 -26.60
C GLY A 140 -6.31 -63.43 -25.65
N ILE A 141 -5.20 -62.95 -26.21
CA ILE A 141 -4.03 -62.56 -25.44
C ILE A 141 -3.75 -61.10 -25.72
N LYS A 142 -3.73 -60.29 -24.66
CA LYS A 142 -3.51 -58.85 -24.80
C LYS A 142 -2.10 -58.61 -25.33
N LEU A 143 -1.99 -57.79 -26.37
CA LEU A 143 -0.71 -57.53 -27.03
C LEU A 143 -0.32 -56.06 -26.91
N VAL A 144 0.94 -55.82 -26.56
CA VAL A 144 1.52 -54.48 -26.51
C VAL A 144 2.85 -54.51 -27.24
N VAL A 145 3.03 -53.61 -28.20
CA VAL A 145 4.27 -53.49 -28.94
C VAL A 145 4.79 -52.07 -28.74
N ALA A 146 6.01 -51.96 -28.23
CA ALA A 146 6.63 -50.67 -27.97
C ALA A 146 8.06 -50.71 -28.48
N ASP A 147 8.41 -49.73 -29.33
CA ASP A 147 9.76 -49.58 -29.84
C ASP A 147 10.19 -48.13 -29.67
N THR A 148 11.49 -47.94 -29.40
CA THR A 148 12.08 -46.62 -29.25
C THR A 148 13.34 -46.58 -30.11
N ARG A 149 13.46 -45.55 -30.92
CA ARG A 149 14.62 -45.35 -31.80
C ARG A 149 15.17 -43.96 -31.54
N GLY A 150 16.08 -43.84 -30.58
CA GLY A 150 16.67 -42.55 -30.26
C GLY A 150 15.63 -41.58 -29.74
N LEU A 151 15.41 -40.51 -30.51
CA LEU A 151 14.41 -39.51 -30.14
C LEU A 151 13.00 -39.95 -30.48
N PHE A 152 12.82 -40.92 -31.37
CA PHE A 152 11.51 -41.37 -31.79
C PHE A 152 11.04 -42.56 -30.96
N GLY A 153 9.77 -42.93 -31.15
CA GLY A 153 9.22 -44.09 -30.46
C GLY A 153 7.78 -44.37 -30.81
N GLN A 154 7.37 -45.64 -30.73
CA GLN A 154 6.01 -46.04 -31.08
C GLN A 154 5.44 -46.93 -29.98
N LEU A 155 4.11 -47.02 -29.97
CA LEU A 155 3.40 -47.85 -29.00
C LEU A 155 2.12 -48.35 -29.64
N PHE A 156 1.87 -49.66 -29.55
CA PHE A 156 0.71 -50.29 -30.16
C PHE A 156 0.03 -51.22 -29.16
N CYS A 157 -1.30 -51.31 -29.26
CA CYS A 157 -2.10 -52.17 -28.39
C CYS A 157 -3.11 -52.96 -29.21
N ASP A 158 -3.39 -54.18 -28.74
CA ASP A 158 -4.37 -55.06 -29.37
C ASP A 158 -4.98 -55.92 -28.26
N PHE A 159 -6.05 -55.39 -27.65
CA PHE A 159 -6.70 -56.07 -26.54
C PHE A 159 -7.87 -56.95 -26.99
N GLY A 160 -7.78 -57.53 -28.19
CA GLY A 160 -8.87 -58.32 -28.72
C GLY A 160 -9.97 -57.46 -29.31
N GLU A 161 -10.88 -58.10 -30.02
CA GLU A 161 -11.96 -57.39 -30.69
C GLU A 161 -13.19 -57.25 -29.80
N GLU A 162 -13.07 -57.53 -28.50
CA GLU A 162 -14.19 -57.32 -27.58
C GLU A 162 -13.60 -57.16 -26.18
N MET A 163 -13.50 -55.91 -25.72
CA MET A 163 -12.93 -55.58 -24.42
C MET A 163 -13.93 -54.73 -23.66
N ILE A 164 -14.27 -55.16 -22.45
CA ILE A 164 -15.21 -54.44 -21.60
C ILE A 164 -14.46 -53.36 -20.83
N LEU A 165 -14.96 -52.13 -20.87
CA LEU A 165 -14.38 -51.00 -20.16
C LEU A 165 -15.35 -50.57 -19.06
N THR A 166 -14.98 -50.81 -17.81
CA THR A 166 -15.79 -50.36 -16.69
C THR A 166 -15.58 -48.88 -16.36
N ASP A 167 -14.49 -48.28 -16.85
CA ASP A 167 -14.22 -46.88 -16.62
C ASP A 167 -13.46 -46.34 -17.82
N SER A 168 -14.02 -45.34 -18.49
CA SER A 168 -13.46 -44.81 -19.72
C SER A 168 -12.81 -43.45 -19.56
N ASN A 169 -12.77 -42.90 -18.35
CA ASN A 169 -12.14 -41.60 -18.11
C ASN A 169 -11.37 -41.51 -16.80
N GLY A 170 -11.59 -42.40 -15.84
CA GLY A 170 -10.85 -42.37 -14.60
C GLY A 170 -11.30 -41.34 -13.59
N GLU A 171 -12.26 -40.49 -13.94
CA GLU A 171 -12.74 -39.46 -13.03
C GLU A 171 -13.83 -40.02 -12.11
N GLN A 172 -13.85 -39.52 -10.88
CA GLN A 172 -14.83 -39.96 -9.91
C GLN A 172 -16.23 -39.50 -10.31
N PRO A 173 -17.26 -40.25 -9.94
CA PRO A 173 -18.63 -39.83 -10.28
C PRO A 173 -19.02 -38.54 -9.58
N LEU A 174 -19.61 -37.63 -10.35
CA LEU A 174 -20.08 -36.36 -9.82
C LEU A 174 -21.48 -36.50 -9.23
N SER A 175 -21.83 -35.59 -8.34
CA SER A 175 -23.13 -35.62 -7.67
C SER A 175 -23.80 -34.25 -7.71
N ALA A 176 -25.12 -34.26 -7.63
CA ALA A 176 -25.90 -33.03 -7.65
C ALA A 176 -27.20 -33.26 -6.90
N MET A 177 -27.77 -32.16 -6.41
CA MET A 177 -29.00 -32.18 -5.63
C MET A 177 -30.19 -31.76 -6.50
N VAL A 178 -31.29 -32.51 -6.38
CA VAL A 178 -32.45 -32.31 -7.24
C VAL A 178 -33.31 -31.17 -6.70
N SER A 179 -33.74 -30.28 -7.59
CA SER A 179 -34.66 -29.21 -7.25
C SER A 179 -36.08 -29.62 -7.65
N MET A 180 -36.32 -29.69 -8.96
CA MET A 180 -37.61 -30.11 -9.50
C MET A 180 -37.39 -31.12 -10.61
N VAL A 181 -38.30 -32.09 -10.69
CA VAL A 181 -38.36 -33.04 -11.79
C VAL A 181 -39.77 -33.04 -12.34
N THR A 182 -39.89 -33.21 -13.65
CA THR A 182 -41.16 -33.06 -14.35
C THR A 182 -41.72 -34.42 -14.74
N LYS A 183 -43.06 -34.45 -14.89
CA LYS A 183 -43.80 -35.64 -15.30
C LYS A 183 -44.12 -35.61 -16.79
N ASP A 184 -43.13 -35.23 -17.61
CA ASP A 184 -43.29 -35.23 -19.06
C ASP A 184 -42.88 -36.59 -19.61
N ASN A 185 -43.05 -36.78 -20.93
CA ASN A 185 -42.55 -38.01 -21.55
C ASN A 185 -41.03 -38.07 -21.48
N PRO A 186 -40.28 -37.01 -21.82
CA PRO A 186 -38.88 -36.96 -21.39
C PRO A 186 -38.75 -36.07 -20.17
N GLY A 187 -38.67 -36.69 -18.99
CA GLY A 187 -38.68 -35.90 -17.77
C GLY A 187 -37.50 -34.95 -17.70
N VAL A 188 -37.74 -33.79 -17.11
CA VAL A 188 -36.73 -32.73 -17.01
C VAL A 188 -36.38 -32.55 -15.54
N VAL A 189 -35.11 -32.78 -15.22
CA VAL A 189 -34.60 -32.65 -13.86
C VAL A 189 -33.84 -31.33 -13.76
N THR A 190 -34.11 -30.56 -12.71
CA THR A 190 -33.44 -29.29 -12.47
C THR A 190 -32.62 -29.40 -11.20
N CYS A 191 -31.33 -29.07 -11.28
CA CYS A 191 -30.47 -29.13 -10.12
C CYS A 191 -30.58 -27.85 -9.29
N LEU A 192 -29.95 -27.88 -8.13
CA LEU A 192 -29.93 -26.70 -7.27
C LEU A 192 -29.10 -25.60 -7.89
N ASP A 193 -29.39 -24.36 -7.52
CA ASP A 193 -28.62 -23.22 -7.96
C ASP A 193 -27.27 -23.19 -7.25
N GLU A 194 -26.33 -22.45 -7.82
CA GLU A 194 -24.97 -22.30 -7.29
C GLU A 194 -24.21 -23.63 -7.22
N ALA A 195 -24.67 -24.64 -7.96
CA ALA A 195 -24.02 -25.96 -7.96
C ALA A 195 -24.32 -26.62 -9.30
N ARG A 196 -23.41 -26.46 -10.25
CA ARG A 196 -23.58 -27.05 -11.57
C ARG A 196 -23.40 -28.57 -11.49
N HIS A 197 -24.16 -29.29 -12.31
CA HIS A 197 -24.11 -30.74 -12.30
C HIS A 197 -22.86 -31.27 -12.98
N GLY A 198 -22.37 -30.60 -14.02
CA GLY A 198 -21.15 -31.03 -14.67
C GLY A 198 -21.26 -32.27 -15.53
N PHE A 199 -22.47 -32.78 -15.73
CA PHE A 199 -22.68 -34.01 -16.50
C PHE A 199 -22.51 -33.77 -17.99
N GLU A 200 -22.44 -34.87 -18.74
CA GLU A 200 -22.29 -34.85 -20.19
C GLU A 200 -23.45 -35.62 -20.82
N SER A 201 -23.80 -35.22 -22.05
CA SER A 201 -24.85 -35.92 -22.78
C SER A 201 -24.41 -37.34 -23.09
N GLY A 202 -25.25 -38.30 -22.71
CA GLY A 202 -24.94 -39.71 -22.87
C GLY A 202 -24.53 -40.39 -21.58
N ASP A 203 -24.31 -39.63 -20.51
CA ASP A 203 -23.98 -40.22 -19.23
C ASP A 203 -25.20 -40.92 -18.63
N PHE A 204 -24.97 -41.68 -17.58
CA PHE A 204 -26.01 -42.42 -16.88
C PHE A 204 -26.04 -41.99 -15.43
N VAL A 205 -27.23 -41.66 -14.92
CA VAL A 205 -27.37 -41.18 -13.56
C VAL A 205 -28.33 -42.10 -12.81
N SER A 206 -28.31 -41.97 -11.49
CA SER A 206 -29.23 -42.69 -10.62
C SER A 206 -29.74 -41.74 -9.54
N PHE A 207 -30.96 -41.97 -9.12
CA PHE A 207 -31.63 -41.08 -8.16
C PHE A 207 -31.72 -41.74 -6.79
N SER A 208 -31.71 -40.90 -5.77
CA SER A 208 -31.79 -41.35 -4.39
C SER A 208 -32.38 -40.24 -3.53
N GLU A 209 -33.05 -40.64 -2.45
CA GLU A 209 -33.66 -39.71 -1.49
C GLU A 209 -34.68 -38.77 -2.14
N VAL A 210 -35.28 -39.20 -3.24
CA VAL A 210 -36.33 -38.42 -3.90
C VAL A 210 -37.67 -38.92 -3.37
N GLN A 211 -38.35 -38.10 -2.57
CA GLN A 211 -39.64 -38.46 -2.01
C GLN A 211 -40.76 -38.00 -2.93
N GLY A 212 -41.72 -38.88 -3.16
CA GLY A 212 -42.82 -38.61 -4.07
C GLY A 212 -42.71 -39.34 -5.40
N MET A 213 -41.56 -39.93 -5.70
CA MET A 213 -41.36 -40.68 -6.93
C MET A 213 -40.50 -41.90 -6.61
N VAL A 214 -41.06 -42.78 -5.77
CA VAL A 214 -40.36 -43.97 -5.29
C VAL A 214 -39.86 -44.81 -6.45
N GLU A 215 -40.56 -44.76 -7.59
CA GLU A 215 -40.14 -45.54 -8.75
C GLU A 215 -38.84 -45.04 -9.33
N LEU A 216 -38.57 -43.73 -9.19
CA LEU A 216 -37.34 -43.16 -9.71
C LEU A 216 -36.14 -43.45 -8.82
N ASN A 217 -36.37 -43.78 -7.55
CA ASN A 217 -35.28 -44.09 -6.63
C ASN A 217 -34.82 -45.54 -6.78
N GLY A 218 -33.54 -45.75 -6.51
CA GLY A 218 -32.94 -47.07 -6.63
C GLY A 218 -33.04 -47.67 -8.01
N ASN A 219 -33.31 -46.87 -9.03
CA ASN A 219 -33.39 -47.39 -10.39
C ASN A 219 -31.99 -47.59 -10.94
N GLN A 220 -31.92 -48.25 -12.08
CA GLN A 220 -30.64 -48.51 -12.75
C GLN A 220 -30.29 -47.35 -13.66
N PRO A 221 -29.06 -47.35 -14.21
CA PRO A 221 -28.64 -46.26 -15.09
C PRO A 221 -29.59 -45.99 -16.24
N MET A 222 -29.88 -44.71 -16.46
CA MET A 222 -30.74 -44.23 -17.53
C MET A 222 -30.02 -43.09 -18.24
N GLU A 223 -30.13 -43.06 -19.57
CA GLU A 223 -29.39 -42.07 -20.35
C GLU A 223 -29.94 -40.67 -20.09
N ILE A 224 -29.05 -39.68 -20.19
CA ILE A 224 -29.40 -38.29 -19.95
C ILE A 224 -28.92 -37.44 -21.11
N LYS A 225 -29.61 -36.31 -21.33
CA LYS A 225 -29.24 -35.33 -22.34
C LYS A 225 -29.10 -33.99 -21.65
N VAL A 226 -27.92 -33.38 -21.76
CA VAL A 226 -27.66 -32.11 -21.07
C VAL A 226 -28.45 -31.00 -21.77
N LEU A 227 -29.41 -30.43 -21.06
CA LEU A 227 -30.20 -29.31 -21.55
C LEU A 227 -29.65 -27.96 -21.12
N GLY A 228 -28.63 -27.94 -20.27
CA GLY A 228 -28.06 -26.71 -19.78
C GLY A 228 -27.15 -26.94 -18.59
N PRO A 229 -26.62 -25.85 -18.01
CA PRO A 229 -25.73 -26.00 -16.86
C PRO A 229 -26.44 -26.46 -15.59
N TYR A 230 -27.78 -26.44 -15.57
CA TYR A 230 -28.53 -26.84 -14.38
C TYR A 230 -29.63 -27.85 -14.64
N THR A 231 -29.90 -28.19 -15.90
CA THR A 231 -30.98 -29.13 -16.22
C THR A 231 -30.49 -30.21 -17.17
N PHE A 232 -31.20 -31.33 -17.16
CA PHE A 232 -30.99 -32.43 -18.09
C PHE A 232 -32.25 -33.28 -18.10
N SER A 233 -32.32 -34.20 -19.05
CA SER A 233 -33.49 -35.05 -19.23
C SER A 233 -33.19 -36.48 -18.79
N ILE A 234 -34.26 -37.24 -18.56
CA ILE A 234 -34.14 -38.63 -18.13
C ILE A 234 -34.97 -39.52 -19.04
N CYS A 235 -35.38 -40.68 -18.53
CA CYS A 235 -36.15 -41.63 -19.31
C CYS A 235 -37.62 -41.23 -19.37
N ASP A 236 -38.51 -42.20 -19.49
CA ASP A 236 -39.93 -41.92 -19.56
C ASP A 236 -40.45 -41.60 -18.15
N THR A 237 -41.21 -40.51 -18.04
CA THR A 237 -41.77 -40.09 -16.76
C THR A 237 -43.28 -39.87 -16.86
N SER A 238 -43.94 -40.48 -17.85
CA SER A 238 -45.37 -40.25 -18.04
C SER A 238 -46.18 -40.92 -16.94
N ASN A 239 -45.97 -42.22 -16.73
CA ASN A 239 -46.72 -43.00 -15.75
C ASN A 239 -45.99 -43.10 -14.42
N PHE A 240 -45.33 -42.04 -13.98
CA PHE A 240 -44.68 -42.00 -12.68
C PHE A 240 -45.49 -41.15 -11.71
N SER A 241 -45.11 -41.24 -10.43
CA SER A 241 -45.84 -40.52 -9.39
C SER A 241 -45.52 -39.02 -9.45
N ASP A 242 -46.14 -38.26 -8.56
CA ASP A 242 -45.98 -36.81 -8.54
C ASP A 242 -44.85 -36.43 -7.60
N TYR A 243 -43.91 -35.63 -8.10
CA TYR A 243 -42.74 -35.24 -7.32
C TYR A 243 -43.12 -34.28 -6.20
N ILE A 244 -42.35 -34.34 -5.11
CA ILE A 244 -42.60 -33.48 -3.95
C ILE A 244 -41.43 -32.52 -3.77
N ARG A 245 -40.38 -32.98 -3.10
CA ARG A 245 -39.22 -32.13 -2.82
C ARG A 245 -38.00 -33.01 -2.60
N GLY A 246 -36.83 -32.37 -2.61
CA GLY A 246 -35.59 -33.03 -2.28
C GLY A 246 -35.10 -34.04 -3.31
N GLY A 247 -33.91 -34.56 -3.11
CA GLY A 247 -33.33 -35.57 -3.97
C GLY A 247 -31.85 -35.31 -4.21
N ILE A 248 -31.16 -36.36 -4.69
CA ILE A 248 -29.75 -36.27 -5.01
C ILE A 248 -29.45 -37.16 -6.22
N VAL A 249 -28.76 -36.61 -7.22
CA VAL A 249 -28.44 -37.33 -8.44
C VAL A 249 -27.02 -37.85 -8.33
N SER A 250 -26.83 -39.12 -8.69
CA SER A 250 -25.53 -39.78 -8.61
C SER A 250 -25.15 -40.25 -10.00
N GLN A 251 -24.02 -39.75 -10.51
CA GLN A 251 -23.54 -40.20 -11.81
C GLN A 251 -23.01 -41.62 -11.71
N VAL A 252 -23.27 -42.42 -12.74
CA VAL A 252 -22.85 -43.81 -12.77
C VAL A 252 -22.24 -44.10 -14.14
N LYS A 253 -21.11 -44.79 -14.15
CA LYS A 253 -20.43 -45.16 -15.39
C LYS A 253 -20.75 -46.62 -15.69
N VAL A 254 -21.32 -46.87 -16.86
CA VAL A 254 -21.72 -48.21 -17.28
C VAL A 254 -20.60 -48.84 -18.10
N PRO A 255 -20.42 -50.15 -18.05
CA PRO A 255 -19.38 -50.79 -18.85
C PRO A 255 -19.76 -50.81 -20.33
N LYS A 256 -18.85 -50.35 -21.17
CA LYS A 256 -19.04 -50.38 -22.61
C LYS A 256 -17.92 -51.18 -23.26
N LYS A 257 -18.18 -51.65 -24.49
CA LYS A 257 -17.27 -52.54 -25.19
C LYS A 257 -16.58 -51.81 -26.33
N ILE A 258 -15.29 -52.10 -26.51
CA ILE A 258 -14.50 -51.59 -27.61
C ILE A 258 -13.89 -52.76 -28.36
N SER A 259 -13.51 -52.51 -29.62
CA SER A 259 -12.93 -53.53 -30.48
C SER A 259 -11.60 -53.05 -31.03
N PHE A 260 -10.62 -53.95 -31.04
CA PHE A 260 -9.30 -53.71 -31.61
C PHE A 260 -9.12 -54.56 -32.85
N LYS A 261 -8.51 -53.98 -33.88
CA LYS A 261 -8.15 -54.74 -35.07
C LYS A 261 -6.85 -55.50 -34.83
N SER A 262 -6.61 -56.52 -35.65
CA SER A 262 -5.38 -57.30 -35.54
C SER A 262 -4.16 -56.43 -35.82
N LEU A 263 -2.99 -56.95 -35.44
CA LEU A 263 -1.75 -56.25 -35.74
C LEU A 263 -1.56 -56.09 -37.24
N VAL A 264 -1.77 -57.18 -37.99
CA VAL A 264 -1.61 -57.14 -39.44
C VAL A 264 -2.71 -56.30 -40.08
N ALA A 265 -3.86 -56.19 -39.42
CA ALA A 265 -4.94 -55.35 -39.93
C ALA A 265 -4.76 -53.89 -39.53
N SER A 266 -4.30 -53.63 -38.30
CA SER A 266 -4.08 -52.25 -37.87
C SER A 266 -2.85 -51.65 -38.56
N LEU A 267 -1.85 -52.47 -38.86
CA LEU A 267 -0.71 -51.98 -39.63
C LEU A 267 -1.15 -51.50 -41.01
N ALA A 268 -2.22 -52.10 -41.56
CA ALA A 268 -2.79 -51.67 -42.83
C ALA A 268 -3.79 -50.53 -42.65
N GLU A 269 -4.61 -50.56 -41.59
CA GLU A 269 -5.60 -49.54 -41.29
C GLU A 269 -5.28 -48.96 -39.93
N PRO A 270 -4.39 -47.96 -39.86
CA PRO A 270 -3.95 -47.45 -38.56
C PRO A 270 -4.89 -46.41 -37.97
N ASP A 271 -5.10 -46.52 -36.66
CA ASP A 271 -5.83 -45.53 -35.86
C ASP A 271 -4.83 -44.86 -34.93
N PHE A 272 -4.67 -43.54 -35.08
CA PHE A 272 -3.62 -42.81 -34.40
C PHE A 272 -4.16 -42.07 -33.18
N VAL A 273 -3.27 -41.84 -32.21
CA VAL A 273 -3.52 -41.01 -31.05
C VAL A 273 -2.43 -39.95 -31.00
N VAL A 274 -2.80 -38.69 -31.17
CA VAL A 274 -1.82 -37.63 -31.33
C VAL A 274 -1.15 -37.34 -29.99
N THR A 275 0.18 -37.22 -30.01
CA THR A 275 0.94 -36.85 -28.83
C THR A 275 1.29 -35.37 -28.79
N ASP A 276 1.55 -34.76 -29.94
CA ASP A 276 1.88 -33.34 -30.05
C ASP A 276 0.96 -32.72 -31.09
N PHE A 277 0.05 -31.85 -30.65
CA PHE A 277 -0.91 -31.27 -31.58
C PHE A 277 -0.29 -30.28 -32.54
N ALA A 278 0.92 -29.79 -32.24
CA ALA A 278 1.67 -29.06 -33.24
C ALA A 278 2.23 -29.99 -34.30
N LYS A 279 2.37 -31.27 -33.98
CA LYS A 279 2.84 -32.28 -34.92
C LYS A 279 1.68 -33.18 -35.30
N PHE A 280 0.65 -32.61 -35.92
CA PHE A 280 -0.57 -33.35 -36.16
C PHE A 280 -0.40 -34.36 -37.29
N SER A 281 0.28 -33.96 -38.36
CA SER A 281 0.47 -34.83 -39.52
C SER A 281 1.70 -35.72 -39.40
N ARG A 282 2.33 -35.80 -38.23
CA ARG A 282 3.52 -36.61 -38.06
C ARG A 282 3.22 -38.09 -37.78
N PRO A 283 2.22 -38.44 -36.96
CA PRO A 283 1.96 -39.87 -36.73
C PRO A 283 1.71 -40.65 -38.00
N ALA A 284 1.14 -40.02 -39.02
CA ALA A 284 0.96 -40.73 -40.29
C ALA A 284 2.29 -40.95 -41.00
N GLN A 285 3.19 -39.95 -40.94
CA GLN A 285 4.48 -40.10 -41.61
C GLN A 285 5.39 -41.06 -40.86
N LEU A 286 5.39 -41.00 -39.52
CA LEU A 286 6.24 -41.89 -38.73
C LEU A 286 5.78 -43.34 -38.83
N HIS A 287 4.52 -43.57 -39.21
CA HIS A 287 4.05 -44.94 -39.39
C HIS A 287 4.76 -45.61 -40.57
N ILE A 288 5.17 -44.82 -41.57
CA ILE A 288 5.92 -45.34 -42.70
C ILE A 288 7.40 -45.50 -42.34
N GLY A 289 7.92 -44.62 -41.48
CA GLY A 289 9.33 -44.68 -41.16
C GLY A 289 9.70 -45.91 -40.35
N PHE A 290 8.86 -46.29 -39.39
CA PHE A 290 9.15 -47.47 -38.57
C PHE A 290 9.01 -48.75 -39.39
N GLN A 291 8.10 -48.79 -40.35
CA GLN A 291 8.02 -49.95 -41.23
C GLN A 291 9.28 -50.05 -42.09
N ALA A 292 9.75 -48.93 -42.62
CA ALA A 292 10.97 -48.94 -43.42
C ALA A 292 12.20 -49.26 -42.57
N LEU A 293 12.16 -48.93 -41.28
CA LEU A 293 13.28 -49.25 -40.40
C LEU A 293 13.39 -50.75 -40.18
N HIS A 294 12.24 -51.45 -40.07
CA HIS A 294 12.27 -52.90 -39.92
C HIS A 294 12.71 -53.58 -41.20
N GLN A 295 12.28 -53.05 -42.36
CA GLN A 295 12.74 -53.56 -43.63
C GLN A 295 14.18 -53.16 -43.92
N PHE A 296 14.69 -52.13 -43.25
CA PHE A 296 16.10 -51.76 -43.40
C PHE A 296 17.00 -52.85 -42.83
N CYS A 297 16.58 -53.44 -41.72
CA CYS A 297 17.31 -54.55 -41.12
C CYS A 297 17.32 -55.79 -42.01
N ALA A 298 16.46 -55.83 -43.04
CA ALA A 298 16.47 -56.93 -43.98
C ALA A 298 17.42 -56.70 -45.15
N GLN A 299 17.68 -55.45 -45.51
CA GLN A 299 18.57 -55.15 -46.61
C GLN A 299 20.04 -55.12 -46.19
N HIS A 300 20.35 -54.39 -45.12
CA HIS A 300 21.71 -54.28 -44.62
C HIS A 300 21.97 -55.08 -43.35
N GLY A 301 20.96 -55.71 -42.78
CA GLY A 301 21.19 -56.54 -41.60
C GLY A 301 21.57 -55.80 -40.34
N ARG A 302 21.40 -54.48 -40.31
CA ARG A 302 21.77 -53.68 -39.16
C ARG A 302 20.90 -52.43 -39.14
N PRO A 303 20.76 -51.78 -37.98
CA PRO A 303 20.13 -50.46 -37.94
C PRO A 303 20.98 -49.45 -38.70
N PRO A 304 20.39 -48.35 -39.17
CA PRO A 304 21.18 -47.39 -39.95
C PRO A 304 22.26 -46.74 -39.10
N ARG A 305 23.33 -46.32 -39.76
CA ARG A 305 24.44 -45.72 -39.07
C ARG A 305 24.07 -44.33 -38.55
N PRO A 306 24.63 -43.91 -37.42
CA PRO A 306 24.32 -42.58 -36.89
C PRO A 306 24.72 -41.49 -37.88
N ARG A 307 23.81 -40.54 -38.07
CA ARG A 307 23.95 -39.46 -39.06
C ARG A 307 24.08 -40.12 -40.43
N ASN A 308 25.13 -39.85 -41.20
CA ASN A 308 25.37 -40.46 -42.51
C ASN A 308 24.35 -40.02 -43.56
N GLU A 309 24.78 -39.95 -44.83
CA GLU A 309 23.94 -39.46 -45.90
C GLU A 309 23.27 -40.57 -46.69
N GLU A 310 24.03 -41.60 -47.08
CA GLU A 310 23.48 -42.64 -47.94
C GLU A 310 22.49 -43.53 -47.19
N ASP A 311 22.81 -43.90 -45.95
CA ASP A 311 21.87 -44.69 -45.16
C ASP A 311 20.56 -43.95 -44.93
N ALA A 312 20.60 -42.62 -44.87
CA ALA A 312 19.36 -41.87 -44.77
C ALA A 312 18.61 -41.89 -46.10
N ALA A 313 19.33 -41.83 -47.22
CA ALA A 313 18.68 -41.90 -48.53
C ALA A 313 18.06 -43.25 -48.79
N GLU A 314 18.55 -44.31 -48.14
CA GLU A 314 17.96 -45.63 -48.33
C GLU A 314 16.57 -45.72 -47.69
N LEU A 315 16.40 -45.10 -46.52
CA LEU A 315 15.08 -45.08 -45.90
C LEU A 315 14.08 -44.29 -46.73
N VAL A 316 14.53 -43.21 -47.36
CA VAL A 316 13.64 -42.42 -48.20
C VAL A 316 13.19 -43.22 -49.41
N ALA A 317 14.10 -44.01 -50.00
CA ALA A 317 13.73 -44.85 -51.12
C ALA A 317 12.81 -46.00 -50.68
N LEU A 318 13.05 -46.54 -49.48
CA LEU A 318 12.20 -47.61 -48.98
C LEU A 318 10.84 -47.09 -48.54
N ALA A 319 10.80 -45.89 -47.94
CA ALA A 319 9.53 -45.34 -47.50
C ALA A 319 8.61 -45.03 -48.68
N GLN A 320 9.17 -44.62 -49.81
CA GLN A 320 8.35 -44.38 -50.99
C GLN A 320 7.73 -45.68 -51.51
N ALA A 321 8.46 -46.80 -51.37
CA ALA A 321 7.93 -48.08 -51.82
C ALA A 321 6.84 -48.59 -50.87
N VAL A 322 7.02 -48.37 -49.57
CA VAL A 322 6.00 -48.78 -48.61
C VAL A 322 4.74 -47.94 -48.78
N ASN A 323 4.90 -46.66 -49.12
CA ASN A 323 3.74 -45.80 -49.31
C ASN A 323 2.94 -46.22 -50.54
N ALA A 324 3.62 -46.72 -51.58
CA ALA A 324 2.92 -47.15 -52.79
C ALA A 324 2.20 -48.48 -52.60
N ARG A 325 2.76 -49.37 -51.77
CA ARG A 325 2.19 -50.69 -51.54
C ARG A 325 1.12 -50.69 -50.46
N ALA A 326 0.83 -49.55 -49.85
CA ALA A 326 -0.25 -49.45 -48.88
C ALA A 326 -1.59 -49.26 -49.60
N LEU A 327 -2.67 -49.30 -48.83
CA LEU A 327 -3.99 -49.14 -49.40
C LEU A 327 -4.19 -47.71 -49.89
N PRO A 328 -5.12 -47.49 -50.82
CA PRO A 328 -5.34 -46.13 -51.35
C PRO A 328 -5.97 -45.16 -50.37
N ALA A 329 -6.29 -45.59 -49.14
CA ALA A 329 -6.71 -44.65 -48.12
C ALA A 329 -5.60 -44.31 -47.13
N VAL A 330 -4.60 -45.19 -46.99
CA VAL A 330 -3.47 -44.95 -46.12
C VAL A 330 -2.30 -44.32 -46.87
N GLN A 331 -2.23 -44.50 -48.18
CA GLN A 331 -1.15 -43.93 -48.98
C GLN A 331 -1.19 -42.41 -48.88
N GLN A 332 -0.05 -41.82 -48.52
CA GLN A 332 0.06 -40.39 -48.36
C GLN A 332 0.49 -39.74 -49.68
N ASN A 333 -0.19 -38.66 -50.06
CA ASN A 333 0.16 -38.00 -51.30
C ASN A 333 1.49 -37.25 -51.19
N ASN A 334 1.83 -36.79 -49.99
CA ASN A 334 3.08 -36.07 -49.74
C ASN A 334 3.91 -36.85 -48.74
N LEU A 335 5.20 -37.01 -49.05
CA LEU A 335 6.15 -37.67 -48.17
C LEU A 335 7.12 -36.65 -47.60
N ASP A 336 7.34 -36.70 -46.29
CA ASP A 336 8.28 -35.79 -45.62
C ASP A 336 9.67 -36.42 -45.71
N GLU A 337 10.47 -35.95 -46.66
CA GLU A 337 11.81 -36.52 -46.84
C GLU A 337 12.69 -36.23 -45.63
N ASP A 338 12.64 -34.99 -45.12
CA ASP A 338 13.53 -34.63 -44.02
C ASP A 338 13.19 -35.37 -42.73
N LEU A 339 11.91 -35.67 -42.51
CA LEU A 339 11.53 -36.33 -41.26
C LEU A 339 12.05 -37.76 -41.22
N ILE A 340 12.07 -38.43 -42.36
CA ILE A 340 12.60 -39.80 -42.40
C ILE A 340 14.11 -39.80 -42.36
N ARG A 341 14.76 -38.76 -42.91
CA ARG A 341 16.21 -38.68 -42.81
C ARG A 341 16.65 -38.37 -41.38
N LYS A 342 15.85 -37.59 -40.64
CA LYS A 342 16.14 -37.40 -39.22
C LYS A 342 15.93 -38.69 -38.45
N LEU A 343 15.04 -39.56 -38.92
CA LEU A 343 14.84 -40.85 -38.28
C LEU A 343 16.03 -41.78 -38.50
N ALA A 344 16.65 -41.71 -39.67
CA ALA A 344 17.80 -42.57 -39.94
C ALA A 344 19.02 -42.16 -39.13
N TYR A 345 19.11 -40.89 -38.74
CA TYR A 345 20.27 -40.41 -37.99
C TYR A 345 20.24 -40.94 -36.56
N VAL A 346 19.09 -40.85 -35.90
CA VAL A 346 18.95 -41.25 -34.52
C VAL A 346 18.40 -42.68 -34.41
N ALA A 347 18.44 -43.44 -35.50
CA ALA A 347 17.86 -44.78 -35.48
C ALA A 347 18.66 -45.71 -34.57
N ALA A 348 19.99 -45.64 -34.64
CA ALA A 348 20.84 -46.49 -33.82
C ALA A 348 21.06 -45.96 -32.41
N GLY A 349 20.18 -45.08 -31.94
CA GLY A 349 20.30 -44.49 -30.62
C GLY A 349 19.32 -45.10 -29.64
N ASP A 350 19.71 -45.10 -28.36
CA ASP A 350 18.87 -45.64 -27.28
C ASP A 350 19.00 -44.69 -26.10
N LEU A 351 18.02 -43.80 -25.94
CA LEU A 351 18.05 -42.75 -24.93
C LEU A 351 17.20 -43.14 -23.74
N ALA A 352 17.70 -42.86 -22.54
CA ALA A 352 17.02 -43.18 -21.30
C ALA A 352 15.71 -42.40 -21.13
N PRO A 353 15.65 -41.10 -21.44
CA PRO A 353 14.36 -40.40 -21.27
C PRO A 353 13.24 -40.95 -22.15
N ILE A 354 13.50 -41.12 -23.45
CA ILE A 354 12.48 -41.68 -24.34
C ILE A 354 12.06 -43.05 -23.87
N ASN A 355 13.02 -43.86 -23.41
CA ASN A 355 12.69 -45.18 -22.88
C ASN A 355 11.87 -45.08 -21.61
N ALA A 356 12.18 -44.10 -20.75
CA ALA A 356 11.41 -43.94 -19.52
C ALA A 356 10.00 -43.42 -19.80
N PHE A 357 9.84 -42.61 -20.84
CA PHE A 357 8.53 -42.05 -21.16
C PHE A 357 7.61 -43.11 -21.74
N ILE A 358 8.00 -43.70 -22.87
CA ILE A 358 7.17 -44.72 -23.49
C ILE A 358 7.10 -45.96 -22.61
N GLY A 359 8.18 -46.28 -21.91
CA GLY A 359 8.13 -47.38 -20.96
C GLY A 359 7.11 -47.14 -19.85
N GLY A 360 6.90 -45.88 -19.48
CA GLY A 360 5.85 -45.58 -18.53
C GLY A 360 4.47 -45.72 -19.15
N LEU A 361 4.33 -45.32 -20.42
CA LEU A 361 3.05 -45.46 -21.10
C LEU A 361 2.75 -46.93 -21.41
N ALA A 362 3.73 -47.64 -21.98
CA ALA A 362 3.52 -49.04 -22.33
C ALA A 362 3.19 -49.86 -21.09
N ALA A 363 3.82 -49.54 -19.95
CA ALA A 363 3.48 -50.22 -18.71
C ALA A 363 2.06 -49.91 -18.29
N GLN A 364 1.61 -48.67 -18.51
CA GLN A 364 0.24 -48.30 -18.17
C GLN A 364 -0.78 -49.01 -19.06
N GLU A 365 -0.44 -49.21 -20.34
CA GLU A 365 -1.35 -49.95 -21.21
C GLU A 365 -1.50 -51.39 -20.74
N VAL A 366 -0.42 -51.98 -20.21
CA VAL A 366 -0.51 -53.32 -19.65
C VAL A 366 -1.43 -53.33 -18.44
N MET A 367 -1.46 -52.23 -17.68
CA MET A 367 -2.38 -52.16 -16.55
C MET A 367 -3.82 -52.10 -17.03
N LYS A 368 -4.08 -51.40 -18.12
CA LYS A 368 -5.43 -51.32 -18.66
C LYS A 368 -5.88 -52.65 -19.25
N ALA A 369 -4.93 -53.44 -19.77
CA ALA A 369 -5.29 -54.67 -20.45
C ALA A 369 -5.95 -55.66 -19.50
N CYS A 370 -5.30 -55.96 -18.38
CA CYS A 370 -5.81 -56.94 -17.44
C CYS A 370 -6.67 -56.34 -16.35
N SER A 371 -7.18 -55.12 -16.55
CA SER A 371 -8.08 -54.51 -15.57
C SER A 371 -9.29 -53.81 -16.18
N GLY A 372 -9.22 -53.36 -17.43
CA GLY A 372 -10.34 -52.63 -18.02
C GLY A 372 -10.72 -51.36 -17.30
N LYS A 373 -9.75 -50.68 -16.69
CA LYS A 373 -10.01 -49.52 -15.85
C LYS A 373 -9.85 -48.20 -16.57
N PHE A 374 -9.10 -48.15 -17.67
CA PHE A 374 -8.89 -46.90 -18.38
C PHE A 374 -9.05 -47.12 -19.88
N MET A 375 -9.27 -46.03 -20.59
CA MET A 375 -9.40 -46.09 -22.05
C MET A 375 -8.04 -46.32 -22.68
N PRO A 376 -7.84 -47.43 -23.39
CA PRO A 376 -6.52 -47.71 -23.97
C PRO A 376 -6.26 -46.89 -25.22
N ILE A 377 -5.00 -46.96 -25.67
CA ILE A 377 -4.60 -46.29 -26.90
C ILE A 377 -5.14 -47.07 -28.09
N MET A 378 -5.88 -46.39 -28.96
CA MET A 378 -6.46 -47.04 -30.12
C MET A 378 -6.06 -46.35 -31.42
N GLN A 379 -5.06 -46.89 -32.10
CA GLN A 379 -4.32 -48.05 -31.63
C GLN A 379 -2.83 -47.79 -31.66
N TRP A 380 -2.42 -46.78 -32.41
CA TRP A 380 -1.01 -46.43 -32.58
C TRP A 380 -0.70 -45.11 -31.88
N LEU A 381 0.48 -45.03 -31.28
CA LEU A 381 0.93 -43.83 -30.58
C LEU A 381 2.37 -43.58 -31.00
N TYR A 382 2.60 -42.49 -31.73
CA TYR A 382 3.93 -42.13 -32.18
C TYR A 382 4.36 -40.82 -31.52
N PHE A 383 5.60 -40.80 -31.05
CA PHE A 383 6.15 -39.66 -30.32
C PHE A 383 7.60 -39.44 -30.74
N ASP A 384 8.00 -38.17 -30.78
CA ASP A 384 9.36 -37.81 -31.16
C ASP A 384 9.81 -36.59 -30.39
N ALA A 385 11.05 -36.62 -29.91
CA ALA A 385 11.64 -35.46 -29.24
C ALA A 385 12.74 -34.88 -30.11
N LEU A 386 12.40 -34.56 -31.37
CA LEU A 386 13.38 -34.07 -32.33
C LEU A 386 13.92 -32.69 -31.99
N GLU A 387 13.30 -31.98 -31.04
CA GLU A 387 13.77 -30.66 -30.64
C GLU A 387 14.97 -30.70 -29.71
N CYS A 388 15.34 -31.88 -29.20
CA CYS A 388 16.50 -31.99 -28.32
C CYS A 388 17.81 -31.83 -29.07
N LEU A 389 17.80 -31.95 -30.39
CA LEU A 389 19.01 -31.80 -31.17
C LEU A 389 19.47 -30.34 -31.14
N PRO A 390 20.77 -30.10 -31.27
CA PRO A 390 21.27 -28.71 -31.28
C PRO A 390 20.62 -27.89 -32.38
N GLU A 391 20.34 -26.63 -32.07
CA GLU A 391 19.62 -25.72 -32.96
C GLU A 391 20.51 -25.38 -34.15
N ASP A 392 20.22 -25.98 -35.31
CA ASP A 392 20.88 -25.70 -36.57
C ASP A 392 22.38 -25.96 -36.54
N LYS A 393 22.90 -26.51 -35.44
CA LYS A 393 24.34 -26.71 -35.32
C LYS A 393 24.80 -27.85 -36.20
N GLU A 394 25.91 -27.62 -36.90
CA GLU A 394 26.44 -28.54 -37.91
C GLU A 394 27.58 -29.33 -37.29
N VAL A 395 27.27 -30.50 -36.76
CA VAL A 395 28.24 -31.36 -36.10
C VAL A 395 28.38 -32.65 -36.91
N LEU A 396 29.62 -33.13 -37.02
CA LEU A 396 29.97 -34.27 -37.84
C LEU A 396 30.02 -35.54 -36.98
N THR A 397 29.68 -36.66 -37.61
CA THR A 397 29.59 -37.94 -36.93
C THR A 397 30.91 -38.69 -36.85
N GLU A 398 31.96 -38.23 -37.54
CA GLU A 398 33.17 -39.04 -37.62
C GLU A 398 33.94 -39.06 -36.32
N ASP A 399 33.86 -37.99 -35.52
CA ASP A 399 34.53 -37.95 -34.24
C ASP A 399 33.60 -38.25 -33.06
N LYS A 400 32.33 -37.86 -33.16
CA LYS A 400 31.45 -37.90 -32.01
C LYS A 400 30.53 -39.12 -32.03
N CYS A 401 29.61 -39.16 -32.99
CA CYS A 401 28.56 -40.18 -32.99
C CYS A 401 29.11 -41.59 -33.16
N LEU A 402 30.35 -41.75 -33.61
CA LEU A 402 30.93 -43.07 -33.70
C LEU A 402 31.05 -43.70 -32.32
N GLN A 403 30.69 -44.97 -32.22
CA GLN A 403 30.75 -45.68 -30.95
C GLN A 403 32.20 -45.83 -30.50
N ARG A 404 32.43 -45.65 -29.20
CA ARG A 404 33.76 -45.72 -28.62
C ARG A 404 33.93 -46.94 -27.72
N GLN A 405 33.04 -47.92 -27.83
CA GLN A 405 32.96 -49.03 -26.87
C GLN A 405 32.85 -48.49 -25.44
N ASN A 406 32.07 -47.42 -25.29
CA ASN A 406 31.82 -46.78 -24.02
C ASN A 406 30.37 -47.04 -23.60
N ARG A 407 30.09 -46.87 -22.31
CA ARG A 407 28.74 -47.12 -21.82
C ARG A 407 27.72 -46.12 -22.35
N TYR A 408 28.17 -44.99 -22.91
CA TYR A 408 27.29 -43.97 -23.44
C TYR A 408 27.14 -44.05 -24.96
N ASP A 409 27.38 -45.22 -25.55
CA ASP A 409 27.29 -45.34 -27.01
C ASP A 409 25.85 -45.13 -27.49
N GLY A 410 24.87 -45.60 -26.72
CA GLY A 410 23.49 -45.41 -27.12
C GLY A 410 23.03 -43.96 -27.05
N GLN A 411 23.75 -43.11 -26.34
CA GLN A 411 23.40 -41.70 -26.20
C GLN A 411 24.29 -40.78 -27.00
N VAL A 412 25.59 -41.11 -27.11
CA VAL A 412 26.50 -40.29 -27.91
C VAL A 412 26.17 -40.40 -29.39
N ALA A 413 25.60 -41.53 -29.82
CA ALA A 413 25.24 -41.71 -31.22
C ALA A 413 24.15 -40.76 -31.69
N VAL A 414 23.43 -40.13 -30.76
CA VAL A 414 22.37 -39.19 -31.10
C VAL A 414 22.83 -37.75 -30.95
N PHE A 415 23.60 -37.46 -29.90
CA PHE A 415 24.03 -36.09 -29.60
C PHE A 415 25.49 -35.86 -29.93
N GLY A 416 26.40 -36.63 -29.32
CA GLY A 416 27.81 -36.46 -29.61
C GLY A 416 28.69 -36.53 -28.38
N SER A 417 30.01 -36.63 -28.58
CA SER A 417 30.92 -36.71 -27.44
C SER A 417 31.06 -35.35 -26.75
N ASP A 418 31.02 -34.25 -27.51
CA ASP A 418 31.10 -32.94 -26.89
C ASP A 418 29.89 -32.66 -26.01
N LEU A 419 28.70 -33.02 -26.50
CA LEU A 419 27.51 -32.86 -25.68
C LEU A 419 27.48 -33.85 -24.52
N GLN A 420 28.29 -34.91 -24.59
CA GLN A 420 28.44 -35.83 -23.47
C GLN A 420 29.42 -35.29 -22.44
N GLU A 421 30.45 -34.57 -22.89
CA GLU A 421 31.41 -33.97 -21.96
C GLU A 421 30.79 -32.84 -21.17
N LYS A 422 29.82 -32.13 -21.75
CA LYS A 422 29.11 -31.10 -20.99
C LYS A 422 28.35 -31.71 -19.83
N LEU A 423 27.71 -32.87 -20.05
CA LEU A 423 26.91 -33.50 -19.00
C LEU A 423 27.80 -33.90 -17.83
N GLY A 424 29.01 -34.38 -18.10
CA GLY A 424 29.91 -34.77 -17.03
C GLY A 424 30.33 -33.62 -16.14
N LYS A 425 30.22 -32.39 -16.63
CA LYS A 425 30.62 -31.20 -15.89
C LYS A 425 29.43 -30.39 -15.41
N GLN A 426 28.27 -31.02 -15.30
CA GLN A 426 27.07 -30.34 -14.83
C GLN A 426 26.91 -30.50 -13.32
N LYS A 427 26.44 -29.45 -12.66
CA LYS A 427 26.14 -29.46 -11.23
C LYS A 427 24.66 -29.09 -11.08
N TYR A 428 23.86 -30.04 -10.63
CA TYR A 428 22.42 -29.83 -10.50
C TYR A 428 21.97 -30.09 -9.07
N PHE A 429 20.92 -29.39 -8.68
CA PHE A 429 20.36 -29.45 -7.32
C PHE A 429 19.00 -30.12 -7.41
N LEU A 430 18.87 -31.30 -6.80
CA LEU A 430 17.63 -32.07 -6.81
C LEU A 430 16.91 -31.85 -5.50
N VAL A 431 15.71 -31.28 -5.56
CA VAL A 431 14.95 -30.92 -4.38
C VAL A 431 13.87 -31.99 -4.18
N GLY A 432 14.23 -33.05 -3.48
CA GLY A 432 13.30 -34.12 -3.17
C GLY A 432 13.76 -35.48 -3.66
N ALA A 433 13.50 -36.51 -2.86
CA ALA A 433 13.85 -37.88 -3.20
C ALA A 433 12.63 -38.79 -3.13
N GLY A 434 11.50 -38.30 -3.63
CA GLY A 434 10.29 -39.09 -3.65
C GLY A 434 10.15 -39.89 -4.92
N ALA A 435 8.92 -40.00 -5.42
CA ALA A 435 8.71 -40.74 -6.68
C ALA A 435 9.44 -40.06 -7.83
N ILE A 436 9.23 -38.76 -8.00
CA ILE A 436 9.93 -38.05 -9.07
C ILE A 436 11.41 -37.96 -8.77
N GLY A 437 11.79 -37.89 -7.50
CA GLY A 437 13.20 -37.81 -7.17
C GLY A 437 13.98 -39.06 -7.56
N CYS A 438 13.37 -40.23 -7.32
CA CYS A 438 14.06 -41.48 -7.66
C CYS A 438 14.20 -41.65 -9.17
N GLU A 439 13.15 -41.30 -9.92
CA GLU A 439 13.24 -41.42 -11.37
C GLU A 439 14.27 -40.46 -11.96
N LEU A 440 14.42 -39.28 -11.36
CA LEU A 440 15.41 -38.33 -11.86
C LEU A 440 16.83 -38.80 -11.58
N LEU A 441 17.08 -39.33 -10.38
CA LEU A 441 18.40 -39.87 -10.08
C LEU A 441 18.73 -41.04 -10.99
N LYS A 442 17.75 -41.86 -11.33
CA LYS A 442 17.99 -42.98 -12.24
C LYS A 442 18.34 -42.46 -13.63
N ASN A 443 17.58 -41.49 -14.13
CA ASN A 443 17.89 -40.92 -15.45
C ASN A 443 19.19 -40.13 -15.42
N PHE A 444 19.51 -39.49 -14.30
CA PHE A 444 20.80 -38.81 -14.19
C PHE A 444 21.95 -39.79 -14.40
N ALA A 445 21.86 -40.98 -13.80
CA ALA A 445 22.91 -41.97 -13.94
C ALA A 445 23.02 -42.46 -15.38
N MET A 446 21.88 -42.65 -16.04
CA MET A 446 21.90 -43.15 -17.41
C MET A 446 22.32 -42.08 -18.40
N ILE A 447 21.89 -40.83 -18.18
CA ILE A 447 22.25 -39.75 -19.08
C ILE A 447 23.74 -39.46 -19.00
N GLY A 448 24.27 -39.34 -17.79
CA GLY A 448 25.67 -39.06 -17.58
C GLY A 448 25.95 -37.70 -17.01
N LEU A 449 24.93 -36.97 -16.58
CA LEU A 449 25.12 -35.65 -16.00
C LEU A 449 25.67 -35.79 -14.58
N GLY A 450 26.68 -34.99 -14.26
CA GLY A 450 27.33 -35.05 -12.97
C GLY A 450 28.24 -36.24 -12.76
N CYS A 451 28.60 -36.94 -13.83
CA CYS A 451 29.40 -38.15 -13.74
C CYS A 451 30.87 -37.91 -14.10
N GLY A 452 31.28 -36.65 -14.25
CA GLY A 452 32.64 -36.32 -14.61
C GLY A 452 33.46 -35.88 -13.40
N GLU A 453 34.61 -35.26 -13.71
CA GLU A 453 35.48 -34.75 -12.65
C GLU A 453 34.90 -33.49 -12.02
N GLY A 454 34.29 -32.63 -12.84
CA GLY A 454 33.75 -31.38 -12.35
C GLY A 454 32.23 -31.35 -12.32
N GLY A 455 31.61 -32.46 -11.90
CA GLY A 455 30.18 -32.54 -11.82
C GLY A 455 29.74 -33.05 -10.47
N GLU A 456 28.50 -32.71 -10.11
CA GLU A 456 27.97 -33.06 -8.81
C GLU A 456 26.45 -33.00 -8.86
N ILE A 457 25.81 -33.92 -8.14
CA ILE A 457 24.36 -33.93 -8.00
C ILE A 457 24.04 -33.84 -6.51
N ILE A 458 23.30 -32.80 -6.13
CA ILE A 458 22.95 -32.54 -4.75
C ILE A 458 21.51 -32.98 -4.55
N VAL A 459 21.31 -33.98 -3.69
CA VAL A 459 19.98 -34.50 -3.37
C VAL A 459 19.70 -34.19 -1.91
N THR A 460 18.58 -33.51 -1.65
CA THR A 460 18.18 -33.17 -0.29
C THR A 460 16.75 -33.62 -0.06
N ASP A 461 16.49 -34.17 1.13
CA ASP A 461 15.15 -34.61 1.49
C ASP A 461 15.08 -34.95 2.97
N MET A 462 14.04 -34.46 3.65
CA MET A 462 13.91 -34.64 5.09
C MET A 462 13.14 -35.90 5.47
N ASP A 463 12.38 -36.49 4.53
CA ASP A 463 11.50 -37.61 4.85
C ASP A 463 12.28 -38.93 4.91
N THR A 464 11.78 -39.85 5.72
CA THR A 464 12.29 -41.20 5.81
C THR A 464 11.44 -42.15 4.95
N ILE A 465 12.00 -43.32 4.67
CA ILE A 465 11.35 -44.28 3.79
C ILE A 465 10.23 -44.99 4.54
N GLU A 466 9.01 -44.87 4.03
CA GLU A 466 7.84 -45.53 4.56
C GLU A 466 7.44 -46.69 3.66
N LYS A 467 6.59 -47.58 4.18
CA LYS A 467 6.20 -48.76 3.41
C LYS A 467 5.44 -48.37 2.15
N SER A 468 4.65 -47.30 2.20
CA SER A 468 3.87 -46.88 1.05
C SER A 468 4.74 -46.34 -0.08
N ASN A 469 5.96 -45.91 0.21
CA ASN A 469 6.83 -45.36 -0.82
C ASN A 469 7.37 -46.43 -1.76
N LEU A 470 7.37 -47.70 -1.32
CA LEU A 470 7.98 -48.78 -2.11
C LEU A 470 7.18 -49.12 -3.37
N ASN A 471 5.95 -48.60 -3.51
CA ASN A 471 5.13 -48.93 -4.67
C ASN A 471 5.56 -48.19 -5.92
N ARG A 472 6.17 -47.01 -5.77
CA ARG A 472 6.60 -46.23 -6.92
C ARG A 472 8.06 -45.78 -6.85
N GLN A 473 8.66 -45.70 -5.67
CA GLN A 473 10.04 -45.25 -5.52
C GLN A 473 10.92 -46.49 -5.50
N PHE A 474 11.31 -46.93 -6.70
CA PHE A 474 11.98 -48.22 -6.87
C PHE A 474 13.41 -48.24 -6.35
N LEU A 475 14.00 -47.08 -6.06
CA LEU A 475 15.34 -47.08 -5.49
C LEU A 475 15.35 -47.52 -4.03
N PHE A 476 14.19 -47.83 -3.44
CA PHE A 476 14.10 -48.21 -2.04
C PHE A 476 13.56 -49.62 -1.92
N ARG A 477 13.96 -50.30 -0.85
CA ARG A 477 13.59 -51.68 -0.59
C ARG A 477 12.97 -51.79 0.79
N PRO A 478 12.17 -52.82 1.04
CA PRO A 478 11.47 -52.92 2.34
C PRO A 478 12.39 -53.02 3.54
N TRP A 479 13.68 -53.25 3.33
CA TRP A 479 14.65 -53.20 4.43
C TRP A 479 15.31 -51.84 4.56
N ASP A 480 15.02 -50.91 3.65
CA ASP A 480 15.50 -49.54 3.75
C ASP A 480 14.54 -48.65 4.53
N VAL A 481 13.55 -49.24 5.20
CA VAL A 481 12.64 -48.46 6.02
C VAL A 481 13.41 -47.84 7.18
N THR A 482 12.93 -46.67 7.63
CA THR A 482 13.54 -45.87 8.70
C THR A 482 14.90 -45.29 8.30
N LYS A 483 15.19 -45.21 7.02
CA LYS A 483 16.40 -44.60 6.51
C LYS A 483 16.05 -43.33 5.74
N LEU A 484 17.03 -42.45 5.59
CA LEU A 484 16.84 -41.24 4.82
C LEU A 484 16.72 -41.58 3.35
N LYS A 485 15.78 -40.91 2.67
CA LYS A 485 15.58 -41.16 1.25
C LYS A 485 16.80 -40.75 0.44
N SER A 486 17.38 -39.60 0.77
CA SER A 486 18.49 -39.07 -0.03
C SER A 486 19.72 -39.97 0.09
N ASP A 487 20.08 -40.38 1.30
CA ASP A 487 21.26 -41.23 1.49
C ASP A 487 21.07 -42.58 0.81
N THR A 488 19.88 -43.16 0.92
CA THR A 488 19.63 -44.46 0.32
C THR A 488 19.56 -44.38 -1.20
N ALA A 489 18.92 -43.32 -1.73
CA ALA A 489 18.79 -43.20 -3.17
C ALA A 489 20.13 -42.96 -3.84
N ALA A 490 21.08 -42.33 -3.14
CA ALA A 490 22.41 -42.13 -3.71
C ALA A 490 23.17 -43.45 -3.81
N ALA A 491 23.04 -44.30 -2.79
CA ALA A 491 23.73 -45.59 -2.82
C ALA A 491 23.21 -46.47 -3.94
N ALA A 492 21.92 -46.36 -4.27
CA ALA A 492 21.37 -47.15 -5.35
C ALA A 492 21.84 -46.66 -6.72
N VAL A 493 22.05 -45.36 -6.86
CA VAL A 493 22.49 -44.81 -8.13
C VAL A 493 24.00 -45.03 -8.35
N ARG A 494 24.79 -44.99 -7.28
CA ARG A 494 26.22 -45.23 -7.42
C ARG A 494 26.52 -46.63 -7.94
N GLN A 495 25.56 -47.56 -7.82
CA GLN A 495 25.72 -48.89 -8.39
C GLN A 495 25.31 -48.96 -9.84
N MET A 496 24.34 -48.14 -10.26
CA MET A 496 23.95 -48.11 -11.66
C MET A 496 24.99 -47.38 -12.51
N ASN A 497 25.70 -46.43 -11.91
CA ASN A 497 26.77 -45.71 -12.58
C ASN A 497 27.82 -45.33 -11.54
N PRO A 498 28.98 -45.98 -11.53
CA PRO A 498 30.02 -45.60 -10.57
C PRO A 498 30.64 -44.24 -10.83
N HIS A 499 30.55 -43.74 -12.07
CA HIS A 499 31.17 -42.46 -12.42
C HIS A 499 30.41 -41.27 -11.82
N ILE A 500 29.15 -41.46 -11.42
CA ILE A 500 28.35 -40.34 -10.94
C ILE A 500 28.85 -39.90 -9.57
N ARG A 501 28.64 -38.63 -9.26
CA ARG A 501 29.03 -38.05 -7.97
C ARG A 501 27.80 -37.39 -7.37
N VAL A 502 27.22 -38.03 -6.34
CA VAL A 502 25.99 -37.59 -5.72
C VAL A 502 26.26 -37.28 -4.26
N THR A 503 25.85 -36.09 -3.83
CA THR A 503 25.91 -35.70 -2.43
C THR A 503 24.50 -35.64 -1.88
N SER A 504 24.28 -36.29 -0.74
CA SER A 504 22.94 -36.44 -0.17
C SER A 504 22.84 -35.63 1.12
N HIS A 505 22.00 -34.60 1.10
CA HIS A 505 21.68 -33.84 2.29
C HIS A 505 20.32 -34.28 2.83
N GLN A 506 20.06 -33.89 4.07
CA GLN A 506 18.79 -34.16 4.74
C GLN A 506 18.15 -32.85 5.21
N ASN A 507 18.29 -31.79 4.40
CA ASN A 507 17.80 -30.46 4.75
C ASN A 507 16.48 -30.18 4.06
N ARG A 508 15.50 -29.73 4.83
CA ARG A 508 14.21 -29.29 4.30
C ARG A 508 14.39 -27.92 3.65
N VAL A 509 14.23 -27.86 2.33
CA VAL A 509 14.46 -26.62 1.59
C VAL A 509 13.38 -25.60 1.95
N GLY A 510 13.80 -24.44 2.46
CA GLY A 510 12.88 -23.39 2.83
C GLY A 510 13.63 -22.16 3.30
N PRO A 511 12.90 -21.23 3.92
CA PRO A 511 13.57 -20.00 4.42
C PRO A 511 14.46 -20.24 5.63
N ASP A 512 14.31 -21.36 6.33
CA ASP A 512 15.15 -21.62 7.50
C ASP A 512 16.53 -22.14 7.11
N THR A 513 16.63 -22.84 5.97
CA THR A 513 17.88 -23.41 5.51
C THR A 513 18.60 -22.52 4.51
N GLU A 514 18.36 -21.20 4.56
CA GLU A 514 19.08 -20.28 3.68
C GLU A 514 20.57 -20.24 3.99
N ARG A 515 20.97 -20.59 5.22
CA ARG A 515 22.38 -20.59 5.58
C ARG A 515 23.14 -21.69 4.86
N ILE A 516 22.57 -22.88 4.78
CA ILE A 516 23.23 -23.99 4.10
C ILE A 516 23.28 -23.75 2.61
N TYR A 517 22.16 -23.35 2.01
CA TYR A 517 22.08 -23.05 0.58
C TYR A 517 22.13 -21.55 0.38
N ASP A 518 23.33 -21.00 0.64
CA ASP A 518 23.54 -19.56 0.61
C ASP A 518 23.82 -19.11 -0.83
N ASP A 519 24.32 -17.88 -0.97
CA ASP A 519 24.60 -17.34 -2.30
C ASP A 519 25.65 -18.17 -3.02
N ASP A 520 26.70 -18.58 -2.31
CA ASP A 520 27.77 -19.36 -2.91
C ASP A 520 27.28 -20.73 -3.39
N PHE A 521 26.17 -21.23 -2.85
CA PHE A 521 25.68 -22.52 -3.28
C PHE A 521 25.09 -22.46 -4.67
N PHE A 522 24.27 -21.44 -4.94
CA PHE A 522 23.62 -21.34 -6.24
C PHE A 522 24.53 -20.82 -7.34
N GLN A 523 25.72 -20.31 -6.99
CA GLN A 523 26.62 -19.78 -8.01
C GLN A 523 27.11 -20.87 -8.94
N ASN A 524 27.80 -21.87 -8.40
CA ASN A 524 28.37 -22.94 -9.22
C ASN A 524 27.32 -23.88 -9.77
N LEU A 525 26.04 -23.73 -9.40
CA LEU A 525 24.98 -24.56 -9.95
C LEU A 525 24.73 -24.20 -11.41
N ASP A 526 24.28 -25.20 -12.18
CA ASP A 526 23.89 -24.99 -13.56
C ASP A 526 22.40 -25.12 -13.77
N GLY A 527 21.68 -25.64 -12.79
CA GLY A 527 20.26 -25.80 -12.94
C GLY A 527 19.74 -26.54 -11.72
N VAL A 528 18.43 -26.46 -11.57
CA VAL A 528 17.73 -27.09 -10.46
C VAL A 528 16.61 -27.93 -11.02
N ALA A 529 16.40 -29.12 -10.44
CA ALA A 529 15.31 -30.02 -10.80
C ALA A 529 14.45 -30.26 -9.58
N ASN A 530 13.17 -29.89 -9.66
CA ASN A 530 12.24 -30.05 -8.56
C ASN A 530 11.56 -31.42 -8.59
N ALA A 531 11.25 -31.92 -7.41
CA ALA A 531 10.56 -33.19 -7.23
C ALA A 531 9.79 -33.11 -5.93
N LEU A 532 8.91 -32.12 -5.82
CA LEU A 532 8.22 -31.79 -4.59
C LEU A 532 6.75 -32.22 -4.65
N ASP A 533 6.14 -32.33 -3.48
CA ASP A 533 4.76 -32.77 -3.35
C ASP A 533 3.83 -31.69 -2.81
N ASN A 534 4.28 -30.44 -2.77
CA ASN A 534 3.45 -29.34 -2.29
C ASN A 534 3.74 -28.11 -3.14
N VAL A 535 2.88 -27.11 -3.01
CA VAL A 535 2.98 -25.93 -3.84
C VAL A 535 3.84 -24.84 -3.18
N ASP A 536 3.95 -24.83 -1.85
CA ASP A 536 4.75 -23.82 -1.18
C ASP A 536 6.23 -23.99 -1.50
N ALA A 537 6.74 -25.23 -1.48
CA ALA A 537 8.14 -25.45 -1.81
C ALA A 537 8.41 -25.18 -3.28
N ARG A 538 7.41 -25.39 -4.15
CA ARG A 538 7.58 -25.07 -5.57
C ARG A 538 7.72 -23.57 -5.78
N MET A 539 6.87 -22.79 -5.11
CA MET A 539 6.97 -21.34 -5.23
C MET A 539 8.28 -20.82 -4.64
N TYR A 540 8.75 -21.43 -3.55
CA TYR A 540 10.00 -21.01 -2.93
C TYR A 540 11.19 -21.27 -3.85
N MET A 541 11.25 -22.47 -4.44
CA MET A 541 12.33 -22.77 -5.37
C MET A 541 12.23 -21.93 -6.64
N ASP A 542 11.04 -21.45 -6.98
CA ASP A 542 10.89 -20.63 -8.18
C ASP A 542 11.48 -19.25 -7.96
N ARG A 543 11.23 -18.65 -6.79
CA ARG A 543 11.73 -17.30 -6.52
C ARG A 543 13.25 -17.27 -6.45
N ARG A 544 13.86 -18.33 -5.92
CA ARG A 544 15.31 -18.35 -5.82
C ARG A 544 15.97 -18.54 -7.18
N CYS A 545 15.36 -19.32 -8.06
CA CYS A 545 15.89 -19.47 -9.41
C CYS A 545 15.76 -18.19 -10.23
N VAL A 546 14.90 -17.27 -9.83
CA VAL A 546 14.86 -15.96 -10.46
C VAL A 546 15.94 -15.06 -9.89
N TYR A 547 16.18 -15.15 -8.57
CA TYR A 547 17.18 -14.29 -7.94
C TYR A 547 18.59 -14.68 -8.34
N TYR A 548 18.85 -15.95 -8.59
CA TYR A 548 20.18 -16.43 -8.97
C TYR A 548 20.31 -16.71 -10.46
N ARG A 549 19.23 -16.59 -11.22
CA ARG A 549 19.22 -16.81 -12.67
C ARG A 549 19.70 -18.22 -13.01
N LYS A 550 18.97 -19.21 -12.52
CA LYS A 550 19.29 -20.61 -12.76
C LYS A 550 18.08 -21.33 -13.33
N PRO A 551 18.28 -22.22 -14.31
CA PRO A 551 17.15 -22.94 -14.89
C PRO A 551 16.50 -23.88 -13.88
N LEU A 552 15.19 -24.04 -14.01
CA LEU A 552 14.41 -24.88 -13.13
C LEU A 552 13.54 -25.82 -13.95
N LEU A 553 13.57 -27.11 -13.61
CA LEU A 553 12.75 -28.12 -14.27
C LEU A 553 11.67 -28.57 -13.29
N GLU A 554 10.45 -28.11 -13.53
CA GLU A 554 9.32 -28.37 -12.65
C GLU A 554 8.45 -29.48 -13.21
N SER A 555 7.99 -30.36 -12.32
CA SER A 555 7.12 -31.48 -12.71
C SER A 555 6.20 -31.83 -11.55
N GLY A 556 5.03 -32.33 -11.90
CA GLY A 556 4.06 -32.74 -10.90
C GLY A 556 3.15 -33.83 -11.44
N THR A 557 2.68 -34.68 -10.53
CA THR A 557 1.77 -35.77 -10.88
C THR A 557 0.55 -35.73 -9.97
N LEU A 558 -0.52 -36.38 -10.43
CA LEU A 558 -1.71 -36.59 -9.61
C LEU A 558 -2.48 -37.74 -10.26
N GLY A 559 -2.31 -38.93 -9.71
CA GLY A 559 -2.93 -40.11 -10.30
C GLY A 559 -2.40 -40.37 -11.70
N THR A 560 -3.30 -40.41 -12.68
CA THR A 560 -2.93 -40.62 -14.07
C THR A 560 -2.56 -39.34 -14.79
N LYS A 561 -2.54 -38.20 -14.10
CA LYS A 561 -2.27 -36.90 -14.71
C LYS A 561 -0.83 -36.46 -14.42
N GLY A 562 -0.27 -35.71 -15.36
CA GLY A 562 1.08 -35.18 -15.18
C GLY A 562 1.27 -33.89 -15.93
N ASN A 563 2.21 -33.08 -15.44
CA ASN A 563 2.53 -31.82 -16.11
C ASN A 563 4.01 -31.53 -15.95
N VAL A 564 4.57 -30.88 -16.98
CA VAL A 564 5.98 -30.53 -17.04
C VAL A 564 6.09 -29.09 -17.51
N GLN A 565 6.81 -28.27 -16.74
CA GLN A 565 7.04 -26.87 -17.09
C GLN A 565 8.51 -26.54 -16.88
N VAL A 566 9.11 -25.87 -17.87
CA VAL A 566 10.51 -25.49 -17.82
C VAL A 566 10.61 -23.99 -17.70
N VAL A 567 11.58 -23.51 -16.91
CA VAL A 567 11.80 -22.09 -16.69
C VAL A 567 13.25 -21.78 -17.01
N ILE A 568 13.49 -21.10 -18.11
CA ILE A 568 14.83 -20.75 -18.57
C ILE A 568 15.08 -19.28 -18.23
N PRO A 569 16.22 -18.94 -17.61
CA PRO A 569 16.47 -17.53 -17.29
C PRO A 569 16.55 -16.67 -18.53
N PHE A 570 16.00 -15.46 -18.43
CA PHE A 570 16.00 -14.47 -19.51
C PHE A 570 15.31 -15.01 -20.76
N LEU A 571 14.31 -15.87 -20.59
CA LEU A 571 13.65 -16.46 -21.75
C LEU A 571 12.16 -16.66 -21.52
N THR A 572 11.79 -17.45 -20.51
CA THR A 572 10.40 -17.79 -20.26
C THR A 572 9.93 -17.16 -18.95
N GLU A 573 8.63 -17.22 -18.72
CA GLU A 573 8.08 -16.78 -17.45
C GLU A 573 8.39 -17.78 -16.35
N SER A 574 8.29 -17.34 -15.10
CA SER A 574 8.57 -18.22 -13.98
C SER A 574 7.33 -19.04 -13.62
N TYR A 575 7.52 -20.00 -12.71
CA TYR A 575 6.42 -20.86 -12.30
C TYR A 575 5.33 -20.08 -11.58
N SER A 576 5.69 -18.99 -10.90
CA SER A 576 4.73 -18.19 -10.15
C SER A 576 4.01 -17.16 -11.01
N SER A 577 4.43 -16.95 -12.26
CA SER A 577 3.77 -15.98 -13.13
C SER A 577 2.32 -16.35 -13.39
N SER A 578 2.02 -17.64 -13.49
CA SER A 578 0.67 -18.14 -13.71
C SER A 578 0.04 -18.58 -12.39
N GLN A 579 -1.26 -18.80 -12.44
CA GLN A 579 -2.04 -19.14 -11.26
C GLN A 579 -2.82 -20.43 -11.51
N ASP A 580 -3.04 -21.18 -10.43
CA ASP A 580 -3.80 -22.41 -10.46
C ASP A 580 -5.01 -22.32 -9.53
N PRO A 581 -6.07 -23.04 -9.81
CA PRO A 581 -7.25 -23.00 -8.94
C PRO A 581 -6.93 -23.56 -7.56
N PRO A 582 -7.49 -22.96 -6.50
CA PRO A 582 -7.20 -23.43 -5.15
C PRO A 582 -7.90 -24.75 -4.84
N GLU A 583 -7.55 -25.30 -3.68
CA GLU A 583 -8.14 -26.56 -3.27
C GLU A 583 -9.59 -26.34 -2.82
N LYS A 584 -10.30 -27.45 -2.65
CA LYS A 584 -11.69 -27.42 -2.25
C LYS A 584 -11.79 -26.91 -0.81
N SER A 585 -12.28 -25.69 -0.65
CA SER A 585 -12.41 -25.05 0.65
C SER A 585 -13.87 -25.13 1.08
N ILE A 586 -14.12 -25.87 2.16
CA ILE A 586 -15.47 -26.05 2.70
C ILE A 586 -15.81 -24.84 3.56
N PRO A 587 -16.90 -24.13 3.29
CA PRO A 587 -17.29 -23.01 4.15
C PRO A 587 -17.52 -23.46 5.58
N ILE A 588 -17.16 -22.58 6.53
CA ILE A 588 -17.22 -22.94 7.94
C ILE A 588 -18.64 -23.23 8.37
N ALA A 589 -19.63 -22.60 7.72
CA ALA A 589 -21.03 -22.85 8.06
C ALA A 589 -21.42 -24.29 7.75
N THR A 590 -21.23 -24.71 6.50
CA THR A 590 -21.57 -26.07 6.09
C THR A 590 -20.55 -27.10 6.55
N LEU A 591 -19.62 -26.72 7.43
CA LEU A 591 -18.64 -27.64 7.99
C LEU A 591 -18.88 -27.95 9.45
N LYS A 592 -19.34 -26.97 10.22
CA LYS A 592 -19.56 -27.14 11.66
C LYS A 592 -20.99 -27.51 12.01
N ASN A 593 -21.98 -27.03 11.25
CA ASN A 593 -23.38 -27.23 11.60
C ASN A 593 -24.19 -27.96 10.55
N PHE A 594 -23.94 -27.72 9.26
CA PHE A 594 -24.79 -28.23 8.19
C PHE A 594 -23.96 -28.99 7.16
N PRO A 595 -23.54 -30.21 7.47
CA PRO A 595 -22.88 -31.04 6.47
C PRO A 595 -23.88 -31.81 5.61
N ASN A 596 -23.42 -32.18 4.42
CA ASN A 596 -24.25 -32.99 3.52
C ASN A 596 -23.50 -34.14 2.85
N ALA A 597 -22.18 -34.09 2.72
CA ALA A 597 -21.42 -35.18 2.14
C ALA A 597 -20.52 -35.82 3.19
N ILE A 598 -19.85 -36.90 2.80
CA ILE A 598 -18.96 -37.58 3.75
C ILE A 598 -17.67 -36.78 3.93
N GLU A 599 -17.29 -35.97 2.95
CA GLU A 599 -16.09 -35.16 3.09
C GLU A 599 -16.26 -34.08 4.16
N HIS A 600 -17.50 -33.64 4.38
CA HIS A 600 -17.75 -32.62 5.40
C HIS A 600 -17.60 -33.19 6.80
N THR A 601 -17.82 -34.48 6.98
CA THR A 601 -17.60 -35.11 8.28
C THR A 601 -16.17 -35.61 8.45
N LEU A 602 -15.51 -35.98 7.35
CA LEU A 602 -14.11 -36.39 7.46
C LEU A 602 -13.22 -35.20 7.76
N GLN A 603 -13.43 -34.08 7.06
CA GLN A 603 -12.73 -32.86 7.41
C GLN A 603 -13.07 -32.40 8.82
N TRP A 604 -14.30 -32.68 9.27
CA TRP A 604 -14.67 -32.36 10.64
C TRP A 604 -13.97 -33.28 11.63
N ALA A 605 -13.83 -34.56 11.29
CA ALA A 605 -13.19 -35.51 12.19
C ALA A 605 -11.69 -35.26 12.30
N ARG A 606 -11.05 -34.82 11.21
CA ARG A 606 -9.64 -34.47 11.28
C ARG A 606 -9.42 -33.26 12.19
N ASP A 607 -10.30 -32.25 12.08
CA ASP A 607 -10.22 -31.11 12.97
C ASP A 607 -10.55 -31.49 14.41
N GLU A 608 -11.40 -32.51 14.60
CA GLU A 608 -11.64 -33.02 15.94
C GLU A 608 -10.37 -33.62 16.54
N PHE A 609 -9.57 -34.31 15.72
CA PHE A 609 -8.35 -34.90 16.24
C PHE A 609 -7.34 -33.84 16.63
N GLU A 610 -7.18 -32.82 15.79
CA GLU A 610 -6.18 -31.79 16.07
C GLU A 610 -6.57 -30.93 17.26
N GLY A 611 -7.86 -30.63 17.40
CA GLY A 611 -8.30 -29.72 18.44
C GLY A 611 -8.58 -30.37 19.78
N LEU A 612 -8.74 -31.69 19.79
CA LEU A 612 -9.04 -32.40 21.02
C LEU A 612 -7.82 -33.03 21.67
N PHE A 613 -6.74 -33.24 20.91
CA PHE A 613 -5.56 -33.93 21.43
C PHE A 613 -4.30 -33.10 21.33
N LYS A 614 -3.99 -32.54 20.15
CA LYS A 614 -2.76 -31.78 20.00
C LYS A 614 -2.90 -30.34 20.50
N GLN A 615 -4.06 -29.71 20.24
CA GLN A 615 -4.20 -28.29 20.54
C GLN A 615 -4.17 -28.00 22.03
N PRO A 616 -4.93 -28.69 22.89
CA PRO A 616 -4.86 -28.36 24.32
C PRO A 616 -3.52 -28.69 24.95
N ALA A 617 -2.87 -29.78 24.51
CA ALA A 617 -1.58 -30.13 25.09
C ALA A 617 -0.51 -29.09 24.76
N GLU A 618 -0.53 -28.58 23.52
CA GLU A 618 0.45 -27.57 23.12
C GLU A 618 0.25 -26.27 23.90
N ASN A 619 -1.00 -25.95 24.26
CA ASN A 619 -1.25 -24.75 25.05
C ASN A 619 -0.79 -24.93 26.49
N VAL A 620 -1.02 -26.12 27.06
CA VAL A 620 -0.61 -26.37 28.43
C VAL A 620 0.92 -26.32 28.55
N ASN A 621 1.62 -26.88 27.57
CA ASN A 621 3.08 -26.87 27.60
C ASN A 621 3.62 -25.45 27.49
N GLN A 622 3.04 -24.64 26.60
CA GLN A 622 3.46 -23.24 26.51
C GLN A 622 3.07 -22.45 27.75
N TYR A 623 2.00 -22.87 28.44
CA TYR A 623 1.61 -22.20 29.68
C TYR A 623 2.55 -22.56 30.82
N LEU A 624 3.11 -23.77 30.80
CA LEU A 624 4.01 -24.21 31.86
C LEU A 624 5.47 -23.92 31.57
N THR A 625 5.83 -23.59 30.33
CA THR A 625 7.20 -23.28 29.95
C THR A 625 7.44 -21.79 29.78
N ASP A 626 6.62 -21.13 28.97
CA ASP A 626 6.78 -19.70 28.69
C ASP A 626 6.15 -18.89 29.81
N PRO A 627 6.93 -18.07 30.54
CA PRO A 627 6.31 -17.22 31.57
C PRO A 627 5.43 -16.13 31.00
N LYS A 628 5.63 -15.74 29.73
CA LYS A 628 4.82 -14.71 29.09
C LYS A 628 3.70 -15.30 28.24
N PHE A 629 3.14 -16.43 28.67
CA PHE A 629 2.07 -17.06 27.88
C PHE A 629 0.73 -16.40 28.14
N VAL A 630 0.40 -16.14 29.40
CA VAL A 630 -0.86 -15.47 29.72
C VAL A 630 -0.94 -14.12 29.02
N GLU A 631 0.16 -13.36 29.04
CA GLU A 631 0.16 -12.06 28.38
C GLU A 631 0.07 -12.19 26.88
N ARG A 632 0.65 -13.25 26.30
CA ARG A 632 0.60 -13.43 24.85
C ARG A 632 -0.82 -13.73 24.38
N THR A 633 -1.53 -14.61 25.09
CA THR A 633 -2.88 -14.97 24.68
C THR A 633 -3.87 -13.84 24.92
N LEU A 634 -3.69 -13.05 25.98
CA LEU A 634 -4.58 -11.92 26.21
C LEU A 634 -4.41 -10.82 25.17
N ARG A 635 -3.31 -10.84 24.41
CA ARG A 635 -3.03 -9.77 23.47
C ARG A 635 -3.75 -9.93 22.14
N LEU A 636 -4.19 -11.13 21.79
CA LEU A 636 -4.63 -11.46 20.44
C LEU A 636 -6.14 -11.61 20.37
N ALA A 637 -6.76 -10.81 19.50
CA ALA A 637 -8.10 -11.04 18.97
C ALA A 637 -9.22 -11.04 20.01
N GLY A 638 -10.44 -11.26 19.56
CA GLY A 638 -11.60 -11.32 20.44
C GLY A 638 -12.21 -12.71 20.41
N THR A 639 -12.71 -13.16 21.57
CA THR A 639 -13.28 -14.49 21.73
C THR A 639 -12.29 -15.56 21.28
N GLN A 640 -11.01 -15.29 21.51
CA GLN A 640 -9.90 -16.20 21.25
C GLN A 640 -9.05 -16.34 22.51
N PRO A 641 -8.76 -15.26 23.24
CA PRO A 641 -8.17 -15.45 24.58
C PRO A 641 -9.05 -16.30 25.49
N LEU A 642 -10.36 -16.07 25.47
CA LEU A 642 -11.25 -16.86 26.31
C LEU A 642 -11.32 -18.31 25.84
N GLU A 643 -11.22 -18.55 24.54
CA GLU A 643 -11.25 -19.93 24.04
C GLU A 643 -9.99 -20.69 24.45
N VAL A 644 -8.84 -20.03 24.43
CA VAL A 644 -7.59 -20.70 24.77
C VAL A 644 -7.41 -20.79 26.28
N LEU A 645 -7.75 -19.73 27.01
CA LEU A 645 -7.64 -19.77 28.46
C LEU A 645 -8.60 -20.78 29.08
N GLU A 646 -9.80 -20.92 28.51
CA GLU A 646 -10.73 -21.94 28.99
C GLU A 646 -10.19 -23.34 28.73
N ALA A 647 -9.57 -23.56 27.57
CA ALA A 647 -9.02 -24.88 27.26
C ALA A 647 -7.90 -25.26 28.21
N VAL A 648 -7.13 -24.27 28.69
CA VAL A 648 -6.08 -24.55 29.67
C VAL A 648 -6.70 -24.92 31.03
N GLN A 649 -7.79 -24.25 31.42
CA GLN A 649 -8.44 -24.58 32.68
C GLN A 649 -9.05 -25.98 32.63
N ARG A 650 -9.56 -26.38 31.46
CA ARG A 650 -10.14 -27.72 31.34
C ARG A 650 -9.07 -28.79 31.47
N SER A 651 -7.95 -28.61 30.78
CA SER A 651 -6.90 -29.63 30.76
C SER A 651 -6.09 -29.68 32.06
N LEU A 652 -6.12 -28.62 32.86
CA LEU A 652 -5.31 -28.61 34.06
C LEU A 652 -6.05 -29.13 35.29
N VAL A 653 -7.34 -28.83 35.41
CA VAL A 653 -8.05 -29.18 36.63
C VAL A 653 -9.38 -29.88 36.33
N LEU A 654 -10.14 -29.36 35.38
CA LEU A 654 -11.48 -29.90 35.12
C LEU A 654 -11.44 -31.26 34.45
N GLN A 655 -10.92 -31.32 33.22
CA GLN A 655 -10.87 -32.56 32.45
C GLN A 655 -9.57 -33.33 32.67
N ARG A 656 -8.92 -33.15 33.82
CA ARG A 656 -7.64 -33.80 34.06
C ARG A 656 -7.85 -35.24 34.52
N PRO A 657 -7.34 -36.22 33.80
CA PRO A 657 -7.46 -37.62 34.23
C PRO A 657 -6.31 -38.04 35.14
N GLN A 658 -6.56 -39.10 35.90
CA GLN A 658 -5.52 -39.67 36.75
C GLN A 658 -5.46 -41.18 36.57
N THR A 659 -6.57 -41.81 36.24
CA THR A 659 -6.64 -43.24 36.00
C THR A 659 -7.22 -43.50 34.62
N TRP A 660 -7.01 -44.74 34.14
CA TRP A 660 -7.56 -45.12 32.85
C TRP A 660 -9.08 -45.05 32.86
N ALA A 661 -9.70 -45.43 33.98
CA ALA A 661 -11.16 -45.34 34.10
C ALA A 661 -11.64 -43.90 33.97
N ASP A 662 -10.82 -42.93 34.38
CA ASP A 662 -11.20 -41.54 34.21
C ASP A 662 -11.14 -41.10 32.76
N CYS A 663 -10.35 -41.78 31.91
CA CYS A 663 -10.34 -41.48 30.49
C CYS A 663 -11.54 -42.08 29.77
N VAL A 664 -12.05 -43.21 30.26
CA VAL A 664 -13.23 -43.82 29.64
C VAL A 664 -14.45 -42.96 29.88
N THR A 665 -14.60 -42.42 31.09
CA THR A 665 -15.73 -41.55 31.40
C THR A 665 -15.68 -40.27 30.57
N TRP A 666 -14.48 -39.75 30.30
CA TRP A 666 -14.36 -38.56 29.47
C TRP A 666 -14.77 -38.85 28.03
N ALA A 667 -14.37 -40.02 27.50
CA ALA A 667 -14.76 -40.39 26.15
C ALA A 667 -16.26 -40.57 26.03
N CYS A 668 -16.92 -41.00 27.11
CA CYS A 668 -18.38 -41.11 27.10
C CYS A 668 -19.06 -39.76 27.28
N HIS A 669 -18.46 -38.86 28.06
CA HIS A 669 -19.04 -37.52 28.21
C HIS A 669 -18.89 -36.72 26.92
N HIS A 670 -17.73 -36.80 26.27
CA HIS A 670 -17.55 -36.06 25.02
C HIS A 670 -18.41 -36.63 23.91
N TRP A 671 -18.75 -37.92 23.98
CA TRP A 671 -19.62 -38.51 22.97
C TRP A 671 -21.03 -37.93 23.07
N HIS A 672 -21.58 -37.86 24.29
CA HIS A 672 -22.91 -37.28 24.46
C HIS A 672 -22.91 -35.80 24.14
N THR A 673 -21.79 -35.11 24.37
CA THR A 673 -21.74 -33.68 24.08
C THR A 673 -21.65 -33.40 22.59
N GLN A 674 -21.01 -34.29 21.83
CA GLN A 674 -20.75 -34.03 20.42
C GLN A 674 -21.81 -34.62 19.50
N TYR A 675 -22.43 -35.74 19.88
CA TYR A 675 -23.39 -36.42 19.01
C TYR A 675 -24.79 -36.47 19.60
N SER A 676 -25.05 -35.76 20.70
CA SER A 676 -26.38 -35.75 21.30
C SER A 676 -26.73 -34.35 21.82
N ASN A 677 -25.88 -33.78 22.67
CA ASN A 677 -26.17 -32.47 23.24
C ASN A 677 -26.13 -31.38 22.18
N ASN A 678 -25.04 -31.30 21.41
CA ASN A 678 -24.93 -30.26 20.39
C ASN A 678 -25.97 -30.45 19.29
N ILE A 679 -26.43 -31.68 19.07
CA ILE A 679 -27.47 -31.91 18.08
C ILE A 679 -28.81 -31.37 18.60
N ARG A 680 -29.12 -31.62 19.87
CA ARG A 680 -30.32 -31.05 20.45
C ARG A 680 -30.23 -29.53 20.54
N GLN A 681 -29.04 -28.98 20.79
CA GLN A 681 -28.88 -27.53 20.81
C GLN A 681 -29.08 -26.94 19.42
N LEU A 682 -28.66 -27.66 18.38
CA LEU A 682 -28.86 -27.18 17.02
C LEU A 682 -30.33 -27.27 16.61
N LEU A 683 -31.00 -28.35 16.99
CA LEU A 683 -32.43 -28.49 16.71
C LEU A 683 -33.28 -27.51 17.52
N HIS A 684 -32.75 -27.02 18.64
CA HIS A 684 -33.47 -26.03 19.43
C HIS A 684 -33.49 -24.68 18.72
N ASN A 685 -32.36 -24.28 18.15
CA ASN A 685 -32.31 -23.03 17.40
C ASN A 685 -32.97 -23.17 16.03
N PHE A 686 -32.99 -24.38 15.47
CA PHE A 686 -33.62 -24.64 14.18
C PHE A 686 -34.49 -25.89 14.30
N PRO A 687 -35.79 -25.73 14.52
CA PRO A 687 -36.68 -26.89 14.62
C PRO A 687 -36.67 -27.70 13.33
N PRO A 688 -37.06 -28.98 13.39
CA PRO A 688 -37.02 -29.83 12.19
C PRO A 688 -37.98 -29.42 11.09
N ASP A 689 -38.78 -28.37 11.28
CA ASP A 689 -39.74 -27.93 10.27
C ASP A 689 -39.93 -26.43 10.33
N GLN A 690 -38.83 -25.69 10.49
CA GLN A 690 -38.87 -24.24 10.49
C GLN A 690 -38.68 -23.70 9.08
N LEU A 691 -39.45 -22.67 8.75
CA LEU A 691 -39.37 -22.05 7.43
C LEU A 691 -38.31 -20.97 7.42
N THR A 692 -37.83 -20.67 6.21
CA THR A 692 -36.84 -19.61 6.01
C THR A 692 -37.55 -18.30 5.70
N SER A 693 -36.79 -17.29 5.28
CA SER A 693 -37.37 -16.00 4.93
C SER A 693 -38.25 -16.09 3.68
N SER A 694 -38.02 -17.09 2.82
CA SER A 694 -38.80 -17.28 1.61
C SER A 694 -39.96 -18.25 1.80
N GLY A 695 -40.32 -18.57 3.05
CA GLY A 695 -41.39 -19.50 3.31
C GLY A 695 -41.08 -20.94 2.97
N ALA A 696 -39.80 -21.28 2.67
CA ALA A 696 -39.31 -22.60 2.31
C ALA A 696 -38.77 -23.32 3.54
N PRO A 697 -38.87 -24.65 3.55
CA PRO A 697 -38.33 -25.41 4.69
C PRO A 697 -36.83 -25.21 4.83
N PHE A 698 -36.40 -24.98 6.07
CA PHE A 698 -34.97 -24.74 6.32
C PHE A 698 -34.15 -25.97 5.99
N TRP A 699 -34.58 -27.14 6.47
CA TRP A 699 -33.88 -28.41 6.22
C TRP A 699 -34.28 -28.93 4.85
N SER A 700 -33.65 -28.36 3.82
CA SER A 700 -33.89 -28.79 2.46
C SER A 700 -32.67 -28.45 1.62
N GLY A 701 -32.22 -29.42 0.82
CA GLY A 701 -31.08 -29.23 -0.05
C GLY A 701 -29.76 -29.49 0.66
N PRO A 702 -28.90 -28.48 0.71
CA PRO A 702 -27.57 -28.68 1.33
C PRO A 702 -27.61 -28.81 2.84
N LYS A 703 -28.76 -28.60 3.48
CA LYS A 703 -28.89 -28.70 4.93
C LYS A 703 -29.74 -29.92 5.25
N ARG A 704 -29.11 -30.94 5.82
CA ARG A 704 -29.79 -32.17 6.19
C ARG A 704 -30.18 -32.11 7.66
N CYS A 705 -31.39 -32.53 7.96
CA CYS A 705 -31.90 -32.42 9.32
C CYS A 705 -31.26 -33.47 10.23
N PRO A 706 -30.56 -33.07 11.28
CA PRO A 706 -29.94 -34.06 12.17
C PRO A 706 -30.96 -34.64 13.15
N HIS A 707 -30.48 -35.63 13.92
CA HIS A 707 -31.28 -36.25 14.95
C HIS A 707 -30.35 -36.68 16.07
N PRO A 708 -30.78 -36.56 17.33
CA PRO A 708 -29.92 -36.99 18.43
C PRO A 708 -29.71 -38.49 18.40
N LEU A 709 -28.58 -38.91 18.97
CA LEU A 709 -28.17 -40.30 18.96
C LEU A 709 -27.97 -40.78 20.39
N THR A 710 -28.64 -41.88 20.75
CA THR A 710 -28.50 -42.47 22.07
C THR A 710 -27.30 -43.42 22.11
N PHE A 711 -26.70 -43.54 23.28
CA PHE A 711 -25.49 -44.35 23.47
C PHE A 711 -25.88 -45.79 23.76
N ASP A 712 -25.57 -46.68 22.83
CA ASP A 712 -25.80 -48.11 22.98
C ASP A 712 -24.44 -48.79 23.15
N VAL A 713 -24.21 -49.36 24.34
CA VAL A 713 -22.90 -49.94 24.64
C VAL A 713 -22.61 -51.18 23.82
N ASN A 714 -23.65 -51.82 23.26
CA ASN A 714 -23.45 -53.01 22.43
C ASN A 714 -23.14 -52.68 20.98
N ASN A 715 -23.48 -51.49 20.53
CA ASN A 715 -23.17 -51.07 19.17
C ASN A 715 -21.66 -50.90 19.02
N PRO A 716 -21.01 -51.63 18.11
CA PRO A 716 -19.55 -51.49 17.99
C PRO A 716 -19.10 -50.10 17.58
N LEU A 717 -19.87 -49.40 16.75
CA LEU A 717 -19.46 -48.06 16.34
C LEU A 717 -19.39 -47.11 17.54
N HIS A 718 -20.31 -47.25 18.49
CA HIS A 718 -20.22 -46.48 19.72
C HIS A 718 -19.04 -46.93 20.56
N LEU A 719 -18.67 -48.21 20.48
CA LEU A 719 -17.55 -48.72 21.27
C LEU A 719 -16.22 -48.43 20.59
N ASP A 720 -16.18 -48.51 19.25
CA ASP A 720 -14.95 -48.19 18.53
C ASP A 720 -14.52 -46.76 18.78
N TYR A 721 -15.47 -45.85 19.02
CA TYR A 721 -15.13 -44.46 19.28
C TYR A 721 -14.52 -44.31 20.67
N VAL A 722 -15.11 -44.94 21.68
CA VAL A 722 -14.61 -44.79 23.04
C VAL A 722 -13.22 -45.39 23.17
N MET A 723 -12.97 -46.53 22.53
CA MET A 723 -11.67 -47.18 22.61
C MET A 723 -10.57 -46.28 22.04
N ALA A 724 -10.83 -45.66 20.89
CA ALA A 724 -9.83 -44.80 20.27
C ALA A 724 -9.74 -43.44 20.96
N ALA A 725 -10.85 -42.94 21.50
CA ALA A 725 -10.83 -41.63 22.15
C ALA A 725 -10.13 -41.70 23.50
N ALA A 726 -10.48 -42.70 24.31
CA ALA A 726 -9.89 -42.80 25.65
C ALA A 726 -8.39 -43.08 25.57
N ASN A 727 -7.95 -43.85 24.58
CA ASN A 727 -6.52 -44.11 24.43
C ASN A 727 -5.78 -42.84 24.03
N LEU A 728 -6.28 -42.15 23.01
CA LEU A 728 -5.63 -40.91 22.57
C LEU A 728 -5.75 -39.82 23.64
N PHE A 729 -6.77 -39.89 24.50
CA PHE A 729 -6.86 -38.94 25.60
C PHE A 729 -5.84 -39.26 26.68
N ALA A 730 -5.59 -40.54 26.93
CA ALA A 730 -4.61 -40.93 27.93
C ALA A 730 -3.18 -40.69 27.44
N GLN A 731 -2.93 -40.87 26.13
CA GLN A 731 -1.61 -40.59 25.59
C GLN A 731 -1.25 -39.12 25.72
N THR A 732 -2.26 -38.24 25.70
CA THR A 732 -1.99 -36.81 25.84
C THR A 732 -1.48 -36.49 27.24
N TYR A 733 -2.03 -37.15 28.26
CA TYR A 733 -1.59 -36.97 29.63
C TYR A 733 -0.57 -38.03 30.04
N GLY A 734 -0.27 -38.99 29.19
CA GLY A 734 0.72 -40.02 29.49
C GLY A 734 0.23 -41.07 30.45
N LEU A 735 -0.85 -41.76 30.11
CA LEU A 735 -1.41 -42.81 30.95
C LEU A 735 -1.50 -44.10 30.16
N THR A 736 -1.41 -45.22 30.87
CA THR A 736 -1.46 -46.53 30.25
C THR A 736 -2.86 -46.82 29.75
N GLY A 737 -3.02 -47.01 28.45
CA GLY A 737 -4.30 -47.33 27.84
C GLY A 737 -4.40 -48.79 27.47
N SER A 738 -5.53 -49.39 27.79
CA SER A 738 -5.78 -50.78 27.46
C SER A 738 -6.55 -50.88 26.14
N GLN A 739 -6.68 -52.10 25.64
CA GLN A 739 -7.43 -52.37 24.42
C GLN A 739 -8.53 -53.41 24.63
N ASP A 740 -8.83 -53.77 25.87
CA ASP A 740 -9.87 -54.77 26.16
C ASP A 740 -11.24 -54.14 25.97
N ARG A 741 -11.87 -54.43 24.83
CA ARG A 741 -13.17 -53.83 24.51
C ARG A 741 -14.29 -54.37 25.39
N ALA A 742 -14.07 -55.49 26.07
CA ALA A 742 -15.13 -56.06 26.90
C ALA A 742 -15.20 -55.36 28.25
N ALA A 743 -14.06 -55.11 28.90
CA ALA A 743 -14.06 -54.45 30.19
C ALA A 743 -14.53 -53.01 30.10
N VAL A 744 -14.22 -52.34 28.99
CA VAL A 744 -14.68 -50.96 28.82
C VAL A 744 -16.19 -50.91 28.70
N ALA A 745 -16.77 -51.81 27.90
CA ALA A 745 -18.22 -51.84 27.75
C ALA A 745 -18.92 -52.16 29.06
N THR A 746 -18.32 -53.05 29.86
CA THR A 746 -18.88 -53.33 31.17
C THR A 746 -18.79 -52.09 32.07
N PHE A 747 -17.78 -51.25 31.87
CA PHE A 747 -17.60 -50.05 32.67
C PHE A 747 -18.50 -48.92 32.21
N LEU A 748 -18.89 -48.91 30.94
CA LEU A 748 -19.70 -47.84 30.39
C LEU A 748 -21.11 -47.84 30.99
N GLN A 749 -21.59 -48.99 31.45
CA GLN A 749 -22.93 -49.07 32.03
C GLN A 749 -22.98 -48.60 33.48
N SER A 750 -21.92 -47.97 33.97
CA SER A 750 -21.90 -47.39 35.31
C SER A 750 -21.55 -45.91 35.30
N VAL A 751 -21.41 -45.31 34.13
CA VAL A 751 -21.06 -43.90 34.00
C VAL A 751 -22.33 -43.06 34.06
N GLN A 752 -22.24 -41.91 34.72
CA GLN A 752 -23.36 -40.98 34.82
C GLN A 752 -23.14 -39.84 33.83
N VAL A 753 -24.19 -39.48 33.12
CA VAL A 753 -24.17 -38.40 32.14
C VAL A 753 -24.93 -37.22 32.70
N PRO A 754 -24.34 -36.03 32.76
CA PRO A 754 -25.06 -34.86 33.28
C PRO A 754 -26.22 -34.47 32.38
N GLU A 755 -27.28 -33.96 33.01
CA GLU A 755 -28.46 -33.54 32.27
C GLU A 755 -28.11 -32.39 31.32
N PHE A 756 -28.82 -32.34 30.20
CA PHE A 756 -28.61 -31.31 29.19
C PHE A 756 -29.95 -30.74 28.76
N THR A 757 -30.07 -29.42 28.87
CA THR A 757 -31.25 -28.70 28.40
C THR A 757 -30.77 -27.61 27.45
N PRO A 758 -31.20 -27.61 26.19
CA PRO A 758 -30.70 -26.60 25.24
C PRO A 758 -31.16 -25.21 25.64
N LYS A 759 -30.27 -24.24 25.41
CA LYS A 759 -30.49 -22.85 25.80
C LYS A 759 -30.75 -22.00 24.56
N SER A 760 -31.52 -20.93 24.75
CA SER A 760 -31.85 -20.02 23.66
C SER A 760 -30.81 -18.92 23.52
N VAL A 778 -18.73 -7.39 29.61
CA VAL A 778 -19.39 -8.40 30.43
C VAL A 778 -18.71 -9.75 30.26
N ASP A 779 -18.46 -10.13 29.01
CA ASP A 779 -17.73 -11.38 28.75
C ASP A 779 -16.32 -11.31 29.28
N ASP A 780 -15.74 -10.11 29.35
CA ASP A 780 -14.40 -9.96 29.92
C ASP A 780 -14.41 -10.12 31.43
N SER A 781 -15.56 -9.97 32.09
CA SER A 781 -15.63 -10.23 33.53
C SER A 781 -15.39 -11.70 33.84
N ARG A 782 -15.82 -12.60 32.94
CA ARG A 782 -15.48 -14.01 33.09
C ARG A 782 -13.99 -14.24 32.85
N LEU A 783 -13.39 -13.46 31.94
CA LEU A 783 -11.96 -13.59 31.69
C LEU A 783 -11.13 -13.08 32.87
N GLU A 784 -11.63 -12.06 33.58
CA GLU A 784 -10.90 -11.54 34.73
C GLU A 784 -10.89 -12.53 35.89
N GLU A 785 -11.86 -13.45 35.95
CA GLU A 785 -11.84 -14.48 36.97
C GLU A 785 -10.96 -15.66 36.60
N LEU A 786 -10.89 -16.00 35.31
CA LEU A 786 -10.09 -17.14 34.87
C LEU A 786 -8.61 -16.90 35.12
N LYS A 787 -8.13 -15.68 34.88
CA LYS A 787 -6.73 -15.37 35.12
C LYS A 787 -6.36 -15.45 36.59
N ALA A 788 -7.34 -15.39 37.49
CA ALA A 788 -7.10 -15.51 38.92
C ALA A 788 -7.34 -16.92 39.44
N THR A 789 -8.18 -17.71 38.78
CA THR A 789 -8.47 -19.07 39.21
C THR A 789 -7.54 -20.10 38.60
N LEU A 790 -6.67 -19.71 37.68
CA LEU A 790 -5.76 -20.67 37.05
C LEU A 790 -4.70 -21.13 38.04
N PRO A 791 -4.41 -22.43 38.12
CA PRO A 791 -3.37 -22.90 39.04
C PRO A 791 -2.00 -22.43 38.58
N SER A 792 -1.21 -21.93 39.53
CA SER A 792 0.12 -21.44 39.18
C SER A 792 1.02 -22.60 38.76
N PRO A 793 1.95 -22.35 37.84
CA PRO A 793 2.91 -23.40 37.47
C PRO A 793 3.76 -23.88 38.64
N ASP A 794 3.94 -23.05 39.67
CA ASP A 794 4.66 -23.49 40.86
C ASP A 794 3.81 -24.38 41.76
N LYS A 795 2.48 -24.34 41.61
CA LYS A 795 1.62 -25.19 42.44
C LYS A 795 1.81 -26.66 42.09
N LEU A 796 1.88 -27.00 40.80
CA LEU A 796 2.03 -28.38 40.33
C LEU A 796 3.28 -28.50 39.49
N PRO A 797 4.45 -28.62 40.13
CA PRO A 797 5.69 -28.80 39.36
C PRO A 797 5.88 -30.27 39.00
N GLY A 798 6.25 -30.53 37.75
CA GLY A 798 6.43 -31.88 37.24
C GLY A 798 5.42 -32.28 36.18
N PHE A 799 4.21 -31.75 36.27
CA PHE A 799 3.17 -32.13 35.32
C PHE A 799 3.45 -31.55 33.95
N LYS A 800 3.26 -32.37 32.91
CA LYS A 800 3.39 -31.94 31.54
C LYS A 800 2.54 -32.84 30.67
N MET A 801 1.99 -32.28 29.60
CA MET A 801 1.19 -33.03 28.65
C MET A 801 2.00 -33.25 27.37
N TYR A 802 1.49 -34.13 26.53
CA TYR A 802 2.19 -34.57 25.33
C TYR A 802 1.26 -34.45 24.13
N PRO A 803 1.51 -33.52 23.22
CA PRO A 803 0.68 -33.44 22.01
C PRO A 803 0.91 -34.65 21.11
N ILE A 804 -0.07 -34.90 20.26
CA ILE A 804 -0.09 -36.08 19.40
C ILE A 804 -0.14 -35.60 17.96
N ASP A 805 0.95 -35.81 17.23
CA ASP A 805 0.97 -35.47 15.81
C ASP A 805 0.17 -36.48 15.02
N PHE A 806 -0.62 -36.01 14.06
CA PHE A 806 -1.48 -36.89 13.29
C PHE A 806 -0.65 -37.72 12.33
N GLU A 807 -0.77 -39.04 12.43
CA GLU A 807 -0.08 -39.97 11.55
C GLU A 807 -1.11 -40.87 10.87
N LYS A 808 -1.08 -40.90 9.54
CA LYS A 808 -2.08 -41.63 8.78
C LYS A 808 -1.65 -43.07 8.48
N ASP A 809 -0.37 -43.31 8.24
CA ASP A 809 0.12 -44.60 7.78
C ASP A 809 0.52 -45.53 8.92
N ASP A 810 -0.15 -45.44 10.07
CA ASP A 810 0.13 -46.32 11.20
C ASP A 810 -1.19 -46.83 11.75
N ASP A 811 -1.44 -48.14 11.62
CA ASP A 811 -2.69 -48.74 12.05
C ASP A 811 -2.63 -49.25 13.48
N SER A 812 -1.85 -48.59 14.34
CA SER A 812 -1.75 -49.00 15.73
C SER A 812 -1.81 -47.85 16.72
N ASN A 813 -1.80 -46.60 16.27
CA ASN A 813 -1.84 -45.43 17.15
C ASN A 813 -3.25 -44.95 17.44
N PHE A 814 -4.27 -45.67 17.01
CA PHE A 814 -5.67 -45.32 17.18
C PHE A 814 -6.05 -44.03 16.47
N HIS A 815 -5.21 -43.54 15.56
CA HIS A 815 -5.51 -42.29 14.85
C HIS A 815 -6.64 -42.49 13.86
N MET A 816 -6.42 -43.33 12.85
CA MET A 816 -7.48 -43.61 11.89
C MET A 816 -8.66 -44.32 12.54
N ASP A 817 -8.40 -45.04 13.64
CA ASP A 817 -9.50 -45.65 14.38
C ASP A 817 -10.44 -44.59 14.96
N PHE A 818 -9.90 -43.43 15.32
CA PHE A 818 -10.73 -42.37 15.88
C PHE A 818 -11.47 -41.60 14.81
N ILE A 819 -10.79 -41.27 13.70
CA ILE A 819 -11.40 -40.43 12.68
C ILE A 819 -12.59 -41.14 12.04
N VAL A 820 -12.43 -42.42 11.71
CA VAL A 820 -13.51 -43.17 11.08
C VAL A 820 -14.70 -43.27 12.02
N ALA A 821 -14.45 -43.57 13.30
CA ALA A 821 -15.54 -43.63 14.26
C ALA A 821 -16.15 -42.25 14.50
N ALA A 822 -15.35 -41.19 14.45
CA ALA A 822 -15.88 -39.85 14.66
C ALA A 822 -16.63 -39.34 13.44
N SER A 823 -16.15 -39.68 12.24
CA SER A 823 -16.82 -39.21 11.03
C SER A 823 -18.12 -39.96 10.78
N ASN A 824 -18.11 -41.28 10.92
CA ASN A 824 -19.31 -42.07 10.62
C ASN A 824 -20.40 -41.84 11.67
N LEU A 825 -20.02 -41.54 12.91
CA LEU A 825 -21.03 -41.22 13.91
C LEU A 825 -21.74 -39.91 13.59
N ARG A 826 -20.99 -38.91 13.12
CA ARG A 826 -21.62 -37.67 12.67
C ARG A 826 -22.43 -37.90 11.40
N ALA A 827 -22.00 -38.82 10.54
CA ALA A 827 -22.76 -39.12 9.34
C ALA A 827 -24.11 -39.75 9.66
N GLU A 828 -24.19 -40.53 10.74
CA GLU A 828 -25.47 -41.10 11.15
C GLU A 828 -26.42 -40.04 11.68
N ASN A 829 -25.89 -38.95 12.25
CA ASN A 829 -26.73 -37.87 12.72
C ASN A 829 -27.44 -37.19 11.55
N TYR A 830 -26.69 -36.87 10.49
CA TYR A 830 -27.24 -36.18 9.33
C TYR A 830 -27.64 -37.14 8.21
N ASP A 831 -27.81 -38.42 8.52
CA ASP A 831 -28.28 -39.43 7.57
C ASP A 831 -27.40 -39.47 6.32
N ILE A 832 -26.09 -39.42 6.53
CA ILE A 832 -25.11 -39.42 5.45
C ILE A 832 -24.54 -40.83 5.34
N PRO A 833 -24.43 -41.39 4.14
CA PRO A 833 -23.82 -42.73 4.00
C PRO A 833 -22.36 -42.71 4.43
N SER A 834 -22.01 -43.66 5.31
CA SER A 834 -20.67 -43.72 5.85
C SER A 834 -19.68 -44.21 4.80
N ALA A 835 -18.39 -44.09 5.14
CA ALA A 835 -17.30 -44.56 4.29
C ALA A 835 -16.34 -45.41 5.11
N ASP A 836 -15.69 -46.35 4.44
CA ASP A 836 -14.75 -47.22 5.12
C ASP A 836 -13.47 -46.46 5.48
N ARG A 837 -12.61 -47.12 6.25
CA ARG A 837 -11.38 -46.48 6.68
C ARG A 837 -10.40 -46.29 5.52
N HIS A 838 -10.58 -47.01 4.41
CA HIS A 838 -9.74 -46.78 3.24
C HIS A 838 -10.08 -45.47 2.56
N LYS A 839 -11.38 -45.18 2.40
CA LYS A 839 -11.78 -43.90 1.80
C LYS A 839 -11.59 -42.76 2.80
N SER A 840 -11.85 -43.01 4.08
CA SER A 840 -11.63 -41.98 5.10
C SER A 840 -10.16 -41.57 5.14
N LYS A 841 -9.25 -42.51 4.90
CA LYS A 841 -7.83 -42.19 4.88
C LYS A 841 -7.49 -41.26 3.71
N LEU A 842 -8.27 -41.33 2.63
CA LEU A 842 -7.98 -40.50 1.46
C LEU A 842 -8.30 -39.04 1.71
N ILE A 843 -9.44 -38.77 2.36
CA ILE A 843 -9.87 -37.39 2.59
C ILE A 843 -9.25 -36.81 3.85
N ALA A 844 -9.36 -37.51 4.96
CA ALA A 844 -8.83 -36.99 6.22
C ALA A 844 -7.31 -36.89 6.18
N GLY A 845 -6.65 -37.96 5.72
CA GLY A 845 -5.21 -37.94 5.57
C GLY A 845 -4.71 -37.09 4.42
N LYS A 846 -5.61 -36.66 3.53
CA LYS A 846 -5.25 -35.83 2.38
C LYS A 846 -4.17 -36.50 1.53
N ILE A 847 -4.29 -37.82 1.38
CA ILE A 847 -3.36 -38.59 0.56
C ILE A 847 -3.56 -38.24 -0.91
N ILE A 848 -2.47 -37.93 -1.60
CA ILE A 848 -2.50 -37.65 -3.03
C ILE A 848 -2.21 -38.97 -3.77
N PRO A 849 -3.12 -39.45 -4.61
CA PRO A 849 -2.86 -40.72 -5.30
C PRO A 849 -1.70 -40.59 -6.28
N ALA A 850 -0.91 -41.67 -6.37
CA ALA A 850 0.24 -41.70 -7.26
C ALA A 850 0.50 -43.14 -7.67
N ILE A 851 1.01 -43.29 -8.91
CA ILE A 851 1.34 -44.60 -9.47
C ILE A 851 2.69 -44.49 -10.16
N ALA A 852 3.36 -45.64 -10.31
CA ALA A 852 4.72 -45.62 -10.85
C ALA A 852 4.74 -45.29 -12.34
N THR A 853 3.68 -45.64 -13.07
CA THR A 853 3.67 -45.42 -14.52
C THR A 853 3.58 -43.94 -14.87
N THR A 854 2.75 -43.18 -14.16
CA THR A 854 2.65 -41.75 -14.41
C THR A 854 3.93 -41.03 -14.01
N THR A 855 4.50 -41.41 -12.86
CA THR A 855 5.72 -40.78 -12.39
C THR A 855 6.86 -40.98 -13.40
N ALA A 856 7.05 -42.21 -13.86
CA ALA A 856 8.09 -42.47 -14.85
C ALA A 856 7.81 -41.79 -16.18
N ALA A 857 6.55 -41.51 -16.48
CA ALA A 857 6.22 -40.91 -17.77
C ALA A 857 6.62 -39.44 -17.82
N VAL A 858 6.36 -38.68 -16.76
CA VAL A 858 6.66 -37.25 -16.78
C VAL A 858 8.15 -37.00 -16.60
N VAL A 859 8.83 -37.81 -15.80
CA VAL A 859 10.25 -37.61 -15.58
C VAL A 859 11.02 -37.81 -16.89
N GLY A 860 10.58 -38.78 -17.70
CA GLY A 860 11.18 -38.93 -19.02
C GLY A 860 11.02 -37.69 -19.88
N LEU A 861 9.88 -37.01 -19.75
CA LEU A 861 9.68 -35.76 -20.48
C LEU A 861 10.51 -34.62 -19.88
N VAL A 862 10.74 -34.65 -18.57
CA VAL A 862 11.54 -33.61 -17.92
C VAL A 862 12.98 -33.66 -18.41
N CYS A 863 13.56 -34.87 -18.47
CA CYS A 863 14.93 -35.01 -18.92
C CYS A 863 15.11 -34.72 -20.41
N LEU A 864 14.02 -34.74 -21.18
CA LEU A 864 14.09 -34.33 -22.57
C LEU A 864 14.41 -32.85 -22.69
N GLU A 865 13.70 -32.01 -21.92
CA GLU A 865 14.05 -30.60 -21.87
C GLU A 865 15.39 -30.37 -21.18
N LEU A 866 15.81 -31.30 -20.32
CA LEU A 866 17.13 -31.20 -19.70
C LEU A 866 18.23 -31.30 -20.73
N TYR A 867 18.02 -32.09 -21.79
CA TYR A 867 18.97 -32.11 -22.91
C TYR A 867 19.07 -30.74 -23.57
N LYS A 868 18.02 -29.93 -23.47
CA LYS A 868 18.05 -28.60 -24.06
C LYS A 868 18.72 -27.59 -23.13
N VAL A 869 18.64 -27.80 -21.82
CA VAL A 869 19.25 -26.86 -20.89
C VAL A 869 20.76 -26.98 -20.90
N VAL A 870 21.27 -28.23 -20.92
CA VAL A 870 22.71 -28.44 -20.90
C VAL A 870 23.37 -28.00 -22.21
N GLN A 871 22.59 -27.93 -23.30
CA GLN A 871 23.09 -27.46 -24.59
C GLN A 871 22.84 -25.99 -24.83
N GLY A 872 22.01 -25.34 -24.00
CA GLY A 872 21.77 -23.92 -24.12
C GLY A 872 20.94 -23.54 -25.33
N HIS A 873 19.63 -23.74 -25.22
CA HIS A 873 18.68 -23.32 -26.25
C HIS A 873 18.12 -21.95 -25.88
N ARG A 874 18.18 -21.02 -26.83
CA ARG A 874 17.68 -19.67 -26.60
C ARG A 874 16.38 -19.36 -27.34
N GLN A 875 15.93 -20.26 -28.21
CA GLN A 875 14.66 -20.08 -28.92
C GLN A 875 13.52 -20.78 -28.19
N LEU A 876 12.39 -20.10 -28.09
CA LEU A 876 11.23 -20.69 -27.42
C LEU A 876 10.63 -21.85 -28.20
N ASP A 877 10.93 -21.97 -29.49
CA ASP A 877 10.40 -23.06 -30.29
C ASP A 877 10.96 -24.41 -29.87
N SER A 878 12.15 -24.42 -29.24
CA SER A 878 12.79 -25.68 -28.91
C SER A 878 12.23 -26.31 -27.64
N TYR A 879 11.71 -25.52 -26.71
CA TYR A 879 11.20 -26.04 -25.46
C TYR A 879 9.72 -26.43 -25.56
N LYS A 880 9.34 -27.40 -24.74
CA LYS A 880 7.98 -27.92 -24.72
C LYS A 880 7.54 -28.15 -23.29
N ASN A 881 6.41 -27.58 -22.90
CA ASN A 881 5.79 -27.85 -21.62
C ASN A 881 4.79 -28.99 -21.79
N GLY A 882 4.90 -30.01 -20.96
CA GLY A 882 4.12 -31.22 -21.11
C GLY A 882 2.89 -31.26 -20.23
N PHE A 883 1.86 -31.95 -20.72
CA PHE A 883 0.63 -32.18 -19.95
C PHE A 883 0.11 -33.56 -20.33
N LEU A 884 -0.10 -34.41 -19.34
CA LEU A 884 -0.48 -35.80 -19.56
C LEU A 884 -1.72 -36.17 -18.75
N ASN A 885 -2.52 -37.08 -19.30
CA ASN A 885 -3.58 -37.75 -18.55
C ASN A 885 -3.72 -39.13 -19.19
N LEU A 886 -3.19 -40.15 -18.51
CA LEU A 886 -3.12 -41.48 -19.09
C LEU A 886 -4.45 -42.22 -19.05
N ALA A 887 -5.50 -41.65 -18.47
CA ALA A 887 -6.78 -42.31 -18.39
C ALA A 887 -7.71 -41.96 -19.56
N LEU A 888 -7.29 -41.08 -20.45
CA LEU A 888 -8.16 -40.64 -21.55
C LEU A 888 -7.91 -41.39 -22.86
N PRO A 889 -6.64 -41.48 -23.32
CA PRO A 889 -5.36 -40.90 -22.90
C PRO A 889 -5.07 -39.58 -23.61
N PHE A 890 -4.51 -38.59 -22.90
CA PHE A 890 -4.24 -37.28 -23.45
C PHE A 890 -2.76 -36.94 -23.36
N PHE A 891 -2.23 -36.36 -24.43
CA PHE A 891 -0.84 -35.91 -24.48
C PHE A 891 -0.81 -34.58 -25.21
N GLY A 892 -0.42 -33.53 -24.50
CA GLY A 892 -0.37 -32.20 -25.07
C GLY A 892 0.91 -31.50 -24.70
N PHE A 893 1.40 -30.69 -25.65
CA PHE A 893 2.64 -29.94 -25.47
C PHE A 893 2.45 -28.54 -26.01
N SER A 894 2.98 -27.55 -25.29
CA SER A 894 2.91 -26.16 -25.69
C SER A 894 4.21 -25.46 -25.33
N GLU A 895 4.65 -24.55 -26.19
CA GLU A 895 5.88 -23.83 -25.91
C GLU A 895 5.70 -22.94 -24.68
N PRO A 896 6.76 -22.78 -23.88
CA PRO A 896 6.65 -21.94 -22.69
C PRO A 896 6.40 -20.49 -23.08
N LEU A 897 5.57 -19.83 -22.29
CA LEU A 897 5.27 -18.42 -22.52
C LEU A 897 6.52 -17.57 -22.29
N ALA A 898 6.78 -16.65 -23.20
CA ALA A 898 7.84 -15.68 -22.97
C ALA A 898 7.52 -14.87 -21.72
N ALA A 899 8.57 -14.51 -20.98
CA ALA A 899 8.37 -13.76 -19.76
C ALA A 899 7.70 -12.42 -20.09
N PRO A 900 6.71 -11.99 -19.31
CA PRO A 900 5.99 -10.76 -19.64
C PRO A 900 6.93 -9.56 -19.70
N ARG A 901 6.75 -8.74 -20.72
CA ARG A 901 7.59 -7.56 -20.95
C ARG A 901 6.78 -6.31 -20.62
N HIS A 902 7.18 -5.62 -19.56
CA HIS A 902 6.57 -4.37 -19.13
C HIS A 902 7.53 -3.22 -19.44
N GLN A 903 7.02 -2.00 -19.40
CA GLN A 903 7.87 -0.86 -19.70
C GLN A 903 7.46 0.37 -18.89
N TYR A 904 8.46 1.10 -18.39
CA TYR A 904 8.28 2.41 -17.78
C TYR A 904 9.07 3.41 -18.61
N TYR A 905 8.37 4.25 -19.35
CA TYR A 905 9.01 5.28 -20.21
C TYR A 905 9.89 4.59 -21.24
N ASN A 906 11.13 5.05 -21.45
CA ASN A 906 11.98 4.52 -22.50
C ASN A 906 12.56 3.15 -22.19
N GLN A 907 12.63 2.75 -20.93
CA GLN A 907 13.18 1.44 -20.56
C GLN A 907 12.06 0.43 -20.36
N GLU A 908 12.21 -0.74 -20.98
CA GLU A 908 11.31 -1.87 -20.77
C GLU A 908 12.06 -2.95 -20.00
N TRP A 909 11.37 -3.64 -19.10
CA TRP A 909 12.05 -4.62 -18.27
C TRP A 909 11.29 -5.94 -18.31
N THR A 910 12.01 -6.99 -17.94
CA THR A 910 11.47 -8.34 -17.90
C THR A 910 11.51 -8.84 -16.46
N LEU A 911 10.76 -9.92 -16.21
CA LEU A 911 10.77 -10.53 -14.88
C LEU A 911 12.19 -10.89 -14.43
N TRP A 912 13.09 -11.16 -15.37
CA TRP A 912 14.46 -11.52 -15.07
C TRP A 912 15.40 -10.33 -14.91
N ASP A 913 14.87 -9.12 -14.89
CA ASP A 913 15.70 -7.94 -14.73
C ASP A 913 15.66 -7.43 -13.30
N ARG A 914 16.71 -6.71 -12.91
CA ARG A 914 16.91 -6.30 -11.54
C ARG A 914 17.59 -4.94 -11.52
N PHE A 915 17.44 -4.24 -10.40
CA PHE A 915 18.17 -3.00 -10.14
C PHE A 915 19.38 -3.33 -9.27
N GLU A 916 20.57 -3.00 -9.76
CA GLU A 916 21.81 -3.23 -9.03
C GLU A 916 22.22 -1.96 -8.32
N VAL A 917 22.16 -1.97 -6.99
CA VAL A 917 22.52 -0.82 -6.17
C VAL A 917 23.58 -1.25 -5.16
N GLN A 918 24.76 -0.64 -5.25
CA GLN A 918 25.85 -0.97 -4.34
C GLN A 918 25.61 -0.31 -2.99
N GLY A 919 25.43 -1.11 -1.95
CA GLY A 919 25.00 -0.57 -0.68
C GLY A 919 26.00 0.38 -0.03
N LEU A 920 27.28 -0.01 0.01
CA LEU A 920 28.27 0.87 0.62
C LEU A 920 29.17 1.60 -0.39
N GLN A 921 29.62 2.75 0.06
CA GLN A 921 30.03 3.93 -0.69
C GLN A 921 31.55 4.16 -0.80
N PRO A 922 31.96 5.20 -1.56
CA PRO A 922 33.36 5.65 -1.53
C PRO A 922 33.97 5.69 -0.14
N ASN A 923 33.22 6.16 0.86
CA ASN A 923 33.64 6.06 2.24
C ASN A 923 33.12 4.74 2.84
N GLY A 924 33.74 4.33 3.95
CA GLY A 924 33.34 3.08 4.59
C GLY A 924 31.90 3.06 5.07
N GLU A 925 31.27 4.22 5.24
CA GLU A 925 29.92 4.29 5.76
C GLU A 925 28.93 3.73 4.73
N GLU A 926 27.72 3.41 5.20
CA GLU A 926 26.70 2.83 4.34
C GLU A 926 25.85 3.93 3.70
N MET A 927 25.27 3.58 2.54
CA MET A 927 24.34 4.48 1.87
C MET A 927 23.14 4.76 2.75
N THR A 928 22.65 6.00 2.69
CA THR A 928 21.53 6.43 3.50
C THR A 928 20.23 6.34 2.69
N LEU A 929 19.11 6.59 3.38
CA LEU A 929 17.83 6.55 2.69
C LEU A 929 17.68 7.72 1.74
N LYS A 930 18.16 8.91 2.14
CA LYS A 930 18.09 10.07 1.25
C LYS A 930 18.93 9.85 0.00
N GLN A 931 20.16 9.35 0.17
CA GLN A 931 20.98 9.04 -1.00
C GLN A 931 20.33 7.98 -1.87
N PHE A 932 19.53 7.10 -1.26
CA PHE A 932 18.84 6.07 -2.02
C PHE A 932 17.75 6.68 -2.91
N LEU A 933 16.90 7.54 -2.33
CA LEU A 933 15.83 8.14 -3.10
C LEU A 933 16.38 9.03 -4.21
N ASP A 934 17.40 9.82 -3.89
CA ASP A 934 17.98 10.71 -4.90
C ASP A 934 18.77 9.94 -5.95
N TYR A 935 19.19 8.71 -5.66
CA TYR A 935 19.91 7.92 -6.66
C TYR A 935 18.99 7.54 -7.82
N PHE A 936 17.75 7.16 -7.51
CA PHE A 936 16.80 6.82 -8.57
C PHE A 936 16.24 8.04 -9.27
N LYS A 937 16.36 9.23 -8.66
CA LYS A 937 15.88 10.44 -9.32
C LYS A 937 16.87 10.97 -10.34
N THR A 938 18.16 10.77 -10.09
CA THR A 938 19.21 11.31 -10.95
C THR A 938 19.80 10.28 -11.90
N GLU A 939 19.98 9.04 -11.44
CA GLU A 939 20.59 8.01 -12.28
C GLU A 939 19.56 7.20 -13.08
N HIS A 940 18.36 7.02 -12.55
CA HIS A 940 17.33 6.22 -13.21
C HIS A 940 16.08 7.02 -13.55
N LYS A 941 15.99 8.29 -13.15
CA LYS A 941 14.82 9.14 -13.43
C LYS A 941 13.54 8.50 -12.89
N LEU A 942 13.59 8.04 -11.64
CA LEU A 942 12.46 7.40 -10.99
C LEU A 942 12.19 8.09 -9.66
N GLU A 943 11.06 8.78 -9.57
CA GLU A 943 10.63 9.40 -8.31
C GLU A 943 10.04 8.30 -7.44
N ILE A 944 10.85 7.77 -6.54
CA ILE A 944 10.41 6.65 -5.71
C ILE A 944 9.36 7.11 -4.72
N THR A 945 8.24 6.40 -4.68
CA THR A 945 7.12 6.74 -3.80
C THR A 945 6.73 5.63 -2.85
N MET A 946 7.32 4.44 -2.96
CA MET A 946 7.00 3.34 -2.04
C MET A 946 8.16 2.36 -2.06
N LEU A 947 8.78 2.14 -0.90
CA LEU A 947 9.93 1.24 -0.77
C LEU A 947 9.66 0.25 0.35
N SER A 948 9.85 -1.04 0.06
CA SER A 948 9.56 -2.07 1.05
C SER A 948 10.53 -3.23 0.85
N GLN A 949 10.92 -3.86 1.97
CA GLN A 949 11.77 -5.04 1.98
C GLN A 949 10.97 -6.18 2.60
N GLY A 950 10.51 -7.10 1.77
CA GLY A 950 9.67 -8.18 2.27
C GLY A 950 8.30 -7.65 2.65
N VAL A 951 7.88 -7.95 3.88
CA VAL A 951 6.58 -7.48 4.35
C VAL A 951 6.63 -6.11 5.03
N SER A 952 7.77 -5.71 5.55
CA SER A 952 7.89 -4.41 6.21
C SER A 952 8.10 -3.31 5.17
N MET A 953 7.49 -2.15 5.43
CA MET A 953 7.62 -1.00 4.55
C MET A 953 8.65 -0.02 5.12
N LEU A 954 9.47 0.53 4.23
CA LEU A 954 10.56 1.42 4.62
C LEU A 954 10.25 2.88 4.36
N TYR A 955 9.82 3.22 3.15
CA TYR A 955 9.51 4.59 2.79
C TYR A 955 8.25 4.62 1.94
N SER A 956 7.46 5.68 2.11
CA SER A 956 6.26 5.91 1.31
C SER A 956 5.94 7.40 1.34
N PHE A 957 5.14 7.84 0.36
CA PHE A 957 4.81 9.25 0.27
C PHE A 957 3.87 9.71 1.37
N PHE A 958 3.12 8.79 1.97
CA PHE A 958 2.15 9.13 3.01
C PHE A 958 2.68 8.88 4.42
N MET A 959 3.99 8.82 4.58
CA MET A 959 4.58 8.61 5.88
C MET A 959 4.29 9.80 6.80
N PRO A 960 4.17 9.56 8.10
CA PRO A 960 4.13 10.68 9.05
C PRO A 960 5.42 11.48 8.98
N ALA A 961 5.31 12.77 9.31
CA ALA A 961 6.49 13.63 9.25
C ALA A 961 7.58 13.16 10.21
N ALA A 962 7.19 12.65 11.37
CA ALA A 962 8.19 12.19 12.34
C ALA A 962 8.87 10.92 11.86
N LYS A 963 8.12 10.04 11.20
CA LYS A 963 8.70 8.80 10.68
C LYS A 963 9.70 9.08 9.56
N LEU A 964 9.48 10.14 8.79
CA LEU A 964 10.41 10.47 7.71
C LEU A 964 11.70 11.08 8.26
N LYS A 965 11.59 11.89 9.32
CA LYS A 965 12.77 12.55 9.88
C LYS A 965 13.76 11.54 10.44
N GLU A 966 13.27 10.56 11.20
CA GLU A 966 14.11 9.57 11.83
C GLU A 966 14.52 8.44 10.89
N ARG A 967 14.42 8.64 9.57
CA ARG A 967 14.82 7.61 8.62
C ARG A 967 15.62 8.11 7.43
N LEU A 968 15.59 9.40 7.09
CA LEU A 968 16.28 9.86 5.90
C LEU A 968 17.79 9.69 6.02
N ASP A 969 18.35 10.04 7.18
CA ASP A 969 19.80 10.00 7.36
C ASP A 969 20.32 8.65 7.85
N GLN A 970 19.44 7.71 8.18
CA GLN A 970 19.89 6.40 8.63
C GLN A 970 20.17 5.50 7.43
N PRO A 971 21.17 4.62 7.55
CA PRO A 971 21.48 3.71 6.45
C PRO A 971 20.38 2.67 6.24
N MET A 972 20.43 2.02 5.07
CA MET A 972 19.35 1.12 4.67
C MET A 972 19.25 -0.09 5.59
N THR A 973 20.38 -0.69 5.95
CA THR A 973 20.35 -1.86 6.84
C THR A 973 19.82 -1.47 8.22
N GLU A 974 20.10 -0.25 8.67
CA GLU A 974 19.60 0.20 9.96
C GLU A 974 18.10 0.40 9.94
N ILE A 975 17.53 0.73 8.78
CA ILE A 975 16.09 0.93 8.67
C ILE A 975 15.36 -0.41 8.68
N VAL A 976 15.85 -1.37 7.90
CA VAL A 976 15.20 -2.68 7.84
C VAL A 976 15.23 -3.37 9.19
N SER A 977 16.37 -3.29 9.89
CA SER A 977 16.47 -3.89 11.21
C SER A 977 15.64 -3.14 12.24
N ARG A 978 15.33 -1.86 11.98
CA ARG A 978 14.53 -1.07 12.91
C ARG A 978 13.06 -1.44 12.84
N VAL A 979 12.56 -1.69 11.62
CA VAL A 979 11.14 -1.97 11.44
C VAL A 979 10.83 -3.45 11.60
N SER A 980 11.72 -4.33 11.11
CA SER A 980 11.49 -5.76 11.17
C SER A 980 11.75 -6.37 12.54
N LYS A 981 12.19 -5.58 13.51
CA LYS A 981 12.48 -6.02 14.87
C LYS A 981 13.57 -7.09 14.92
N ARG A 982 14.24 -7.35 13.80
CA ARG A 982 15.29 -8.36 13.73
C ARG A 982 16.47 -7.76 13.00
N LYS A 983 17.64 -7.78 13.63
CA LYS A 983 18.86 -7.29 12.99
C LYS A 983 19.26 -8.21 11.86
N LEU A 984 19.98 -7.65 10.88
CA LEU A 984 20.42 -8.44 9.74
C LEU A 984 21.55 -9.37 10.15
N GLY A 985 21.48 -10.61 9.69
CA GLY A 985 22.50 -11.58 10.03
C GLY A 985 23.82 -11.32 9.33
N ARG A 986 24.85 -11.99 9.85
CA ARG A 986 26.18 -11.86 9.27
C ARG A 986 26.26 -12.50 7.89
N HIS A 987 25.39 -13.48 7.62
CA HIS A 987 25.40 -14.15 6.32
C HIS A 987 24.75 -13.33 5.22
N VAL A 988 23.99 -12.30 5.57
CA VAL A 988 23.30 -11.50 4.56
C VAL A 988 24.32 -10.72 3.76
N ARG A 989 24.39 -10.99 2.45
CA ARG A 989 25.30 -10.29 1.56
C ARG A 989 24.61 -9.33 0.61
N ALA A 990 23.33 -9.55 0.32
CA ALA A 990 22.54 -8.63 -0.50
C ALA A 990 21.14 -8.53 0.07
N LEU A 991 20.34 -7.65 -0.52
CA LEU A 991 19.01 -7.38 -0.02
C LEU A 991 18.08 -7.08 -1.19
N VAL A 992 16.88 -7.64 -1.14
CA VAL A 992 15.88 -7.48 -2.18
C VAL A 992 14.89 -6.42 -1.75
N LEU A 993 14.65 -5.44 -2.61
CA LEU A 993 13.77 -4.32 -2.32
C LEU A 993 12.70 -4.20 -3.39
N GLU A 994 11.47 -3.91 -2.95
CA GLU A 994 10.35 -3.71 -3.85
C GLU A 994 10.05 -2.21 -3.94
N LEU A 995 9.70 -1.76 -5.14
CA LEU A 995 9.49 -0.35 -5.41
C LEU A 995 8.14 -0.12 -6.06
N CYS A 996 7.56 1.05 -5.80
CA CYS A 996 6.36 1.55 -6.48
C CYS A 996 6.60 3.04 -6.69
N CYS A 997 7.25 3.39 -7.79
CA CYS A 997 7.72 4.74 -8.02
C CYS A 997 6.92 5.42 -9.13
N ASN A 998 7.26 6.68 -9.40
CA ASN A 998 6.66 7.45 -10.48
C ASN A 998 7.73 7.71 -11.53
N ASP A 999 7.38 7.50 -12.80
CA ASP A 999 8.32 7.66 -13.88
C ASP A 999 8.29 9.09 -14.43
N GLU A 1000 9.15 9.34 -15.41
CA GLU A 1000 9.21 10.64 -16.05
C GLU A 1000 7.94 10.96 -16.84
N SER A 1001 7.06 9.98 -17.08
CA SER A 1001 5.84 10.24 -17.81
C SER A 1001 4.86 11.08 -17.00
N GLY A 1002 4.74 10.81 -15.71
CA GLY A 1002 3.79 11.53 -14.90
C GLY A 1002 3.09 10.71 -13.82
N GLU A 1003 2.63 9.51 -14.16
CA GLU A 1003 1.76 8.74 -13.29
C GLU A 1003 2.49 7.53 -12.73
N ASP A 1004 1.81 6.84 -11.80
CA ASP A 1004 2.40 5.70 -11.11
C ASP A 1004 2.73 4.59 -12.09
N VAL A 1005 3.76 3.81 -11.76
CA VAL A 1005 4.28 2.80 -12.68
C VAL A 1005 5.04 1.77 -11.85
N GLU A 1006 5.02 0.52 -12.31
CA GLU A 1006 5.73 -0.56 -11.66
C GLU A 1006 7.14 -0.66 -12.23
N VAL A 1007 8.07 -1.15 -11.42
CA VAL A 1007 9.48 -1.19 -11.78
C VAL A 1007 10.10 -2.48 -11.24
N PRO A 1008 11.27 -2.86 -11.75
CA PRO A 1008 11.93 -4.07 -11.24
C PRO A 1008 12.27 -3.95 -9.76
N TYR A 1009 12.72 -5.07 -9.21
CA TYR A 1009 13.18 -5.10 -7.83
C TYR A 1009 14.64 -4.67 -7.76
N VAL A 1010 15.12 -4.48 -6.54
CA VAL A 1010 16.46 -3.95 -6.31
C VAL A 1010 17.26 -5.01 -5.57
N ARG A 1011 18.49 -5.25 -6.03
CA ARG A 1011 19.45 -6.09 -5.33
C ARG A 1011 20.38 -5.14 -4.58
N TYR A 1012 20.17 -4.99 -3.28
CA TYR A 1012 20.93 -4.05 -2.46
C TYR A 1012 22.05 -4.83 -1.77
N THR A 1013 23.24 -4.80 -2.37
CA THR A 1013 24.38 -5.53 -1.82
C THR A 1013 24.98 -4.76 -0.66
N ILE A 1014 25.03 -5.39 0.51
CA ILE A 1014 25.58 -4.75 1.69
C ILE A 1014 27.09 -4.58 1.57
N MET B 5 -18.14 -19.44 -36.11
CA MET B 5 -17.75 -20.84 -36.24
C MET B 5 -18.11 -21.63 -34.99
N GLN B 6 -17.59 -22.86 -34.90
CA GLN B 6 -17.91 -23.77 -33.80
C GLN B 6 -16.62 -24.44 -33.37
N ILE B 7 -16.16 -24.13 -32.16
CA ILE B 7 -14.90 -24.65 -31.65
C ILE B 7 -15.17 -25.54 -30.44
N PHE B 8 -14.23 -26.43 -30.16
CA PHE B 8 -14.34 -27.38 -29.06
C PHE B 8 -13.26 -27.11 -28.02
N VAL B 9 -13.60 -27.34 -26.76
CA VAL B 9 -12.69 -27.19 -25.64
C VAL B 9 -12.76 -28.46 -24.80
N LYS B 10 -11.69 -29.24 -24.79
CA LYS B 10 -11.62 -30.49 -24.06
C LYS B 10 -10.74 -30.31 -22.83
N THR B 11 -11.21 -30.81 -21.68
CA THR B 11 -10.49 -30.65 -20.43
C THR B 11 -9.67 -31.91 -20.13
N LEU B 12 -9.09 -31.96 -18.94
CA LEU B 12 -8.35 -33.13 -18.48
C LEU B 12 -9.28 -34.19 -17.88
N THR B 13 -10.59 -34.03 -17.99
CA THR B 13 -11.54 -35.03 -17.53
C THR B 13 -12.27 -35.69 -18.68
N GLY B 14 -11.82 -35.50 -19.91
CA GLY B 14 -12.53 -35.95 -21.09
C GLY B 14 -13.76 -35.16 -21.43
N LYS B 15 -14.08 -34.14 -20.64
CA LYS B 15 -15.27 -33.32 -20.88
C LYS B 15 -15.04 -32.41 -22.07
N THR B 16 -15.85 -32.58 -23.12
CA THR B 16 -15.75 -31.78 -24.32
C THR B 16 -16.88 -30.75 -24.35
N ILE B 17 -16.51 -29.48 -24.53
CA ILE B 17 -17.45 -28.36 -24.50
C ILE B 17 -17.61 -27.83 -25.92
N THR B 18 -18.83 -27.41 -26.25
CA THR B 18 -19.14 -26.84 -27.55
C THR B 18 -19.40 -25.35 -27.39
N LEU B 19 -18.73 -24.55 -28.21
CA LEU B 19 -18.85 -23.10 -28.16
C LEU B 19 -19.26 -22.54 -29.51
N GLU B 20 -20.00 -21.43 -29.48
CA GLU B 20 -20.42 -20.70 -30.66
C GLU B 20 -19.70 -19.36 -30.62
N VAL B 21 -18.65 -19.22 -31.43
CA VAL B 21 -17.84 -18.02 -31.50
C VAL B 21 -17.69 -17.63 -32.97
N GLU B 22 -16.92 -16.57 -33.19
CA GLU B 22 -16.61 -16.07 -34.53
C GLU B 22 -15.12 -15.86 -34.65
N PRO B 23 -14.57 -15.89 -35.87
CA PRO B 23 -13.12 -15.70 -36.02
C PRO B 23 -12.64 -14.33 -35.59
N SER B 24 -13.54 -13.35 -35.46
CA SER B 24 -13.18 -12.01 -35.01
C SER B 24 -13.08 -11.91 -33.49
N ASP B 25 -13.51 -12.94 -32.76
CA ASP B 25 -13.46 -12.92 -31.31
C ASP B 25 -12.02 -13.01 -30.83
N THR B 26 -11.79 -12.51 -29.62
CA THR B 26 -10.48 -12.53 -29.00
C THR B 26 -10.36 -13.69 -28.03
N ILE B 27 -9.12 -13.93 -27.57
CA ILE B 27 -8.89 -14.97 -26.57
C ILE B 27 -9.55 -14.60 -25.26
N GLU B 28 -9.56 -13.30 -24.92
CA GLU B 28 -10.17 -12.87 -23.66
C GLU B 28 -11.67 -13.12 -23.66
N ASN B 29 -12.33 -12.95 -24.80
CA ASN B 29 -13.77 -13.21 -24.87
C ASN B 29 -14.06 -14.71 -24.81
N VAL B 30 -13.14 -15.54 -25.29
CA VAL B 30 -13.34 -16.98 -25.21
C VAL B 30 -13.28 -17.45 -23.76
N LYS B 31 -12.30 -16.93 -22.99
CA LYS B 31 -12.21 -17.31 -21.59
C LYS B 31 -13.43 -16.84 -20.80
N ALA B 32 -14.08 -15.76 -21.25
CA ALA B 32 -15.30 -15.31 -20.60
C ALA B 32 -16.46 -16.25 -20.86
N LYS B 33 -16.49 -16.90 -22.03
CA LYS B 33 -17.56 -17.85 -22.32
C LYS B 33 -17.38 -19.17 -21.58
N ILE B 34 -16.13 -19.53 -21.25
CA ILE B 34 -15.91 -20.76 -20.50
C ILE B 34 -16.41 -20.62 -19.07
N GLN B 35 -16.26 -19.42 -18.48
CA GLN B 35 -16.75 -19.21 -17.12
C GLN B 35 -18.26 -19.27 -17.04
N ASP B 36 -18.96 -18.91 -18.11
CA ASP B 36 -20.42 -18.96 -18.13
C ASP B 36 -20.97 -20.38 -18.28
N LYS B 37 -20.13 -21.36 -18.63
CA LYS B 37 -20.56 -22.74 -18.76
C LYS B 37 -19.96 -23.66 -17.71
N GLU B 38 -18.73 -23.41 -17.28
CA GLU B 38 -18.04 -24.25 -16.31
C GLU B 38 -17.82 -23.58 -14.96
N GLY B 39 -17.56 -22.28 -14.94
CA GLY B 39 -17.34 -21.57 -13.70
C GLY B 39 -15.90 -21.44 -13.29
N ILE B 40 -14.98 -21.41 -14.24
CA ILE B 40 -13.54 -21.30 -13.97
C ILE B 40 -13.12 -19.87 -14.32
N PRO B 41 -12.49 -19.15 -13.40
CA PRO B 41 -12.02 -17.80 -13.73
C PRO B 41 -10.99 -17.85 -14.84
N PRO B 42 -10.88 -16.78 -15.63
CA PRO B 42 -9.91 -16.77 -16.73
C PRO B 42 -8.47 -16.90 -16.27
N ASP B 43 -8.16 -16.49 -15.03
CA ASP B 43 -6.81 -16.62 -14.51
C ASP B 43 -6.43 -18.06 -14.21
N GLN B 44 -7.38 -18.99 -14.23
CA GLN B 44 -7.13 -20.39 -13.93
C GLN B 44 -7.31 -21.29 -15.15
N GLN B 45 -7.43 -20.71 -16.34
CA GLN B 45 -7.61 -21.48 -17.56
C GLN B 45 -6.29 -21.53 -18.32
N ARG B 46 -5.87 -22.73 -18.70
CA ARG B 46 -4.66 -22.95 -19.48
C ARG B 46 -5.09 -23.61 -20.79
N LEU B 47 -5.12 -22.84 -21.87
CA LEU B 47 -5.59 -23.33 -23.16
C LEU B 47 -4.42 -23.62 -24.08
N ILE B 48 -4.48 -24.74 -24.78
CA ILE B 48 -3.44 -25.21 -25.68
C ILE B 48 -4.05 -25.43 -27.05
N PHE B 49 -3.33 -25.00 -28.08
CA PHE B 49 -3.77 -25.23 -29.46
C PHE B 49 -2.55 -25.23 -30.37
N ALA B 50 -2.33 -26.35 -31.07
CA ALA B 50 -1.27 -26.48 -32.06
C ALA B 50 0.09 -26.16 -31.45
N GLY B 51 0.31 -26.62 -30.22
CA GLY B 51 1.58 -26.43 -29.55
C GLY B 51 1.82 -25.04 -28.99
N LYS B 52 0.81 -24.18 -28.97
CA LYS B 52 0.93 -22.84 -28.41
C LYS B 52 -0.11 -22.63 -27.32
N GLN B 53 0.21 -21.74 -26.38
CA GLN B 53 -0.67 -21.42 -25.27
C GLN B 53 -1.38 -20.11 -25.54
N LEU B 54 -2.71 -20.12 -25.38
CA LEU B 54 -3.51 -18.94 -25.71
C LEU B 54 -3.32 -17.85 -24.66
N GLU B 55 -2.85 -16.69 -25.09
CA GLU B 55 -2.62 -15.56 -24.20
C GLU B 55 -3.72 -14.51 -24.40
N ASP B 56 -3.95 -13.74 -23.35
CA ASP B 56 -4.94 -12.67 -23.42
C ASP B 56 -4.42 -11.54 -24.32
N GLY B 57 -5.36 -10.81 -24.92
CA GLY B 57 -5.04 -9.76 -25.85
C GLY B 57 -4.99 -10.19 -27.30
N ARG B 58 -4.81 -11.49 -27.56
CA ARG B 58 -4.77 -12.00 -28.92
C ARG B 58 -6.18 -12.36 -29.38
N THR B 59 -6.30 -12.72 -30.66
CA THR B 59 -7.56 -13.11 -31.26
C THR B 59 -7.47 -14.56 -31.73
N LEU B 60 -8.63 -15.11 -32.12
CA LEU B 60 -8.65 -16.47 -32.63
C LEU B 60 -8.00 -16.58 -34.00
N SER B 61 -7.88 -15.47 -34.73
CA SER B 61 -7.24 -15.50 -36.04
C SER B 61 -5.73 -15.44 -35.94
N ASP B 62 -5.19 -14.93 -34.84
CA ASP B 62 -3.73 -14.88 -34.69
C ASP B 62 -3.14 -16.28 -34.55
N TYR B 63 -3.79 -17.13 -33.74
CA TYR B 63 -3.36 -18.51 -33.60
C TYR B 63 -3.86 -19.40 -34.73
N ASN B 64 -4.55 -18.82 -35.71
CA ASN B 64 -5.10 -19.55 -36.84
C ASN B 64 -6.01 -20.69 -36.37
N ILE B 65 -7.21 -20.34 -35.93
CA ILE B 65 -8.20 -21.30 -35.45
C ILE B 65 -9.36 -21.31 -36.43
N GLN B 66 -9.47 -22.39 -37.20
CA GLN B 66 -10.53 -22.55 -38.18
C GLN B 66 -11.75 -23.19 -37.51
N LYS B 67 -12.76 -23.53 -38.31
CA LYS B 67 -13.94 -24.19 -37.80
C LYS B 67 -13.60 -25.61 -37.35
N GLU B 68 -14.38 -26.12 -36.39
CA GLU B 68 -14.25 -27.49 -35.89
C GLU B 68 -12.88 -27.74 -35.27
N SER B 69 -12.27 -26.70 -34.69
CA SER B 69 -10.99 -26.84 -34.03
C SER B 69 -11.17 -27.18 -32.56
N THR B 70 -10.13 -27.77 -31.98
CA THR B 70 -10.16 -28.25 -30.60
C THR B 70 -9.15 -27.50 -29.76
N LEU B 71 -9.61 -26.98 -28.62
CA LEU B 71 -8.75 -26.40 -27.60
C LEU B 71 -8.68 -27.35 -26.42
N HIS B 72 -7.58 -27.27 -25.66
CA HIS B 72 -7.33 -28.16 -24.54
C HIS B 72 -7.17 -27.35 -23.27
N LEU B 73 -8.04 -27.60 -22.29
CA LEU B 73 -8.01 -26.94 -20.99
C LEU B 73 -7.23 -27.83 -20.03
N VAL B 74 -5.94 -27.56 -19.87
CA VAL B 74 -5.05 -28.40 -19.06
C VAL B 74 -4.85 -27.79 -17.69
N LEU B 75 -4.11 -28.48 -16.83
CA LEU B 75 -3.81 -28.03 -15.47
C LEU B 75 -2.41 -28.48 -15.08
N ARG B 76 -1.85 -27.80 -14.08
CA ARG B 76 -0.63 -28.22 -13.44
C ARG B 76 -0.96 -28.90 -12.12
N LEU B 77 -0.08 -29.79 -11.68
CA LEU B 77 -0.38 -30.66 -10.55
C LEU B 77 0.66 -30.50 -9.45
N ARG B 78 0.29 -31.00 -8.28
CA ARG B 78 1.02 -30.75 -7.04
C ARG B 78 1.84 -31.94 -6.55
N GLY B 79 1.33 -33.16 -6.68
CA GLY B 79 2.02 -34.31 -6.13
C GLY B 79 3.33 -34.59 -6.86
N GLY B 80 4.19 -35.36 -6.18
CA GLY B 80 5.49 -35.69 -6.72
C GLY B 80 6.30 -36.67 -5.88
N ASP C 6 -1.84 54.34 -10.36
CA ASP C 6 -1.46 55.59 -9.71
C ASP C 6 -1.23 55.40 -8.22
N ILE C 7 -1.47 54.18 -7.73
CA ILE C 7 -1.30 53.84 -6.32
C ILE C 7 0.10 53.27 -6.10
N ASP C 8 0.66 53.56 -4.93
CA ASP C 8 2.03 53.16 -4.61
C ASP C 8 2.05 51.67 -4.29
N GLU C 9 2.46 50.86 -5.26
CA GLU C 9 2.54 49.43 -5.03
C GLU C 9 3.67 49.04 -4.08
N GLY C 10 4.67 49.92 -3.90
CA GLY C 10 5.76 49.60 -2.99
C GLY C 10 5.35 49.65 -1.53
N LEU C 11 4.44 50.55 -1.19
CA LEU C 11 4.01 50.71 0.19
C LEU C 11 2.85 49.78 0.54
N TYR C 12 1.85 49.69 -0.33
CA TYR C 12 0.66 48.89 -0.07
C TYR C 12 0.77 47.48 -0.62
N SER C 13 2.00 46.95 -0.78
CA SER C 13 2.17 45.65 -1.42
C SER C 13 1.47 44.54 -0.62
N ARG C 14 1.75 44.44 0.67
CA ARG C 14 1.16 43.40 1.49
C ARG C 14 -0.34 43.60 1.67
N GLN C 15 -0.85 44.80 1.44
CA GLN C 15 -2.27 45.07 1.59
C GLN C 15 -3.05 44.86 0.31
N LEU C 16 -2.43 45.08 -0.85
CA LEU C 16 -3.11 44.83 -2.12
C LEU C 16 -3.45 43.36 -2.31
N TYR C 17 -2.83 42.47 -1.53
CA TYR C 17 -3.14 41.04 -1.59
C TYR C 17 -4.30 40.66 -0.69
N VAL C 18 -4.90 41.63 0.00
CA VAL C 18 -6.09 41.37 0.81
C VAL C 18 -7.27 42.25 0.41
N LEU C 19 -7.07 43.28 -0.41
CA LEU C 19 -8.13 44.18 -0.82
C LEU C 19 -8.21 44.33 -2.33
N GLY C 20 -7.07 44.30 -3.00
CA GLY C 20 -7.04 44.43 -4.44
C GLY C 20 -6.99 45.88 -4.90
N HIS C 21 -6.54 46.05 -6.15
CA HIS C 21 -6.41 47.40 -6.70
C HIS C 21 -7.76 48.09 -6.82
N GLU C 22 -8.82 47.34 -7.12
CA GLU C 22 -10.12 47.96 -7.30
C GLU C 22 -10.63 48.54 -5.99
N ALA C 23 -10.57 47.76 -4.91
CA ALA C 23 -10.98 48.27 -3.60
C ALA C 23 -9.97 49.27 -3.03
N MET C 24 -8.71 49.21 -3.47
CA MET C 24 -7.73 50.18 -2.99
C MET C 24 -8.00 51.56 -3.56
N LYS C 25 -8.33 51.65 -4.85
CA LYS C 25 -8.64 52.93 -5.46
C LYS C 25 -9.87 53.55 -4.82
N ARG C 26 -10.81 52.73 -4.35
CA ARG C 26 -11.99 53.24 -3.66
C ARG C 26 -11.66 53.80 -2.28
N LEU C 27 -10.52 53.44 -1.71
CA LEU C 27 -10.09 54.05 -0.46
C LEU C 27 -9.44 55.41 -0.70
N GLN C 28 -8.74 55.57 -1.83
CA GLN C 28 -8.04 56.82 -2.11
C GLN C 28 -8.99 58.01 -2.20
N THR C 29 -10.29 57.76 -2.40
CA THR C 29 -11.25 58.84 -2.56
C THR C 29 -12.37 58.75 -1.53
N SER C 30 -12.03 58.51 -0.27
CA SER C 30 -13.03 58.40 0.79
C SER C 30 -12.46 59.02 2.07
N SER C 31 -13.13 60.04 2.57
CA SER C 31 -12.72 60.71 3.80
C SER C 31 -13.44 60.11 5.00
N VAL C 32 -12.69 59.91 6.09
CA VAL C 32 -13.20 59.27 7.30
C VAL C 32 -13.08 60.25 8.46
N LEU C 33 -14.11 60.27 9.30
CA LEU C 33 -14.13 61.07 10.52
C LEU C 33 -14.10 60.15 11.72
N VAL C 34 -13.15 60.40 12.63
CA VAL C 34 -13.00 59.64 13.86
C VAL C 34 -13.25 60.60 15.00
N SER C 35 -14.33 60.36 15.75
CA SER C 35 -14.75 61.21 16.85
C SER C 35 -14.42 60.53 18.18
N GLY C 36 -13.66 61.23 19.01
CA GLY C 36 -13.31 60.70 20.33
C GLY C 36 -12.00 59.94 20.38
N LEU C 37 -10.94 60.62 20.78
CA LEU C 37 -9.60 60.03 20.82
C LEU C 37 -9.19 59.64 22.23
N ARG C 38 -10.03 58.88 22.91
CA ARG C 38 -9.72 58.42 24.27
C ARG C 38 -8.82 57.19 24.30
N GLY C 39 -8.54 56.58 23.15
CA GLY C 39 -7.68 55.41 23.11
C GLY C 39 -8.17 54.42 22.09
N LEU C 40 -9.49 54.22 22.06
CA LEU C 40 -10.08 53.42 21.00
C LEU C 40 -10.04 54.18 19.68
N GLY C 41 -10.15 55.50 19.72
CA GLY C 41 -10.15 56.29 18.50
C GLY C 41 -8.79 56.34 17.84
N VAL C 42 -7.72 56.46 18.65
CA VAL C 42 -6.40 56.51 18.06
C VAL C 42 -6.04 55.15 17.47
N GLU C 43 -6.55 54.07 18.06
CA GLU C 43 -6.31 52.74 17.49
C GLU C 43 -7.06 52.58 16.17
N ILE C 44 -8.32 53.01 16.12
CA ILE C 44 -9.07 52.97 14.87
C ILE C 44 -8.42 53.85 13.82
N ALA C 45 -8.01 55.06 14.21
CA ALA C 45 -7.38 55.97 13.26
C ALA C 45 -6.03 55.47 12.80
N LYS C 46 -5.34 54.69 13.64
CA LYS C 46 -4.02 54.20 13.26
C LYS C 46 -4.10 53.28 12.04
N ASN C 47 -5.00 52.29 12.08
CA ASN C 47 -5.09 51.35 10.97
C ASN C 47 -5.69 51.99 9.74
N ILE C 48 -6.55 53.01 9.92
CA ILE C 48 -7.16 53.70 8.77
C ILE C 48 -6.12 54.51 8.01
N ILE C 49 -5.25 55.23 8.72
CA ILE C 49 -4.20 56.00 8.07
C ILE C 49 -3.21 55.08 7.37
N LEU C 50 -2.87 53.96 8.02
CA LEU C 50 -2.00 52.99 7.38
C LEU C 50 -2.68 52.33 6.18
N GLY C 51 -4.01 52.23 6.19
CA GLY C 51 -4.72 51.65 5.07
C GLY C 51 -4.69 52.51 3.82
N GLY C 52 -4.59 53.82 3.98
CA GLY C 52 -4.44 54.71 2.86
C GLY C 52 -5.72 55.28 2.30
N VAL C 53 -6.51 55.93 3.15
CA VAL C 53 -7.75 56.57 2.70
C VAL C 53 -7.44 57.93 2.11
N LYS C 54 -8.48 58.70 1.79
CA LYS C 54 -8.27 60.02 1.21
C LYS C 54 -7.76 61.01 2.24
N ALA C 55 -8.46 61.13 3.37
CA ALA C 55 -8.08 62.05 4.43
C ALA C 55 -8.82 61.64 5.69
N VAL C 56 -8.16 61.80 6.83
CA VAL C 56 -8.73 61.47 8.13
C VAL C 56 -8.92 62.76 8.91
N THR C 57 -10.06 62.86 9.59
CA THR C 57 -10.36 63.98 10.46
C THR C 57 -10.64 63.45 11.86
N LEU C 58 -9.92 63.97 12.84
CA LEU C 58 -10.09 63.58 14.22
C LEU C 58 -11.11 64.48 14.90
N HIS C 59 -11.55 64.08 16.09
CA HIS C 59 -12.53 64.85 16.83
C HIS C 59 -12.53 64.41 18.28
N ASP C 60 -12.61 65.38 19.18
CA ASP C 60 -12.69 65.11 20.60
C ASP C 60 -13.10 66.39 21.32
N GLN C 61 -13.93 66.25 22.34
CA GLN C 61 -14.40 67.38 23.13
C GLN C 61 -13.80 67.44 24.52
N GLY C 62 -13.31 66.32 25.05
CA GLY C 62 -12.71 66.31 26.35
C GLY C 62 -11.22 66.62 26.32
N THR C 63 -10.71 67.03 27.47
CA THR C 63 -9.29 67.33 27.57
C THR C 63 -8.51 66.04 27.83
N ALA C 64 -7.23 66.06 27.48
CA ALA C 64 -6.38 64.89 27.69
C ALA C 64 -6.18 64.72 29.19
N GLN C 65 -7.20 64.16 29.83
CA GLN C 65 -7.19 63.94 31.27
C GLN C 65 -6.37 62.70 31.61
N TRP C 66 -6.16 62.48 32.89
CA TRP C 66 -5.48 61.28 33.35
C TRP C 66 -6.37 60.07 33.09
N ALA C 67 -5.87 58.89 33.48
CA ALA C 67 -6.57 57.62 33.28
C ALA C 67 -6.84 57.32 31.81
N ASP C 68 -6.43 58.20 30.90
CA ASP C 68 -6.53 57.96 29.48
C ASP C 68 -5.21 57.52 28.86
N LEU C 69 -4.12 57.56 29.63
CA LEU C 69 -2.81 57.16 29.17
C LEU C 69 -2.59 55.66 29.25
N SER C 70 -3.56 54.92 29.81
CA SER C 70 -3.46 53.47 29.91
C SER C 70 -3.65 52.79 28.56
N SER C 71 -4.14 53.51 27.55
CA SER C 71 -4.34 52.94 26.23
C SER C 71 -3.95 53.87 25.09
N GLN C 72 -4.04 55.18 25.25
CA GLN C 72 -3.63 56.12 24.20
C GLN C 72 -2.10 56.15 24.16
N PHE C 73 -1.51 55.52 23.15
CA PHE C 73 -0.06 55.44 23.03
C PHE C 73 0.55 56.70 22.43
N TYR C 74 -0.25 57.73 22.16
CA TYR C 74 0.26 58.99 21.65
C TYR C 74 0.05 60.14 22.62
N LEU C 75 -0.64 59.91 23.73
CA LEU C 75 -0.81 60.91 24.78
C LEU C 75 0.37 60.77 25.73
N ARG C 76 1.35 61.66 25.58
CA ARG C 76 2.50 61.66 26.46
C ARG C 76 2.11 62.17 27.85
N GLU C 77 3.00 61.96 28.82
CA GLU C 77 2.74 62.40 30.18
C GLU C 77 2.87 63.91 30.35
N GLU C 78 3.43 64.60 29.36
CA GLU C 78 3.59 66.06 29.40
C GLU C 78 2.59 66.79 28.53
N ASP C 79 1.57 66.08 28.01
CA ASP C 79 0.50 66.70 27.24
C ASP C 79 -0.84 66.62 27.98
N ILE C 80 -0.82 66.27 29.26
CA ILE C 80 -2.05 66.10 30.02
C ILE C 80 -2.67 67.46 30.32
N GLY C 81 -3.95 67.60 29.99
CA GLY C 81 -4.68 68.84 30.13
C GLY C 81 -5.05 69.48 28.82
N LYS C 82 -4.33 69.15 27.75
CA LYS C 82 -4.63 69.68 26.42
C LYS C 82 -5.77 68.89 25.78
N ASN C 83 -6.09 69.23 24.55
CA ASN C 83 -7.11 68.52 23.79
C ASN C 83 -6.50 67.31 23.11
N ARG C 84 -7.16 66.15 23.25
CA ARG C 84 -6.58 64.91 22.75
C ARG C 84 -6.42 64.92 21.24
N ALA C 85 -7.31 65.58 20.51
CA ALA C 85 -7.25 65.56 19.06
C ALA C 85 -6.10 66.41 18.53
N GLU C 86 -5.73 67.47 19.25
CA GLU C 86 -4.69 68.37 18.76
C GLU C 86 -3.29 67.81 18.99
N VAL C 87 -3.07 67.16 20.13
CA VAL C 87 -1.73 66.69 20.47
C VAL C 87 -1.35 65.45 19.67
N SER C 88 -2.29 64.53 19.47
CA SER C 88 -2.03 63.30 18.75
C SER C 88 -2.18 63.44 17.24
N GLN C 89 -2.50 64.65 16.75
CA GLN C 89 -2.63 64.84 15.30
C GLN C 89 -1.30 64.72 14.58
N PRO C 90 -0.22 65.41 14.98
CA PRO C 90 1.04 65.23 14.25
C PRO C 90 1.62 63.84 14.37
N ARG C 91 1.32 63.12 15.46
CA ARG C 91 1.84 61.77 15.61
C ARG C 91 1.13 60.79 14.68
N LEU C 92 -0.19 60.91 14.55
CA LEU C 92 -0.93 60.06 13.62
C LEU C 92 -0.64 60.43 12.18
N ALA C 93 -0.42 61.72 11.90
CA ALA C 93 -0.12 62.15 10.54
C ALA C 93 1.23 61.66 10.04
N GLU C 94 2.02 61.04 10.91
CA GLU C 94 3.34 60.55 10.56
C GLU C 94 3.32 59.12 10.03
N LEU C 95 2.22 58.39 10.26
CA LEU C 95 2.15 56.99 9.83
C LEU C 95 2.13 56.86 8.31
N ASN C 96 1.37 57.71 7.64
CA ASN C 96 1.23 57.68 6.18
C ASN C 96 1.42 59.08 5.63
N SER C 97 2.42 59.26 4.78
CA SER C 97 2.67 60.54 4.12
C SER C 97 1.73 60.79 2.94
N TYR C 98 0.76 59.90 2.71
CA TYR C 98 -0.21 60.06 1.64
C TYR C 98 -1.60 60.43 2.12
N VAL C 99 -1.84 60.38 3.43
CA VAL C 99 -3.17 60.62 4.00
C VAL C 99 -3.12 61.88 4.87
N PRO C 100 -3.67 63.00 4.42
CA PRO C 100 -3.69 64.20 5.27
C PRO C 100 -4.61 64.00 6.47
N VAL C 101 -4.08 64.29 7.66
CA VAL C 101 -4.78 64.10 8.92
C VAL C 101 -5.06 65.46 9.53
N THR C 102 -6.29 65.64 10.01
CA THR C 102 -6.73 66.88 10.64
C THR C 102 -7.29 66.56 12.02
N ALA C 103 -7.40 67.59 12.85
CA ALA C 103 -7.78 67.42 14.24
C ALA C 103 -9.09 68.08 14.61
N TYR C 104 -9.25 69.38 14.34
CA TYR C 104 -10.49 70.10 14.58
C TYR C 104 -10.83 70.20 16.07
N THR C 105 -11.58 71.22 16.47
CA THR C 105 -11.78 71.56 17.87
C THR C 105 -13.20 71.31 18.35
N GLY C 106 -13.82 70.23 17.88
CA GLY C 106 -15.05 69.72 18.44
C GLY C 106 -16.37 70.43 18.16
N PRO C 107 -16.59 70.95 16.93
CA PRO C 107 -17.91 71.54 16.65
C PRO C 107 -18.72 70.66 15.72
N LEU C 108 -19.74 69.99 16.25
CA LEU C 108 -20.49 68.96 15.51
C LEU C 108 -21.71 69.59 14.85
N VAL C 109 -21.53 70.05 13.62
CA VAL C 109 -22.62 70.63 12.84
C VAL C 109 -22.82 69.79 11.59
N GLU C 110 -24.00 69.94 10.97
CA GLU C 110 -24.31 69.19 9.76
C GLU C 110 -23.47 69.65 8.58
N ASP C 111 -23.06 70.93 8.57
CA ASP C 111 -22.24 71.42 7.47
C ASP C 111 -20.82 70.85 7.51
N PHE C 112 -20.37 70.43 8.69
CA PHE C 112 -19.04 69.83 8.79
C PHE C 112 -19.06 68.36 8.37
N LEU C 113 -20.15 67.65 8.67
CA LEU C 113 -20.28 66.24 8.34
C LEU C 113 -20.57 66.01 6.86
N SER C 114 -20.81 67.06 6.08
CA SER C 114 -21.20 66.89 4.68
C SER C 114 -20.04 66.46 3.80
N GLY C 115 -18.80 66.74 4.21
CA GLY C 115 -17.64 66.42 3.39
C GLY C 115 -16.99 65.10 3.73
N PHE C 116 -17.70 64.23 4.44
CA PHE C 116 -17.16 62.94 4.85
C PHE C 116 -18.03 61.81 4.34
N GLN C 117 -17.39 60.65 4.10
CA GLN C 117 -18.09 59.44 3.67
C GLN C 117 -18.31 58.45 4.81
N VAL C 118 -17.33 58.30 5.69
CA VAL C 118 -17.41 57.40 6.84
C VAL C 118 -17.24 58.20 8.12
N VAL C 119 -18.05 57.87 9.12
CA VAL C 119 -18.03 58.55 10.41
C VAL C 119 -17.97 57.50 11.51
N VAL C 120 -16.99 57.63 12.39
CA VAL C 120 -16.78 56.69 13.49
C VAL C 120 -17.06 57.43 14.80
N LEU C 121 -17.97 56.89 15.60
CA LEU C 121 -18.38 57.49 16.86
C LEU C 121 -17.81 56.65 18.01
N THR C 122 -16.89 57.23 18.77
CA THR C 122 -16.24 56.53 19.87
C THR C 122 -16.56 57.26 21.18
N ASN C 123 -16.97 56.51 22.20
CA ASN C 123 -17.19 57.05 23.55
C ASN C 123 -18.07 58.30 23.52
N THR C 124 -19.09 58.27 22.67
CA THR C 124 -20.04 59.37 22.58
C THR C 124 -21.33 58.95 23.27
N PRO C 125 -21.94 59.80 24.10
CA PRO C 125 -23.18 59.41 24.79
C PRO C 125 -24.25 58.96 23.81
N LEU C 126 -25.06 57.99 24.24
CA LEU C 126 -26.03 57.34 23.35
C LEU C 126 -27.03 58.36 22.79
N GLU C 127 -27.59 59.19 23.67
CA GLU C 127 -28.55 60.20 23.21
C GLU C 127 -27.94 61.13 22.18
N ASP C 128 -26.65 61.44 22.31
CA ASP C 128 -25.97 62.26 21.31
C ASP C 128 -25.64 61.47 20.05
N GLN C 129 -25.55 60.13 20.13
CA GLN C 129 -25.30 59.32 18.95
C GLN C 129 -26.55 59.12 18.11
N LEU C 130 -27.73 59.14 18.74
CA LEU C 130 -28.97 58.91 18.01
C LEU C 130 -29.21 60.00 16.98
N ARG C 131 -28.87 61.24 17.31
CA ARG C 131 -29.02 62.34 16.36
C ARG C 131 -28.06 62.17 15.18
N VAL C 132 -26.82 61.76 15.45
CA VAL C 132 -25.87 61.58 14.38
C VAL C 132 -26.25 60.38 13.50
N GLY C 133 -26.86 59.35 14.10
CA GLY C 133 -27.23 58.17 13.32
C GLY C 133 -28.33 58.46 12.32
N GLU C 134 -29.28 59.31 12.69
CA GLU C 134 -30.38 59.64 11.78
C GLU C 134 -29.88 60.45 10.59
N PHE C 135 -28.96 61.38 10.83
CA PHE C 135 -28.50 62.27 9.75
C PHE C 135 -27.67 61.52 8.72
N CYS C 136 -26.70 60.73 9.20
CA CYS C 136 -25.80 60.06 8.27
C CYS C 136 -26.51 58.98 7.46
N HIS C 137 -27.39 58.22 8.11
CA HIS C 137 -28.09 57.15 7.40
C HIS C 137 -29.04 57.71 6.35
N ASN C 138 -29.74 58.79 6.68
CA ASN C 138 -30.72 59.38 5.76
C ASN C 138 -30.09 60.22 4.67
N ARG C 139 -28.79 60.49 4.73
CA ARG C 139 -28.11 61.25 3.70
C ARG C 139 -26.97 60.47 3.04
N GLY C 140 -26.85 59.17 3.34
CA GLY C 140 -25.90 58.31 2.66
C GLY C 140 -24.47 58.39 3.16
N ILE C 141 -24.29 58.29 4.47
CA ILE C 141 -22.98 58.29 5.10
C ILE C 141 -22.85 57.02 5.93
N LYS C 142 -21.83 56.21 5.64
CA LYS C 142 -21.59 55.00 6.41
C LYS C 142 -21.17 55.34 7.83
N LEU C 143 -21.81 54.70 8.80
CA LEU C 143 -21.65 55.03 10.22
C LEU C 143 -21.15 53.82 10.98
N VAL C 144 -20.16 54.05 11.85
CA VAL C 144 -19.60 53.00 12.71
C VAL C 144 -19.58 53.54 14.15
N VAL C 145 -20.14 52.76 15.06
CA VAL C 145 -20.16 53.09 16.49
C VAL C 145 -19.45 51.97 17.24
N ALA C 146 -18.40 52.34 17.99
CA ALA C 146 -17.63 51.38 18.77
C ALA C 146 -17.40 51.97 20.16
N ASP C 147 -17.79 51.22 21.19
CA ASP C 147 -17.55 51.61 22.58
C ASP C 147 -16.94 50.45 23.33
N THR C 148 -16.03 50.76 24.25
CA THR C 148 -15.36 49.76 25.06
C THR C 148 -15.36 50.17 26.52
N ARG C 149 -15.75 49.24 27.40
CA ARG C 149 -15.76 49.47 28.86
C ARG C 149 -14.96 48.35 29.52
N GLY C 150 -13.66 48.57 29.68
CA GLY C 150 -12.81 47.58 30.31
C GLY C 150 -12.76 46.27 29.53
N LEU C 151 -13.28 45.20 30.14
CA LEU C 151 -13.33 43.90 29.48
C LEU C 151 -14.43 43.82 28.43
N PHE C 152 -15.43 44.70 28.49
CA PHE C 152 -16.55 44.66 27.57
C PHE C 152 -16.30 45.61 26.39
N GLY C 153 -17.15 45.47 25.38
CA GLY C 153 -17.07 46.34 24.22
C GLY C 153 -18.12 46.02 23.16
N GLN C 154 -18.52 47.03 22.38
CA GLN C 154 -19.53 46.85 21.36
C GLN C 154 -19.06 47.46 20.04
N LEU C 155 -19.69 47.02 18.96
CA LEU C 155 -19.38 47.52 17.62
C LEU C 155 -20.66 47.48 16.79
N PHE C 156 -20.97 48.59 16.13
CA PHE C 156 -22.18 48.72 15.33
C PHE C 156 -21.85 49.35 13.99
N CYS C 157 -22.56 48.91 12.95
CA CYS C 157 -22.37 49.41 11.60
C CYS C 157 -23.72 49.74 10.96
N ASP C 158 -23.72 50.79 10.14
CA ASP C 158 -24.92 51.22 9.41
C ASP C 158 -24.41 51.84 8.10
N PHE C 159 -24.24 51.00 7.08
CA PHE C 159 -23.73 51.44 5.79
C PHE C 159 -24.84 51.80 4.81
N GLY C 160 -25.96 52.33 5.32
CA GLY C 160 -27.11 52.61 4.49
C GLY C 160 -27.92 51.36 4.20
N GLU C 161 -29.13 51.58 3.68
CA GLU C 161 -30.03 50.48 3.39
C GLU C 161 -29.86 49.92 1.98
N GLU C 162 -28.77 50.27 1.29
CA GLU C 162 -28.49 49.72 -0.03
C GLU C 162 -26.98 49.80 -0.25
N MET C 163 -26.29 48.69 -0.02
CA MET C 163 -24.84 48.61 -0.14
C MET C 163 -24.48 47.44 -1.04
N ILE C 164 -23.70 47.72 -2.08
CA ILE C 164 -23.28 46.68 -3.02
C ILE C 164 -22.03 46.02 -2.48
N LEU C 165 -22.05 44.68 -2.43
CA LEU C 165 -20.91 43.88 -1.98
C LEU C 165 -20.38 43.09 -3.17
N THR C 166 -19.17 43.43 -3.64
CA THR C 166 -18.56 42.67 -4.71
C THR C 166 -17.93 41.37 -4.20
N ASP C 167 -17.69 41.26 -2.90
CA ASP C 167 -17.12 40.05 -2.32
C ASP C 167 -17.65 39.92 -0.90
N SER C 168 -18.30 38.78 -0.61
CA SER C 168 -18.91 38.56 0.69
C SER C 168 -18.15 37.55 1.53
N ASN C 169 -17.02 37.04 1.05
CA ASN C 169 -16.23 36.06 1.80
C ASN C 169 -14.72 36.27 1.71
N GLY C 170 -14.21 37.02 0.74
CA GLY C 170 -12.79 37.28 0.65
C GLY C 170 -11.96 36.16 0.06
N GLU C 171 -12.56 35.01 -0.22
CA GLU C 171 -11.83 33.87 -0.78
C GLU C 171 -11.70 33.99 -2.30
N GLN C 172 -10.58 33.52 -2.81
CA GLN C 172 -10.35 33.56 -4.25
C GLN C 172 -11.29 32.61 -4.97
N PRO C 173 -11.67 32.92 -6.21
CA PRO C 173 -12.57 32.02 -6.96
C PRO C 173 -11.90 30.68 -7.22
N LEU C 174 -12.66 29.61 -6.99
CA LEU C 174 -12.14 28.27 -7.21
C LEU C 174 -12.30 27.88 -8.67
N SER C 175 -11.45 26.95 -9.11
CA SER C 175 -11.46 26.47 -10.48
C SER C 175 -11.36 24.95 -10.48
N ALA C 176 -11.88 24.34 -11.54
CA ALA C 176 -11.85 22.89 -11.68
C ALA C 176 -11.90 22.54 -13.15
N MET C 177 -11.43 21.34 -13.49
CA MET C 177 -11.41 20.89 -14.86
C MET C 177 -12.58 19.94 -15.10
N VAL C 178 -13.33 20.19 -16.17
CA VAL C 178 -14.55 19.42 -16.46
C VAL C 178 -14.16 18.19 -17.27
N SER C 179 -14.71 17.04 -16.89
CA SER C 179 -14.49 15.80 -17.62
C SER C 179 -15.64 15.47 -18.57
N MET C 180 -16.86 15.39 -18.04
CA MET C 180 -18.01 14.99 -18.83
C MET C 180 -19.22 15.85 -18.44
N VAL C 181 -20.07 16.17 -19.42
CA VAL C 181 -21.28 16.94 -19.19
C VAL C 181 -22.38 16.39 -20.09
N THR C 182 -23.61 16.37 -19.57
CA THR C 182 -24.76 15.79 -20.24
C THR C 182 -25.70 16.88 -20.74
N LYS C 183 -26.49 16.56 -21.76
CA LYS C 183 -27.45 17.48 -22.34
C LYS C 183 -28.85 17.18 -21.79
N ASP C 184 -29.38 18.11 -21.00
CA ASP C 184 -30.73 18.05 -20.47
C ASP C 184 -31.22 19.49 -20.30
N ASN C 185 -32.47 19.63 -19.86
CA ASN C 185 -32.94 20.96 -19.52
C ASN C 185 -32.16 21.46 -18.30
N PRO C 186 -31.94 20.64 -17.26
CA PRO C 186 -30.91 20.98 -16.28
C PRO C 186 -29.64 20.15 -16.48
N GLY C 187 -28.65 20.73 -17.13
CA GLY C 187 -27.44 20.00 -17.47
C GLY C 187 -26.69 19.54 -16.24
N VAL C 188 -26.03 18.39 -16.38
CA VAL C 188 -25.26 17.76 -15.30
C VAL C 188 -23.78 17.82 -15.67
N VAL C 189 -22.99 18.51 -14.85
CA VAL C 189 -21.56 18.70 -15.08
C VAL C 189 -20.78 17.81 -14.12
N THR C 190 -19.81 17.07 -14.66
CA THR C 190 -18.93 16.21 -13.89
C THR C 190 -17.50 16.70 -14.04
N CYS C 191 -16.81 16.86 -12.91
CA CYS C 191 -15.43 17.32 -12.91
C CYS C 191 -14.48 16.15 -13.21
N LEU C 192 -13.19 16.45 -13.26
CA LEU C 192 -12.20 15.42 -13.52
C LEU C 192 -12.20 14.39 -12.38
N ASP C 193 -11.54 13.26 -12.64
CA ASP C 193 -11.59 12.15 -11.68
C ASP C 193 -10.94 12.52 -10.35
N GLU C 194 -9.74 13.06 -10.39
CA GLU C 194 -9.09 13.51 -9.15
C GLU C 194 -9.69 14.87 -8.78
N ALA C 195 -10.81 14.86 -8.07
CA ALA C 195 -11.45 16.14 -7.79
C ALA C 195 -12.48 16.07 -6.67
N ARG C 196 -12.57 17.17 -5.93
CA ARG C 196 -13.84 17.71 -5.49
C ARG C 196 -13.86 19.11 -6.07
N HIS C 197 -15.03 19.56 -6.53
CA HIS C 197 -15.09 20.87 -7.15
C HIS C 197 -15.00 21.98 -6.11
N GLY C 198 -15.45 21.70 -4.89
CA GLY C 198 -15.39 22.65 -3.81
C GLY C 198 -16.40 23.76 -3.89
N PHE C 199 -17.31 23.73 -4.86
CA PHE C 199 -18.32 24.76 -4.98
C PHE C 199 -19.42 24.52 -3.95
N GLU C 200 -20.35 25.47 -3.87
CA GLU C 200 -21.52 25.32 -3.03
C GLU C 200 -22.76 25.66 -3.83
N SER C 201 -23.91 25.23 -3.32
CA SER C 201 -25.17 25.45 -4.02
C SER C 201 -25.51 26.93 -4.06
N GLY C 202 -25.79 27.43 -5.26
CA GLY C 202 -26.08 28.84 -5.45
C GLY C 202 -24.95 29.65 -6.04
N ASP C 203 -23.77 29.07 -6.19
CA ASP C 203 -22.65 29.80 -6.77
C ASP C 203 -22.89 30.07 -8.26
N PHE C 204 -22.03 30.91 -8.83
CA PHE C 204 -22.08 31.27 -10.24
C PHE C 204 -20.76 30.89 -10.88
N VAL C 205 -20.82 30.17 -11.99
CA VAL C 205 -19.63 29.67 -12.66
C VAL C 205 -19.61 30.16 -14.10
N SER C 206 -18.43 30.05 -14.72
CA SER C 206 -18.24 30.32 -16.14
C SER C 206 -17.33 29.24 -16.72
N PHE C 207 -17.56 28.91 -17.98
CA PHE C 207 -16.83 27.83 -18.64
C PHE C 207 -15.84 28.40 -19.65
N SER C 208 -14.75 27.67 -19.86
CA SER C 208 -13.72 28.08 -20.80
C SER C 208 -12.99 26.85 -21.29
N GLU C 209 -12.50 26.93 -22.54
CA GLU C 209 -11.77 25.83 -23.18
C GLU C 209 -12.59 24.55 -23.23
N VAL C 210 -13.91 24.69 -23.21
CA VAL C 210 -14.83 23.56 -23.29
C VAL C 210 -15.18 23.34 -24.76
N GLN C 211 -14.75 22.21 -25.31
CA GLN C 211 -15.01 21.89 -26.70
C GLN C 211 -16.35 21.17 -26.82
N GLY C 212 -17.16 21.58 -27.80
CA GLY C 212 -18.49 21.05 -27.99
C GLY C 212 -19.58 22.01 -27.57
N MET C 213 -19.25 23.08 -26.87
CA MET C 213 -20.21 24.10 -26.47
C MET C 213 -19.71 25.47 -26.92
N VAL C 214 -20.63 26.23 -27.52
CA VAL C 214 -20.35 27.60 -27.89
C VAL C 214 -20.95 28.60 -26.91
N GLU C 215 -22.10 28.30 -26.30
CA GLU C 215 -22.68 29.26 -25.38
C GLU C 215 -21.99 29.24 -24.03
N LEU C 216 -21.51 28.08 -23.60
CA LEU C 216 -20.86 27.95 -22.29
C LEU C 216 -19.49 28.62 -22.25
N ASN C 217 -18.71 28.58 -23.34
CA ASN C 217 -17.36 29.15 -23.34
C ASN C 217 -17.36 30.67 -23.27
N GLY C 218 -18.52 31.30 -23.13
CA GLY C 218 -18.64 32.74 -23.05
C GLY C 218 -19.93 33.16 -22.37
N ASN C 219 -20.52 32.25 -21.61
CA ASN C 219 -21.79 32.51 -20.94
C ASN C 219 -21.61 33.43 -19.74
N GLN C 220 -22.73 33.86 -19.20
CA GLN C 220 -22.79 34.75 -18.05
C GLN C 220 -22.73 33.93 -16.77
N PRO C 221 -22.62 34.58 -15.62
CA PRO C 221 -22.74 33.84 -14.36
C PRO C 221 -24.06 33.07 -14.31
N MET C 222 -23.99 31.80 -13.96
CA MET C 222 -25.15 30.92 -13.92
C MET C 222 -25.31 30.32 -12.54
N GLU C 223 -26.55 30.30 -12.04
CA GLU C 223 -26.82 29.64 -10.76
C GLU C 223 -26.50 28.16 -10.86
N ILE C 224 -25.90 27.62 -9.80
CA ILE C 224 -25.43 26.25 -9.77
C ILE C 224 -26.15 25.51 -8.64
N LYS C 225 -26.34 24.21 -8.82
CA LYS C 225 -26.91 23.34 -7.80
C LYS C 225 -25.97 22.17 -7.60
N VAL C 226 -25.48 22.01 -6.37
CA VAL C 226 -24.55 20.94 -6.06
C VAL C 226 -25.29 19.61 -6.05
N LEU C 227 -24.94 18.73 -6.97
CA LEU C 227 -25.53 17.38 -7.03
C LEU C 227 -24.73 16.35 -6.24
N GLY C 228 -23.58 16.74 -5.71
CA GLY C 228 -22.73 15.85 -4.95
C GLY C 228 -21.35 16.46 -4.81
N PRO C 229 -20.44 15.74 -4.16
CA PRO C 229 -19.07 16.27 -4.01
C PRO C 229 -18.29 16.31 -5.32
N TYR C 230 -18.77 15.63 -6.36
CA TYR C 230 -18.06 15.56 -7.63
C TYR C 230 -18.84 16.16 -8.80
N THR C 231 -20.12 16.48 -8.63
CA THR C 231 -20.96 16.90 -9.72
C THR C 231 -21.79 18.12 -9.31
N PHE C 232 -22.28 18.84 -10.33
CA PHE C 232 -23.18 19.96 -10.11
C PHE C 232 -23.96 20.23 -11.39
N SER C 233 -24.99 21.06 -11.28
CA SER C 233 -25.89 21.38 -12.37
C SER C 233 -25.68 22.81 -12.85
N ILE C 234 -26.19 23.09 -14.06
CA ILE C 234 -26.09 24.42 -14.66
C ILE C 234 -27.46 24.89 -15.12
N CYS C 235 -27.48 25.82 -16.08
CA CYS C 235 -28.71 26.39 -16.60
C CYS C 235 -29.35 25.48 -17.65
N ASP C 236 -30.05 26.08 -18.61
CA ASP C 236 -30.70 25.32 -19.67
C ASP C 236 -29.67 24.83 -20.69
N THR C 237 -29.75 23.55 -21.05
CA THR C 237 -28.84 22.97 -22.04
C THR C 237 -29.61 22.22 -23.11
N SER C 238 -30.89 22.54 -23.32
CA SER C 238 -31.69 21.80 -24.28
C SER C 238 -31.28 22.12 -25.71
N ASN C 239 -31.28 23.41 -26.08
CA ASN C 239 -30.97 23.85 -27.44
C ASN C 239 -29.51 24.24 -27.59
N PHE C 240 -28.59 23.51 -26.97
CA PHE C 240 -27.16 23.73 -27.09
C PHE C 240 -26.52 22.67 -27.98
N SER C 241 -25.26 22.91 -28.33
CA SER C 241 -24.53 22.00 -29.20
C SER C 241 -24.15 20.73 -28.45
N ASP C 242 -23.50 19.81 -29.16
CA ASP C 242 -23.12 18.52 -28.61
C ASP C 242 -21.68 18.60 -28.06
N TYR C 243 -21.53 18.20 -26.80
CA TYR C 243 -20.24 18.30 -26.12
C TYR C 243 -19.23 17.31 -26.70
N ILE C 244 -17.95 17.67 -26.62
CA ILE C 244 -16.88 16.81 -27.12
C ILE C 244 -16.00 16.36 -25.96
N ARG C 245 -15.00 17.15 -25.58
CA ARG C 245 -14.13 16.78 -24.48
C ARG C 245 -13.46 18.03 -23.92
N GLY C 246 -12.86 17.87 -22.74
CA GLY C 246 -12.06 18.93 -22.14
C GLY C 246 -12.86 20.10 -21.61
N GLY C 247 -12.20 21.02 -20.94
CA GLY C 247 -12.83 22.22 -20.42
C GLY C 247 -12.33 22.59 -19.03
N ILE C 248 -12.62 23.83 -18.63
CA ILE C 248 -12.27 24.35 -17.31
C ILE C 248 -13.40 25.25 -16.85
N VAL C 249 -13.91 24.99 -15.65
CA VAL C 249 -15.00 25.78 -15.07
C VAL C 249 -14.40 26.75 -14.05
N SER C 250 -14.83 28.02 -14.14
CA SER C 250 -14.30 29.08 -13.29
C SER C 250 -15.43 29.69 -12.48
N GLN C 251 -15.28 29.66 -11.16
CA GLN C 251 -16.26 30.26 -10.27
C GLN C 251 -16.21 31.78 -10.37
N VAL C 252 -17.38 32.41 -10.29
CA VAL C 252 -17.52 33.86 -10.40
C VAL C 252 -18.44 34.36 -9.29
N LYS C 253 -18.04 35.43 -8.61
CA LYS C 253 -18.85 36.02 -7.55
C LYS C 253 -19.55 37.26 -8.10
N VAL C 254 -20.88 37.27 -8.01
CA VAL C 254 -21.68 38.39 -8.50
C VAL C 254 -21.94 39.35 -7.35
N PRO C 255 -22.08 40.64 -7.60
CA PRO C 255 -22.34 41.58 -6.52
C PRO C 255 -23.75 41.42 -5.97
N LYS C 256 -23.88 41.63 -4.66
CA LYS C 256 -25.15 41.50 -3.97
C LYS C 256 -25.37 42.69 -3.06
N LYS C 257 -26.63 43.09 -2.92
CA LYS C 257 -26.99 44.23 -2.08
C LYS C 257 -27.52 43.75 -0.73
N ILE C 258 -27.25 44.53 0.30
CA ILE C 258 -27.74 44.29 1.65
C ILE C 258 -28.27 45.60 2.20
N SER C 259 -29.08 45.50 3.25
CA SER C 259 -29.69 46.68 3.87
C SER C 259 -29.36 46.71 5.35
N PHE C 260 -29.00 47.91 5.82
CA PHE C 260 -28.74 48.17 7.23
C PHE C 260 -29.85 49.04 7.79
N LYS C 261 -30.32 48.72 8.99
CA LYS C 261 -31.30 49.55 9.64
C LYS C 261 -30.63 50.74 10.33
N SER C 262 -31.43 51.77 10.59
CA SER C 262 -30.91 52.96 11.25
C SER C 262 -30.45 52.62 12.66
N LEU C 263 -29.68 53.54 13.26
CA LEU C 263 -29.22 53.34 14.62
C LEU C 263 -30.38 53.29 15.59
N VAL C 264 -31.43 54.09 15.35
CA VAL C 264 -32.58 54.11 16.24
C VAL C 264 -33.39 52.84 16.11
N ALA C 265 -33.57 52.36 14.88
CA ALA C 265 -34.34 51.14 14.64
C ALA C 265 -33.57 49.89 15.08
N SER C 266 -32.25 49.86 14.84
CA SER C 266 -31.46 48.71 15.24
C SER C 266 -31.49 48.50 16.75
N LEU C 267 -31.55 49.60 17.52
CA LEU C 267 -31.70 49.46 18.96
C LEU C 267 -32.98 48.73 19.33
N ALA C 268 -34.03 48.88 18.53
CA ALA C 268 -35.29 48.21 18.81
C ALA C 268 -35.28 46.78 18.29
N GLU C 269 -34.75 46.57 17.09
CA GLU C 269 -34.67 45.24 16.48
C GLU C 269 -33.21 44.94 16.15
N PRO C 270 -32.45 44.42 17.10
CA PRO C 270 -31.01 44.20 16.88
C PRO C 270 -30.71 42.87 16.19
N ASP C 271 -29.77 42.92 15.26
CA ASP C 271 -29.24 41.73 14.59
C ASP C 271 -27.81 41.50 15.09
N PHE C 272 -27.60 40.39 15.78
CA PHE C 272 -26.35 40.12 16.47
C PHE C 272 -25.43 39.24 15.63
N VAL C 273 -24.12 39.39 15.88
CA VAL C 273 -23.08 38.52 15.34
C VAL C 273 -22.30 38.01 16.55
N VAL C 274 -22.35 36.70 16.79
CA VAL C 274 -21.77 36.14 18.00
C VAL C 274 -20.25 36.13 17.90
N THR C 275 -19.58 36.54 18.97
CA THR C 275 -18.12 36.50 19.03
C THR C 275 -17.60 35.26 19.74
N ASP C 276 -18.30 34.80 20.78
CA ASP C 276 -17.91 33.61 21.53
C ASP C 276 -19.14 32.70 21.58
N PHE C 277 -19.06 31.55 20.90
CA PHE C 277 -20.20 30.66 20.84
C PHE C 277 -20.48 29.96 22.17
N ALA C 278 -19.51 29.98 23.10
CA ALA C 278 -19.81 29.58 24.46
C ALA C 278 -20.63 30.65 25.18
N LYS C 279 -20.61 31.88 24.69
CA LYS C 279 -21.40 32.97 25.26
C LYS C 279 -22.52 33.37 24.30
N PHE C 280 -23.43 32.44 24.00
CA PHE C 280 -24.45 32.69 22.99
C PHE C 280 -25.52 33.65 23.47
N SER C 281 -25.99 33.49 24.71
CA SER C 281 -27.05 34.31 25.25
C SER C 281 -26.54 35.60 25.88
N ARG C 282 -25.26 35.92 25.67
CA ARG C 282 -24.62 37.09 26.25
C ARG C 282 -24.82 38.36 25.41
N PRO C 283 -24.70 38.31 24.07
CA PRO C 283 -24.89 39.53 23.28
C PRO C 283 -26.24 40.20 23.50
N ALA C 284 -27.29 39.43 23.80
CA ALA C 284 -28.59 40.04 24.05
C ALA C 284 -28.59 40.82 25.37
N GLN C 285 -27.91 40.29 26.39
CA GLN C 285 -27.88 40.96 27.68
C GLN C 285 -26.99 42.20 27.63
N LEU C 286 -25.85 42.10 26.95
CA LEU C 286 -24.92 43.22 26.88
C LEU C 286 -25.48 44.41 26.10
N HIS C 287 -26.44 44.20 25.21
CA HIS C 287 -27.04 45.30 24.49
C HIS C 287 -27.83 46.22 25.42
N ILE C 288 -28.40 45.65 26.48
CA ILE C 288 -29.12 46.47 27.46
C ILE C 288 -28.15 47.16 28.40
N GLY C 289 -27.00 46.54 28.68
CA GLY C 289 -26.05 47.13 29.61
C GLY C 289 -25.43 48.41 29.07
N PHE C 290 -25.10 48.43 27.78
CA PHE C 290 -24.51 49.63 27.21
C PHE C 290 -25.52 50.76 27.12
N GLN C 291 -26.79 50.45 26.88
CA GLN C 291 -27.81 51.49 26.91
C GLN C 291 -27.98 52.03 28.33
N ALA C 292 -28.00 51.14 29.33
CA ALA C 292 -28.11 51.58 30.70
C ALA C 292 -26.86 52.31 31.17
N LEU C 293 -25.71 51.99 30.59
CA LEU C 293 -24.47 52.66 30.98
C LEU C 293 -24.46 54.11 30.49
N HIS C 294 -25.03 54.37 29.32
CA HIS C 294 -25.05 55.73 28.80
C HIS C 294 -26.00 56.61 29.60
N GLN C 295 -27.14 56.07 30.04
CA GLN C 295 -28.04 56.82 30.90
C GLN C 295 -27.50 56.96 32.32
N PHE C 296 -26.57 56.08 32.73
CA PHE C 296 -25.99 56.20 34.06
C PHE C 296 -25.10 57.43 34.17
N CYS C 297 -24.26 57.67 33.16
CA CYS C 297 -23.41 58.87 33.19
C CYS C 297 -24.20 60.16 33.00
N ALA C 298 -25.44 60.07 32.50
CA ALA C 298 -26.30 61.23 32.38
C ALA C 298 -27.17 61.45 33.61
N GLN C 299 -27.49 60.39 34.34
CA GLN C 299 -28.30 60.47 35.55
C GLN C 299 -27.45 60.80 36.78
N HIS C 300 -26.30 60.15 36.92
CA HIS C 300 -25.43 60.35 38.06
C HIS C 300 -24.26 61.28 37.73
N GLY C 301 -24.13 61.71 36.49
CA GLY C 301 -23.10 62.67 36.10
C GLY C 301 -21.68 62.14 36.11
N ARG C 302 -21.49 60.83 36.22
CA ARG C 302 -20.17 60.22 36.26
C ARG C 302 -20.27 58.72 36.00
N PRO C 303 -19.21 58.08 35.49
CA PRO C 303 -19.25 56.63 35.31
C PRO C 303 -19.26 55.93 36.67
N PRO C 304 -19.81 54.71 36.74
CA PRO C 304 -19.91 54.03 38.03
C PRO C 304 -18.56 53.62 38.60
N ARG C 305 -18.54 53.46 39.96
CA ARG C 305 -17.38 53.05 40.74
C ARG C 305 -17.32 51.53 40.85
N PRO C 306 -16.13 50.97 40.99
CA PRO C 306 -16.00 49.50 41.02
C PRO C 306 -16.45 48.88 42.34
N ARG C 307 -17.00 47.68 42.23
CA ARG C 307 -17.28 46.73 43.30
C ARG C 307 -18.36 47.18 44.29
N ASN C 308 -18.95 48.36 44.13
CA ASN C 308 -20.06 48.76 45.00
C ASN C 308 -21.33 48.13 44.45
N GLU C 309 -21.84 47.09 45.12
CA GLU C 309 -22.97 46.34 44.58
C GLU C 309 -24.24 47.19 44.54
N GLU C 310 -24.41 48.10 45.50
CA GLU C 310 -25.54 49.04 45.43
C GLU C 310 -25.41 49.92 44.20
N ASP C 311 -24.21 50.43 43.92
CA ASP C 311 -23.98 51.17 42.68
C ASP C 311 -24.15 50.25 41.48
N ALA C 312 -23.83 48.96 41.64
CA ALA C 312 -24.09 47.97 40.58
C ALA C 312 -25.57 47.65 40.48
N ALA C 313 -26.27 47.59 41.63
CA ALA C 313 -27.70 47.31 41.61
C ALA C 313 -28.49 48.44 40.97
N GLU C 314 -27.98 49.67 41.03
CA GLU C 314 -28.63 50.76 40.31
C GLU C 314 -28.53 50.57 38.81
N LEU C 315 -27.43 49.97 38.33
CA LEU C 315 -27.34 49.62 36.91
C LEU C 315 -28.25 48.44 36.59
N VAL C 316 -28.37 47.49 37.52
CA VAL C 316 -29.28 46.37 37.31
C VAL C 316 -30.72 46.85 37.28
N ALA C 317 -31.09 47.74 38.19
CA ALA C 317 -32.44 48.29 38.20
C ALA C 317 -32.68 49.18 36.99
N LEU C 318 -31.65 49.92 36.56
CA LEU C 318 -31.81 50.77 35.37
C LEU C 318 -31.95 49.94 34.11
N ALA C 319 -31.24 48.81 34.03
CA ALA C 319 -31.34 47.94 32.86
C ALA C 319 -32.69 47.23 32.83
N GLN C 320 -33.24 46.88 34.00
CA GLN C 320 -34.56 46.25 34.03
C GLN C 320 -35.64 47.17 33.49
N ALA C 321 -35.48 48.49 33.67
CA ALA C 321 -36.47 49.43 33.14
C ALA C 321 -36.46 49.46 31.62
N VAL C 322 -35.27 49.33 31.02
CA VAL C 322 -35.17 49.32 29.57
C VAL C 322 -35.82 48.06 29.00
N ASN C 323 -35.71 46.93 29.72
CA ASN C 323 -36.25 45.67 29.23
C ASN C 323 -37.77 45.72 29.14
N ALA C 324 -38.43 46.48 30.03
CA ALA C 324 -39.89 46.59 29.98
C ALA C 324 -40.36 47.49 28.86
N ARG C 325 -39.56 48.48 28.47
CA ARG C 325 -39.90 49.41 27.39
C ARG C 325 -39.55 48.84 26.01
N ALA C 326 -39.30 47.54 25.91
CA ALA C 326 -38.88 46.92 24.66
C ALA C 326 -40.06 46.26 23.95
N LEU C 327 -39.79 45.79 22.74
CA LEU C 327 -40.77 45.13 21.92
C LEU C 327 -41.10 43.74 22.50
N PRO C 328 -42.27 43.17 22.16
CA PRO C 328 -42.65 41.87 22.72
C PRO C 328 -41.75 40.73 22.27
N ALA C 329 -40.75 41.05 21.45
CA ALA C 329 -39.80 40.06 20.97
C ALA C 329 -38.41 40.23 21.53
N VAL C 330 -38.06 41.41 22.04
CA VAL C 330 -36.72 41.62 22.58
C VAL C 330 -36.62 41.31 24.07
N GLN C 331 -37.72 41.41 24.81
CA GLN C 331 -37.70 41.09 26.23
C GLN C 331 -37.41 39.61 26.45
N GLN C 332 -36.43 39.33 27.30
CA GLN C 332 -36.05 37.97 27.64
C GLN C 332 -36.84 37.49 28.85
N ASN C 333 -37.33 36.25 28.76
CA ASN C 333 -38.16 35.67 29.82
C ASN C 333 -37.38 35.45 31.11
N ASN C 334 -36.07 35.28 31.03
CA ASN C 334 -35.26 35.01 32.21
C ASN C 334 -34.29 36.16 32.44
N LEU C 335 -34.04 36.44 33.72
CA LEU C 335 -33.14 37.50 34.16
C LEU C 335 -31.87 36.89 34.76
N ASP C 336 -30.73 37.46 34.42
CA ASP C 336 -29.43 37.00 34.90
C ASP C 336 -28.88 38.08 35.83
N GLU C 337 -29.12 37.92 37.13
CA GLU C 337 -28.73 38.94 38.10
C GLU C 337 -27.22 38.98 38.29
N ASP C 338 -26.58 37.82 38.40
CA ASP C 338 -25.14 37.78 38.66
C ASP C 338 -24.33 38.37 37.50
N LEU C 339 -24.83 38.24 36.27
CA LEU C 339 -24.08 38.70 35.11
C LEU C 339 -24.01 40.21 35.02
N ILE C 340 -25.09 40.91 35.41
CA ILE C 340 -25.16 42.35 35.15
C ILE C 340 -24.22 43.11 36.07
N ARG C 341 -24.14 42.71 37.34
CA ARG C 341 -23.31 43.45 38.29
C ARG C 341 -21.83 43.31 37.97
N LYS C 342 -21.43 42.21 37.33
CA LYS C 342 -20.06 42.09 36.85
C LYS C 342 -19.76 43.15 35.78
N LEU C 343 -20.78 43.59 35.05
CA LEU C 343 -20.60 44.64 34.06
C LEU C 343 -20.38 46.00 34.70
N ALA C 344 -21.03 46.27 35.83
CA ALA C 344 -20.89 47.57 36.49
C ALA C 344 -19.50 47.75 37.09
N TYR C 345 -18.81 46.66 37.43
CA TYR C 345 -17.50 46.80 38.05
C TYR C 345 -16.47 47.28 37.04
N VAL C 346 -16.54 46.78 35.81
CA VAL C 346 -15.48 46.98 34.83
C VAL C 346 -15.90 48.09 33.89
N ALA C 347 -16.93 48.82 34.29
CA ALA C 347 -17.48 49.86 33.42
C ALA C 347 -16.48 51.01 33.26
N ALA C 348 -15.87 51.45 34.35
CA ALA C 348 -14.94 52.59 34.31
C ALA C 348 -13.53 52.19 33.90
N GLY C 349 -13.35 51.07 33.21
CA GLY C 349 -12.04 50.59 32.83
C GLY C 349 -11.71 50.85 31.37
N ASP C 350 -10.41 51.01 31.09
CA ASP C 350 -9.92 51.26 29.74
C ASP C 350 -8.65 50.43 29.54
N LEU C 351 -8.79 49.27 28.90
CA LEU C 351 -7.67 48.34 28.73
C LEU C 351 -7.10 48.43 27.32
N ALA C 352 -5.77 48.40 27.22
CA ALA C 352 -5.14 48.50 25.90
C ALA C 352 -5.46 47.30 24.99
N PRO C 353 -5.46 46.03 25.45
CA PRO C 353 -5.77 44.94 24.51
C PRO C 353 -7.16 45.01 23.92
N ILE C 354 -8.17 45.35 24.72
CA ILE C 354 -9.52 45.48 24.19
C ILE C 354 -9.60 46.60 23.17
N ASN C 355 -8.92 47.71 23.44
CA ASN C 355 -8.89 48.81 22.48
C ASN C 355 -8.18 48.39 21.20
N ALA C 356 -7.11 47.60 21.31
CA ALA C 356 -6.43 47.13 20.12
C ALA C 356 -7.26 46.10 19.37
N PHE C 357 -8.06 45.31 20.09
CA PHE C 357 -8.87 44.30 19.44
C PHE C 357 -10.03 44.92 18.67
N ILE C 358 -10.92 45.63 19.39
CA ILE C 358 -12.07 46.24 18.74
C ILE C 358 -11.63 47.35 17.78
N GLY C 359 -10.57 48.07 18.13
CA GLY C 359 -10.04 49.09 17.23
C GLY C 359 -9.57 48.52 15.90
N GLY C 360 -9.05 47.29 15.91
CA GLY C 360 -8.70 46.65 14.64
C GLY C 360 -9.92 46.20 13.86
N LEU C 361 -10.95 45.72 14.56
CA LEU C 361 -12.18 45.33 13.88
C LEU C 361 -12.90 46.54 13.31
N ALA C 362 -13.11 47.57 14.14
CA ALA C 362 -13.83 48.76 13.67
C ALA C 362 -13.10 49.42 12.51
N ALA C 363 -11.77 49.42 12.54
CA ALA C 363 -11.02 49.96 11.41
C ALA C 363 -11.25 49.14 10.17
N GLN C 364 -11.37 47.81 10.32
CA GLN C 364 -11.66 46.97 9.17
C GLN C 364 -13.07 47.23 8.64
N GLU C 365 -14.02 47.48 9.54
CA GLU C 365 -15.37 47.81 9.11
C GLU C 365 -15.41 49.12 8.33
N VAL C 366 -14.57 50.08 8.70
CA VAL C 366 -14.48 51.32 7.93
C VAL C 366 -13.96 51.05 6.52
N MET C 367 -13.05 50.08 6.39
CA MET C 367 -12.54 49.72 5.08
C MET C 367 -13.59 48.99 4.24
N LYS C 368 -14.42 48.17 4.89
CA LYS C 368 -15.48 47.50 4.15
C LYS C 368 -16.52 48.50 3.65
N ALA C 369 -16.72 49.60 4.38
CA ALA C 369 -17.76 50.55 4.03
C ALA C 369 -17.46 51.21 2.69
N CYS C 370 -16.28 51.80 2.55
CA CYS C 370 -15.92 52.52 1.34
C CYS C 370 -15.24 51.62 0.31
N SER C 371 -15.41 50.31 0.42
CA SER C 371 -14.89 49.39 -0.58
C SER C 371 -15.86 48.27 -0.96
N GLY C 372 -16.81 47.91 -0.09
CA GLY C 372 -17.72 46.82 -0.39
C GLY C 372 -17.02 45.51 -0.67
N LYS C 373 -15.86 45.29 -0.05
CA LYS C 373 -15.04 44.13 -0.35
C LYS C 373 -15.27 42.97 0.61
N PHE C 374 -15.80 43.22 1.80
CA PHE C 374 -16.05 42.16 2.76
C PHE C 374 -17.44 42.31 3.35
N MET C 375 -17.95 41.21 3.88
CA MET C 375 -19.26 41.23 4.50
C MET C 375 -19.19 41.93 5.85
N PRO C 376 -19.89 43.05 6.04
CA PRO C 376 -19.81 43.78 7.31
C PRO C 376 -20.61 43.09 8.41
N ILE C 377 -20.40 43.58 9.64
CA ILE C 377 -21.12 43.05 10.78
C ILE C 377 -22.55 43.56 10.73
N MET C 378 -23.50 42.63 10.80
CA MET C 378 -24.92 43.02 10.75
C MET C 378 -25.68 42.50 11.96
N GLN C 379 -25.91 43.37 12.94
CA GLN C 379 -25.40 44.74 12.89
C GLN C 379 -24.63 45.09 14.16
N TRP C 380 -24.85 44.31 15.21
CA TRP C 380 -24.23 44.53 16.51
C TRP C 380 -23.22 43.43 16.80
N LEU C 381 -22.12 43.81 17.45
CA LEU C 381 -21.04 42.89 17.81
C LEU C 381 -20.64 43.16 19.26
N TYR C 382 -20.94 42.22 20.14
CA TYR C 382 -20.61 42.33 21.56
C TYR C 382 -19.60 41.26 21.95
N PHE C 383 -18.59 41.68 22.71
CA PHE C 383 -17.51 40.80 23.15
C PHE C 383 -17.12 41.16 24.58
N ASP C 384 -16.73 40.14 25.34
CA ASP C 384 -16.33 40.34 26.72
C ASP C 384 -15.21 39.37 27.07
N ALA C 385 -14.20 39.87 27.78
CA ALA C 385 -13.10 39.04 28.25
C ALA C 385 -13.19 38.89 29.76
N LEU C 386 -14.35 38.44 30.24
CA LEU C 386 -14.61 38.34 31.67
C LEU C 386 -13.72 37.31 32.36
N GLU C 387 -13.01 36.47 31.60
CA GLU C 387 -12.12 35.48 32.18
C GLU C 387 -10.81 36.08 32.67
N CYS C 388 -10.52 37.34 32.33
CA CYS C 388 -9.27 37.96 32.76
C CYS C 388 -9.27 38.31 34.25
N LEU C 389 -10.44 38.35 34.88
CA LEU C 389 -10.50 38.66 36.29
C LEU C 389 -9.93 37.50 37.11
N PRO C 390 -9.29 37.80 38.25
CA PRO C 390 -8.81 36.71 39.13
C PRO C 390 -9.97 35.84 39.60
N GLU C 391 -9.71 34.54 39.66
CA GLU C 391 -10.74 33.60 40.08
C GLU C 391 -11.05 33.73 41.56
N ASP C 392 -12.30 33.44 41.92
CA ASP C 392 -12.88 33.45 43.26
C ASP C 392 -13.13 34.85 43.79
N LYS C 393 -12.67 35.90 43.10
CA LYS C 393 -12.98 37.28 43.43
C LYS C 393 -12.53 37.62 44.86
N GLU C 394 -11.25 37.43 45.11
CA GLU C 394 -10.64 37.88 46.36
C GLU C 394 -9.87 39.16 46.06
N VAL C 395 -10.62 40.25 45.92
CA VAL C 395 -10.07 41.58 45.67
C VAL C 395 -10.61 42.52 46.73
N LEU C 396 -9.83 43.57 47.03
CA LEU C 396 -10.28 44.62 47.93
C LEU C 396 -10.65 45.86 47.12
N THR C 397 -11.73 46.51 47.54
CA THR C 397 -12.20 47.71 46.82
C THR C 397 -11.18 48.84 46.90
N GLU C 398 -10.44 48.92 48.01
CA GLU C 398 -9.43 49.95 48.18
C GLU C 398 -8.33 49.88 47.12
N ASP C 399 -8.15 48.74 46.48
CA ASP C 399 -7.09 48.59 45.48
C ASP C 399 -7.55 48.95 44.07
N LYS C 400 -8.83 48.78 43.77
CA LYS C 400 -9.32 49.14 42.44
C LYS C 400 -9.72 50.61 42.36
N CYS C 401 -10.40 51.12 43.38
CA CYS C 401 -10.82 52.51 43.37
C CYS C 401 -9.66 53.48 43.54
N LEU C 402 -8.50 53.00 43.99
CA LEU C 402 -7.35 53.87 44.18
C LEU C 402 -6.78 54.28 42.84
N GLN C 403 -6.71 55.60 42.62
CA GLN C 403 -6.14 56.17 41.40
C GLN C 403 -5.15 57.25 41.83
N ARG C 404 -3.87 56.89 41.87
CA ARG C 404 -2.82 57.82 42.28
C ARG C 404 -2.46 58.81 41.18
N GLN C 405 -3.38 59.09 40.26
CA GLN C 405 -3.14 59.97 39.12
C GLN C 405 -1.99 59.42 38.27
N ASN C 406 -1.96 58.10 38.11
CA ASN C 406 -0.91 57.44 37.32
C ASN C 406 -1.38 57.19 35.90
N ARG C 407 -0.47 56.65 35.09
CA ARG C 407 -0.85 56.28 33.73
C ARG C 407 -1.67 54.99 33.71
N TYR C 408 -1.63 54.20 34.79
CA TYR C 408 -2.31 52.93 34.86
C TYR C 408 -3.66 53.01 35.58
N ASP C 409 -4.25 54.20 35.66
CA ASP C 409 -5.52 54.34 36.36
C ASP C 409 -6.65 53.60 35.65
N GLY C 410 -6.64 53.59 34.32
CA GLY C 410 -7.64 52.86 33.57
C GLY C 410 -7.52 51.36 33.69
N GLN C 411 -6.38 50.85 34.14
CA GLN C 411 -6.14 49.43 34.27
C GLN C 411 -6.19 48.93 35.71
N VAL C 412 -5.73 49.73 36.66
CA VAL C 412 -5.80 49.33 38.06
C VAL C 412 -7.25 49.26 38.53
N ALA C 413 -8.13 50.07 37.94
CA ALA C 413 -9.54 50.06 38.32
C ALA C 413 -10.21 48.73 37.98
N VAL C 414 -9.60 47.92 37.13
CA VAL C 414 -10.16 46.63 36.74
C VAL C 414 -9.48 45.49 37.50
N PHE C 415 -8.17 45.55 37.67
CA PHE C 415 -7.40 44.47 38.26
C PHE C 415 -6.94 44.80 39.68
N GLY C 416 -6.19 45.89 39.86
CA GLY C 416 -5.73 46.28 41.17
C GLY C 416 -4.30 46.75 41.18
N SER C 417 -3.87 47.37 42.28
CA SER C 417 -2.50 47.85 42.38
C SER C 417 -1.51 46.70 42.56
N ASP C 418 -1.92 45.64 43.27
CA ASP C 418 -1.04 44.49 43.46
C ASP C 418 -0.77 43.78 42.13
N LEU C 419 -1.80 43.61 41.31
CA LEU C 419 -1.61 43.00 39.99
C LEU C 419 -0.85 43.92 39.04
N GLN C 420 -0.78 45.22 39.36
CA GLN C 420 0.04 46.12 38.56
C GLN C 420 1.51 46.03 38.93
N GLU C 421 1.82 45.74 40.20
CA GLU C 421 3.21 45.58 40.61
C GLU C 421 3.84 44.34 40.01
N LYS C 422 3.05 43.29 39.76
CA LYS C 422 3.58 42.11 39.09
C LYS C 422 4.05 42.44 37.68
N LEU C 423 3.25 43.23 36.95
CA LEU C 423 3.57 43.51 35.54
C LEU C 423 4.88 44.29 35.40
N GLY C 424 5.14 45.22 36.31
CA GLY C 424 6.36 46.01 36.21
C GLY C 424 7.64 45.23 36.38
N LYS C 425 7.59 44.07 37.03
CA LYS C 425 8.77 43.25 37.28
C LYS C 425 8.78 41.97 36.47
N GLN C 426 8.08 41.96 35.34
CA GLN C 426 8.03 40.78 34.47
C GLN C 426 9.13 40.85 33.42
N LYS C 427 9.67 39.68 33.08
CA LYS C 427 10.67 39.56 32.03
C LYS C 427 10.11 38.64 30.95
N TYR C 428 9.88 39.20 29.77
CA TYR C 428 9.30 38.47 28.65
C TYR C 428 10.21 38.57 27.44
N PHE C 429 10.19 37.52 26.62
CA PHE C 429 11.05 37.37 25.46
C PHE C 429 10.19 37.50 24.20
N LEU C 430 10.44 38.54 23.42
CA LEU C 430 9.72 38.80 22.19
C LEU C 430 10.56 38.33 21.01
N VAL C 431 10.04 37.35 20.26
CA VAL C 431 10.77 36.74 19.15
C VAL C 431 10.20 37.36 17.88
N GLY C 432 10.75 38.48 17.46
CA GLY C 432 10.32 39.13 16.24
C GLY C 432 9.84 40.56 16.42
N ALA C 433 10.15 41.41 15.45
CA ALA C 433 9.73 42.81 15.44
C ALA C 433 8.99 43.13 14.16
N GLY C 434 8.14 42.22 13.72
CA GLY C 434 7.37 42.43 12.52
C GLY C 434 6.03 43.10 12.79
N ALA C 435 4.99 42.69 12.08
CA ALA C 435 3.66 43.25 12.29
C ALA C 435 3.16 42.95 13.70
N ILE C 436 3.19 41.67 14.09
CA ILE C 436 2.75 41.33 15.43
C ILE C 436 3.73 41.85 16.47
N GLY C 437 5.02 41.92 16.14
CA GLY C 437 6.00 42.39 17.10
C GLY C 437 5.81 43.84 17.49
N CYS C 438 5.51 44.70 16.51
CA CYS C 438 5.31 46.11 16.82
C CYS C 438 4.04 46.31 17.65
N GLU C 439 2.98 45.57 17.32
CA GLU C 439 1.75 45.68 18.10
C GLU C 439 1.94 45.18 19.52
N LEU C 440 2.78 44.16 19.72
CA LEU C 440 3.01 43.65 21.06
C LEU C 440 3.82 44.63 21.91
N LEU C 441 4.86 45.23 21.32
CA LEU C 441 5.64 46.24 22.05
C LEU C 441 4.77 47.43 22.42
N LYS C 442 3.83 47.81 21.55
CA LYS C 442 2.92 48.90 21.86
C LYS C 442 2.02 48.54 23.03
N ASN C 443 1.41 47.35 23.00
CA ASN C 443 0.57 46.92 24.11
C ASN C 443 1.38 46.66 25.36
N PHE C 444 2.62 46.19 25.21
CA PHE C 444 3.48 45.99 26.37
C PHE C 444 3.70 47.31 27.11
N ALA C 445 3.92 48.39 26.37
CA ALA C 445 4.16 49.69 27.01
C ALA C 445 2.93 50.17 27.76
N MET C 446 1.74 49.95 27.19
CA MET C 446 0.51 50.42 27.85
C MET C 446 0.17 49.55 29.05
N ILE C 447 0.39 48.24 28.93
CA ILE C 447 0.09 47.33 30.03
C ILE C 447 1.03 47.57 31.20
N GLY C 448 2.32 47.72 30.92
CA GLY C 448 3.28 47.93 31.99
C GLY C 448 4.33 46.84 32.15
N LEU C 449 4.43 45.94 31.17
CA LEU C 449 5.44 44.89 31.25
C LEU C 449 6.82 45.48 31.02
N GLY C 450 7.77 45.12 31.87
CA GLY C 450 9.12 45.63 31.77
C GLY C 450 9.28 47.08 32.16
N CYS C 451 8.28 47.66 32.82
CA CYS C 451 8.30 49.08 33.17
C CYS C 451 8.66 49.22 34.66
N GLY C 452 9.96 49.18 34.92
CA GLY C 452 10.44 49.28 36.29
C GLY C 452 11.92 48.98 36.35
N GLU C 453 12.40 48.76 37.58
CA GLU C 453 13.80 48.44 37.77
C GLU C 453 14.07 46.96 37.51
N GLY C 454 13.23 46.07 38.07
CA GLY C 454 13.44 44.65 37.89
C GLY C 454 12.60 44.04 36.78
N GLY C 455 12.42 44.78 35.70
CA GLY C 455 11.68 44.30 34.56
C GLY C 455 12.44 44.55 33.28
N GLU C 456 12.21 43.71 32.28
CA GLU C 456 12.93 43.81 31.03
C GLU C 456 12.17 43.07 29.95
N ILE C 457 12.19 43.62 28.73
CA ILE C 457 11.60 42.99 27.56
C ILE C 457 12.72 42.79 26.54
N ILE C 458 12.91 41.54 26.13
CA ILE C 458 13.98 41.18 25.20
C ILE C 458 13.36 41.03 23.82
N VAL C 459 13.76 41.89 22.89
CA VAL C 459 13.28 41.87 21.51
C VAL C 459 14.45 41.53 20.60
N THR C 460 14.30 40.50 19.79
CA THR C 460 15.34 40.09 18.86
C THR C 460 14.77 39.93 17.46
N ASP C 461 15.50 40.44 16.48
CA ASP C 461 15.13 40.33 15.07
C ASP C 461 16.30 40.73 14.19
N MET C 462 16.62 39.93 13.18
CA MET C 462 17.76 40.19 12.32
C MET C 462 17.40 40.99 11.07
N ASP C 463 16.11 41.13 10.77
CA ASP C 463 15.68 41.79 9.55
C ASP C 463 15.77 43.31 9.68
N THR C 464 16.00 43.96 8.55
CA THR C 464 15.99 45.42 8.48
C THR C 464 14.64 45.92 7.98
N ILE C 465 14.39 47.20 8.20
CA ILE C 465 13.11 47.80 7.85
C ILE C 465 13.05 48.01 6.34
N GLU C 466 12.07 47.41 5.70
CA GLU C 466 11.83 47.58 4.27
C GLU C 466 10.63 48.52 4.08
N LYS C 467 10.50 49.04 2.86
CA LYS C 467 9.43 50.00 2.59
C LYS C 467 8.05 49.38 2.74
N SER C 468 7.91 48.08 2.39
CA SER C 468 6.62 47.42 2.48
C SER C 468 6.18 47.20 3.92
N ASN C 469 7.11 47.24 4.87
CA ASN C 469 6.75 47.01 6.28
C ASN C 469 5.99 48.18 6.88
N LEU C 470 6.12 49.37 6.29
CA LEU C 470 5.52 50.56 6.87
C LEU C 470 4.01 50.56 6.81
N ASN C 471 3.41 49.65 6.04
CA ASN C 471 1.96 49.59 5.92
C ASN C 471 1.31 48.95 7.13
N ARG C 472 2.03 48.13 7.89
CA ARG C 472 1.43 47.43 9.02
C ARG C 472 2.23 47.66 10.30
N GLN C 473 3.52 47.92 10.17
CA GLN C 473 4.42 48.08 11.30
C GLN C 473 4.56 49.57 11.59
N PHE C 474 3.64 50.09 12.40
CA PHE C 474 3.53 51.54 12.61
C PHE C 474 4.66 52.12 13.44
N LEU C 475 5.43 51.30 14.15
CA LEU C 475 6.58 51.81 14.90
C LEU C 475 7.73 52.23 14.00
N PHE C 476 7.59 52.08 12.68
CA PHE C 476 8.64 52.41 11.73
C PHE C 476 8.16 53.52 10.81
N ARG C 477 9.11 54.29 10.32
CA ARG C 477 8.85 55.47 9.48
C ARG C 477 9.70 55.38 8.22
N PRO C 478 9.30 56.10 7.16
CA PRO C 478 10.05 56.00 5.89
C PRO C 478 11.51 56.42 5.98
N TRP C 479 11.94 57.06 7.07
CA TRP C 479 13.35 57.35 7.25
C TRP C 479 14.06 56.30 8.10
N ASP C 480 13.33 55.32 8.62
CA ASP C 480 13.93 54.19 9.32
C ASP C 480 14.27 53.03 8.40
N VAL C 481 14.20 53.24 7.08
CA VAL C 481 14.60 52.19 6.15
C VAL C 481 16.10 51.93 6.29
N THR C 482 16.48 50.67 6.04
CA THR C 482 17.86 50.18 6.16
C THR C 482 18.36 50.21 7.60
N LYS C 483 17.45 50.25 8.57
CA LYS C 483 17.80 50.17 9.99
C LYS C 483 17.26 48.88 10.58
N LEU C 484 17.84 48.48 11.70
CA LEU C 484 17.39 47.28 12.37
C LEU C 484 16.01 47.50 12.97
N LYS C 485 15.13 46.51 12.81
CA LYS C 485 13.78 46.63 13.34
C LYS C 485 13.79 46.65 14.86
N SER C 486 14.64 45.82 15.49
CA SER C 486 14.62 45.72 16.94
C SER C 486 15.07 47.03 17.59
N ASP C 487 16.16 47.62 17.10
CA ASP C 487 16.65 48.88 17.65
C ASP C 487 15.65 50.00 17.42
N THR C 488 15.05 50.05 16.24
CA THR C 488 14.11 51.12 15.92
C THR C 488 12.81 50.97 16.72
N ALA C 489 12.31 49.75 16.85
CA ALA C 489 11.07 49.53 17.59
C ALA C 489 11.25 49.83 19.08
N ALA C 490 12.46 49.65 19.61
CA ALA C 490 12.69 49.97 21.02
C ALA C 490 12.66 51.47 21.24
N ALA C 491 13.26 52.24 20.33
CA ALA C 491 13.27 53.69 20.47
C ALA C 491 11.87 54.27 20.39
N ALA C 492 10.99 53.64 19.61
CA ALA C 492 9.62 54.13 19.52
C ALA C 492 8.84 53.84 20.79
N VAL C 493 9.14 52.72 21.47
CA VAL C 493 8.40 52.39 22.68
C VAL C 493 8.90 53.21 23.87
N ARG C 494 10.21 53.53 23.90
CA ARG C 494 10.75 54.34 24.98
C ARG C 494 10.12 55.73 25.03
N GLN C 495 9.53 56.19 23.93
CA GLN C 495 8.83 57.47 23.93
C GLN C 495 7.38 57.34 24.37
N MET C 496 6.73 56.21 24.08
CA MET C 496 5.35 56.01 24.53
C MET C 496 5.28 55.71 26.01
N ASN C 497 6.33 55.09 26.57
CA ASN C 497 6.41 54.81 27.99
C ASN C 497 7.86 54.86 28.42
N PRO C 498 8.29 55.90 29.14
CA PRO C 498 9.69 55.98 29.57
C PRO C 498 10.05 54.93 30.61
N HIS C 499 9.09 54.39 31.35
CA HIS C 499 9.40 53.42 32.39
C HIS C 499 9.83 52.07 31.83
N ILE C 500 9.47 51.76 30.58
CA ILE C 500 9.80 50.46 30.02
C ILE C 500 11.29 50.36 29.75
N ARG C 501 11.81 49.15 29.87
CA ARG C 501 13.23 48.85 29.65
C ARG C 501 13.31 47.78 28.59
N VAL C 502 13.61 48.19 27.35
CA VAL C 502 13.60 47.30 26.20
C VAL C 502 15.04 47.08 25.76
N THR C 503 15.42 45.81 25.60
CA THR C 503 16.71 45.43 25.06
C THR C 503 16.51 44.84 23.67
N SER C 504 17.25 45.34 22.70
CA SER C 504 17.06 44.97 21.30
C SER C 504 18.27 44.15 20.82
N HIS C 505 18.03 42.89 20.49
CA HIS C 505 19.01 42.03 19.87
C HIS C 505 18.75 41.92 18.37
N GLN C 506 19.76 41.49 17.64
CA GLN C 506 19.65 41.26 16.20
C GLN C 506 20.03 39.82 15.85
N ASN C 507 19.69 38.88 16.73
CA ASN C 507 20.04 37.48 16.56
C ASN C 507 18.88 36.71 15.96
N ARG C 508 19.15 35.94 14.92
CA ARG C 508 18.17 35.04 14.34
C ARG C 508 18.01 33.84 15.28
N VAL C 509 16.83 33.71 15.88
CA VAL C 509 16.60 32.67 16.87
C VAL C 509 16.62 31.30 16.18
N GLY C 510 17.52 30.44 16.64
CA GLY C 510 17.66 29.12 16.07
C GLY C 510 18.66 28.29 16.84
N PRO C 511 19.09 27.17 16.26
CA PRO C 511 20.08 26.32 16.94
C PRO C 511 21.46 26.93 17.03
N ASP C 512 21.78 27.94 16.22
CA ASP C 512 23.10 28.55 16.27
C ASP C 512 23.22 29.56 17.41
N THR C 513 22.13 30.20 17.80
CA THR C 513 22.16 31.21 18.85
C THR C 513 21.83 30.64 20.23
N GLU C 514 22.02 29.34 20.42
CA GLU C 514 21.81 28.76 21.74
C GLU C 514 22.82 29.27 22.76
N ARG C 515 23.99 29.72 22.30
CA ARG C 515 24.99 30.27 23.20
C ARG C 515 24.53 31.59 23.80
N ILE C 516 23.87 32.43 23.01
CA ILE C 516 23.37 33.70 23.51
C ILE C 516 22.19 33.46 24.45
N TYR C 517 21.24 32.64 24.03
CA TYR C 517 20.05 32.34 24.85
C TYR C 517 20.23 30.98 25.51
N ASP C 518 21.14 30.94 26.48
CA ASP C 518 21.51 29.69 27.13
C ASP C 518 20.51 29.36 28.24
N ASP C 519 20.86 28.39 29.09
CA ASP C 519 19.97 27.98 30.18
C ASP C 519 19.74 29.13 31.15
N ASP C 520 20.79 29.90 31.45
CA ASP C 520 20.65 31.02 32.38
C ASP C 520 19.76 32.12 31.82
N PHE C 521 19.59 32.18 30.50
CA PHE C 521 18.73 33.20 29.91
C PHE C 521 17.25 32.88 30.13
N PHE C 522 16.86 31.64 29.90
CA PHE C 522 15.46 31.22 30.03
C PHE C 522 15.05 30.99 31.48
N GLN C 523 15.98 30.95 32.43
CA GLN C 523 15.62 30.64 33.80
C GLN C 523 14.87 31.80 34.46
N ASN C 524 15.40 33.01 34.34
CA ASN C 524 14.75 34.17 34.94
C ASN C 524 13.58 34.69 34.12
N LEU C 525 13.31 34.13 32.94
CA LEU C 525 12.16 34.53 32.14
C LEU C 525 10.87 34.05 32.79
N ASP C 526 9.80 34.81 32.55
CA ASP C 526 8.46 34.44 33.01
C ASP C 526 7.53 34.05 31.88
N GLY C 527 7.90 34.30 30.63
CA GLY C 527 7.06 33.94 29.51
C GLY C 527 7.68 34.40 28.22
N VAL C 528 7.20 33.84 27.12
CA VAL C 528 7.69 34.15 25.79
C VAL C 528 6.50 34.51 24.91
N ALA C 529 6.69 35.52 24.05
CA ALA C 529 5.67 35.93 23.09
C ALA C 529 6.24 35.82 21.68
N ASN C 530 5.60 35.03 20.84
CA ASN C 530 6.07 34.80 19.48
C ASN C 530 5.52 35.86 18.54
N ALA C 531 6.33 36.19 17.52
CA ALA C 531 5.96 37.15 16.49
C ALA C 531 6.75 36.79 15.23
N LEU C 532 6.57 35.56 14.77
CA LEU C 532 7.37 35.01 13.68
C LEU C 532 6.52 34.88 12.42
N ASP C 533 7.21 34.79 11.27
CA ASP C 533 6.54 34.69 9.98
C ASP C 533 6.79 33.34 9.30
N ASN C 534 7.30 32.36 10.02
CA ASN C 534 7.51 31.02 9.47
C ASN C 534 7.19 29.99 10.53
N VAL C 535 7.06 28.74 10.10
CA VAL C 535 6.62 27.69 11.01
C VAL C 535 7.80 26.99 11.69
N ASP C 536 8.99 27.01 11.08
CA ASP C 536 10.14 26.35 11.69
C ASP C 536 10.53 27.04 13.00
N ALA C 537 10.55 28.37 13.01
CA ALA C 537 10.89 29.08 14.24
C ALA C 537 9.81 28.90 15.31
N ARG C 538 8.56 28.69 14.89
CA ARG C 538 7.50 28.42 15.86
C ARG C 538 7.73 27.10 16.58
N MET C 539 8.08 26.05 15.82
CA MET C 539 8.35 24.76 16.44
C MET C 539 9.59 24.82 17.32
N TYR C 540 10.59 25.60 16.92
CA TYR C 540 11.81 25.73 17.72
C TYR C 540 11.52 26.43 19.04
N MET C 541 10.80 27.55 18.99
CA MET C 541 10.42 28.25 20.21
C MET C 541 9.45 27.45 21.06
N ASP C 542 8.69 26.54 20.46
CA ASP C 542 7.76 25.73 21.23
C ASP C 542 8.50 24.68 22.05
N ARG C 543 9.50 24.03 21.45
CA ARG C 543 10.23 22.99 22.17
C ARG C 543 11.03 23.57 23.32
N ARG C 544 11.57 24.77 23.15
CA ARG C 544 12.36 25.38 24.21
C ARG C 544 11.49 25.77 25.39
N CYS C 545 10.28 26.27 25.12
CA CYS C 545 9.38 26.60 26.21
C CYS C 545 8.89 25.37 26.95
N VAL C 546 8.98 24.19 26.34
CA VAL C 546 8.64 22.95 27.05
C VAL C 546 9.84 22.48 27.87
N TYR C 547 11.05 22.65 27.35
CA TYR C 547 12.23 22.21 28.07
C TYR C 547 12.50 23.06 29.31
N TYR C 548 12.15 24.34 29.26
CA TYR C 548 12.35 25.25 30.39
C TYR C 548 11.07 25.53 31.16
N ARG C 549 9.93 24.99 30.71
CA ARG C 549 8.64 25.17 31.37
C ARG C 549 8.29 26.65 31.50
N LYS C 550 8.15 27.30 30.35
CA LYS C 550 7.81 28.71 30.29
C LYS C 550 6.58 28.92 29.42
N PRO C 551 5.67 29.80 29.82
CA PRO C 551 4.46 30.03 29.02
C PRO C 551 4.79 30.63 27.67
N LEU C 552 3.97 30.27 26.67
CA LEU C 552 4.17 30.71 25.30
C LEU C 552 2.88 31.32 24.77
N LEU C 553 2.99 32.51 24.17
CA LEU C 553 1.86 33.20 23.56
C LEU C 553 2.06 33.17 22.04
N GLU C 554 1.29 32.31 21.36
CA GLU C 554 1.41 32.11 19.93
C GLU C 554 0.33 32.87 19.17
N SER C 555 0.71 33.47 18.06
CA SER C 555 -0.22 34.22 17.23
C SER C 555 0.22 34.14 15.78
N GLY C 556 -0.74 34.20 14.88
CA GLY C 556 -0.46 34.18 13.45
C GLY C 556 -1.56 34.86 12.68
N THR C 557 -1.20 35.45 11.54
CA THR C 557 -2.15 36.13 10.68
C THR C 557 -2.01 35.62 9.25
N LEU C 558 -3.06 35.81 8.47
CA LEU C 558 -3.05 35.52 7.04
C LEU C 558 -4.21 36.28 6.42
N GLY C 559 -3.91 37.45 5.87
CA GLY C 559 -4.96 38.30 5.33
C GLY C 559 -5.92 38.70 6.42
N THR C 560 -7.19 38.37 6.24
CA THR C 560 -8.22 38.67 7.22
C THR C 560 -8.35 37.60 8.29
N LYS C 561 -7.50 36.58 8.27
CA LYS C 561 -7.58 35.48 9.22
C LYS C 561 -6.53 35.63 10.32
N GLY C 562 -6.87 35.13 11.51
CA GLY C 562 -5.97 35.19 12.64
C GLY C 562 -6.27 34.07 13.61
N ASN C 563 -5.25 33.70 14.38
CA ASN C 563 -5.41 32.67 15.40
C ASN C 563 -4.51 32.99 16.58
N VAL C 564 -4.97 32.62 17.78
CA VAL C 564 -4.23 32.84 19.01
C VAL C 564 -4.30 31.56 19.83
N GLN C 565 -3.13 31.04 20.24
CA GLN C 565 -3.04 29.85 21.06
C GLN C 565 -2.07 30.08 22.20
N VAL C 566 -2.45 29.65 23.41
CA VAL C 566 -1.65 29.82 24.61
C VAL C 566 -1.17 28.44 25.07
N VAL C 567 0.06 28.39 25.56
CA VAL C 567 0.68 27.15 26.04
C VAL C 567 1.16 27.39 27.47
N ILE C 568 0.49 26.76 28.42
CA ILE C 568 0.79 26.92 29.84
C ILE C 568 1.52 25.67 30.33
N PRO C 569 2.64 25.81 31.05
CA PRO C 569 3.34 24.62 31.57
C PRO C 569 2.47 23.84 32.55
N PHE C 570 2.54 22.51 32.44
CA PHE C 570 1.78 21.60 33.30
C PHE C 570 0.29 21.87 33.23
N LEU C 571 -0.21 22.30 32.08
CA LEU C 571 -1.63 22.60 31.94
C LEU C 571 -2.14 22.23 30.56
N THR C 572 -1.57 22.83 29.52
CA THR C 572 -2.03 22.66 28.15
C THR C 572 -0.99 21.92 27.33
N GLU C 573 -1.42 21.49 26.14
CA GLU C 573 -0.50 20.90 25.18
C GLU C 573 0.33 22.01 24.51
N SER C 574 1.44 21.60 23.91
CA SER C 574 2.33 22.55 23.25
C SER C 574 1.83 22.84 21.83
N TYR C 575 2.46 23.81 21.19
CA TYR C 575 2.08 24.18 19.83
C TYR C 575 2.29 23.04 18.85
N SER C 576 3.29 22.18 19.12
CA SER C 576 3.61 21.08 18.23
C SER C 576 2.74 19.85 18.45
N SER C 577 1.94 19.83 19.52
CA SER C 577 1.08 18.67 19.78
C SER C 577 0.07 18.46 18.66
N SER C 578 -0.41 19.54 18.06
CA SER C 578 -1.33 19.48 16.94
C SER C 578 -0.56 19.63 15.63
N GLN C 579 -1.23 19.31 14.53
CA GLN C 579 -0.62 19.34 13.21
C GLN C 579 -1.45 20.18 12.27
N ASP C 580 -0.78 20.78 11.28
CA ASP C 580 -1.42 21.61 10.28
C ASP C 580 -1.19 21.02 8.89
N PRO C 581 -2.10 21.25 7.96
CA PRO C 581 -1.93 20.72 6.59
C PRO C 581 -0.73 21.33 5.90
N PRO C 582 0.02 20.54 5.13
CA PRO C 582 1.21 21.06 4.44
C PRO C 582 0.81 21.91 3.24
N GLU C 583 1.82 22.56 2.66
CA GLU C 583 1.59 23.42 1.51
C GLU C 583 1.38 22.58 0.24
N LYS C 584 0.91 23.25 -0.81
CA LYS C 584 0.65 22.60 -2.09
C LYS C 584 1.97 22.19 -2.73
N SER C 585 2.23 20.88 -2.78
CA SER C 585 3.45 20.35 -3.35
C SER C 585 3.16 19.82 -4.75
N ILE C 586 3.75 20.46 -5.75
CA ILE C 586 3.55 20.05 -7.14
C ILE C 586 4.50 18.90 -7.47
N PRO C 587 3.99 17.77 -7.96
CA PRO C 587 4.88 16.67 -8.36
C PRO C 587 5.86 17.10 -9.45
N ILE C 588 7.08 16.54 -9.38
CA ILE C 588 8.14 16.95 -10.30
C ILE C 588 7.76 16.64 -11.74
N ALA C 589 6.93 15.62 -11.95
CA ALA C 589 6.51 15.26 -13.30
C ALA C 589 5.68 16.37 -13.93
N THR C 590 4.60 16.77 -13.27
CA THR C 590 3.72 17.82 -13.76
C THR C 590 4.30 19.22 -13.56
N LEU C 591 5.56 19.32 -13.17
CA LEU C 591 6.25 20.59 -13.02
C LEU C 591 7.29 20.85 -14.09
N LYS C 592 7.97 19.80 -14.55
CA LYS C 592 9.05 19.95 -15.52
C LYS C 592 8.58 19.77 -16.95
N ASN C 593 7.54 18.96 -17.18
CA ASN C 593 7.12 18.65 -18.53
C ASN C 593 5.67 19.02 -18.81
N PHE C 594 4.76 18.84 -17.86
CA PHE C 594 3.32 18.98 -18.10
C PHE C 594 2.69 19.93 -17.09
N PRO C 595 2.87 21.23 -17.26
CA PRO C 595 2.15 22.19 -16.42
C PRO C 595 0.77 22.49 -16.98
N ASN C 596 -0.11 22.93 -16.08
CA ASN C 596 -1.47 23.31 -16.48
C ASN C 596 -1.97 24.61 -15.89
N ALA C 597 -1.44 25.08 -14.76
CA ALA C 597 -1.85 26.35 -14.18
C ALA C 597 -0.71 27.36 -14.27
N ILE C 598 -1.00 28.59 -13.85
CA ILE C 598 0.04 29.62 -13.88
C ILE C 598 1.05 29.41 -12.76
N GLU C 599 0.63 28.78 -11.66
CA GLU C 599 1.56 28.53 -10.57
C GLU C 599 2.64 27.54 -10.95
N HIS C 600 2.35 26.65 -11.91
CA HIS C 600 3.34 25.66 -12.34
C HIS C 600 4.45 26.30 -13.15
N THR C 601 4.17 27.43 -13.80
CA THR C 601 5.20 28.15 -14.53
C THR C 601 5.95 29.15 -13.64
N LEU C 602 5.29 29.68 -12.61
CA LEU C 602 5.97 30.58 -11.69
C LEU C 602 6.96 29.81 -10.81
N GLN C 603 6.54 28.67 -10.27
CA GLN C 603 7.47 27.82 -9.53
C GLN C 603 8.59 27.33 -10.44
N TRP C 604 8.30 27.12 -11.72
CA TRP C 604 9.33 26.75 -12.68
C TRP C 604 10.27 27.91 -12.97
N ALA C 605 9.73 29.13 -13.04
CA ALA C 605 10.57 30.29 -13.34
C ALA C 605 11.46 30.67 -12.16
N ARG C 606 10.99 30.45 -10.93
CA ARG C 606 11.82 30.70 -9.76
C ARG C 606 13.00 29.73 -9.72
N ASP C 607 12.76 28.45 -10.04
CA ASP C 607 13.85 27.49 -10.14
C ASP C 607 14.76 27.78 -11.31
N GLU C 608 14.23 28.37 -12.39
CA GLU C 608 15.07 28.80 -13.50
C GLU C 608 16.02 29.91 -13.05
N PHE C 609 15.53 30.82 -12.19
CA PHE C 609 16.37 31.90 -11.69
C PHE C 609 17.46 31.35 -10.78
N GLU C 610 17.12 30.38 -9.92
CA GLU C 610 18.10 29.83 -8.99
C GLU C 610 19.16 29.01 -9.72
N GLY C 611 18.76 28.30 -10.77
CA GLY C 611 19.65 27.40 -11.46
C GLY C 611 20.49 28.04 -12.54
N LEU C 612 20.11 29.25 -12.98
CA LEU C 612 20.84 29.95 -14.03
C LEU C 612 21.84 30.97 -13.50
N PHE C 613 21.65 31.45 -12.27
CA PHE C 613 22.47 32.54 -11.76
C PHE C 613 23.19 32.19 -10.47
N LYS C 614 22.46 31.70 -9.46
CA LYS C 614 23.10 31.40 -8.18
C LYS C 614 23.80 30.04 -8.20
N GLN C 615 23.19 29.04 -8.86
CA GLN C 615 23.73 27.68 -8.79
C GLN C 615 25.09 27.55 -9.49
N PRO C 616 25.26 27.99 -10.73
CA PRO C 616 26.59 27.82 -11.35
C PRO C 616 27.67 28.66 -10.71
N ALA C 617 27.32 29.88 -10.26
CA ALA C 617 28.32 30.75 -9.65
C ALA C 617 28.82 30.19 -8.32
N GLU C 618 27.93 29.60 -7.54
CA GLU C 618 28.33 29.04 -6.25
C GLU C 618 29.27 27.86 -6.42
N ASN C 619 29.13 27.09 -7.50
CA ASN C 619 30.02 25.96 -7.74
C ASN C 619 31.40 26.40 -8.20
N VAL C 620 31.46 27.43 -9.05
CA VAL C 620 32.76 27.90 -9.54
C VAL C 620 33.58 28.49 -8.40
N ASN C 621 32.94 29.23 -7.50
CA ASN C 621 33.66 29.80 -6.36
C ASN C 621 34.20 28.72 -5.45
N GLN C 622 33.41 27.67 -5.20
CA GLN C 622 33.88 26.56 -4.37
C GLN C 622 35.00 25.78 -5.07
N TYR C 623 35.02 25.81 -6.40
CA TYR C 623 36.12 25.18 -7.14
C TYR C 623 37.40 26.00 -7.06
N LEU C 624 37.28 27.32 -6.97
CA LEU C 624 38.44 28.21 -6.91
C LEU C 624 38.90 28.52 -5.50
N THR C 625 38.10 28.21 -4.48
CA THR C 625 38.46 28.47 -3.10
C THR C 625 38.95 27.24 -2.36
N ASP C 626 38.20 26.14 -2.40
CA ASP C 626 38.62 24.92 -1.74
C ASP C 626 39.60 24.15 -2.63
N PRO C 627 40.85 23.97 -2.22
CA PRO C 627 41.79 23.19 -3.04
C PRO C 627 41.44 21.72 -3.10
N LYS C 628 40.69 21.19 -2.14
CA LYS C 628 40.29 19.79 -2.10
C LYS C 628 38.90 19.59 -2.69
N PHE C 629 38.57 20.36 -3.73
CA PHE C 629 37.26 20.30 -4.35
C PHE C 629 37.10 19.09 -5.27
N VAL C 630 38.20 18.51 -5.75
CA VAL C 630 38.09 17.41 -6.72
C VAL C 630 37.54 16.16 -6.04
N GLU C 631 38.11 15.78 -4.89
CA GLU C 631 37.62 14.62 -4.17
C GLU C 631 36.26 14.89 -3.55
N ARG C 632 35.97 16.14 -3.20
CA ARG C 632 34.70 16.46 -2.56
C ARG C 632 33.52 16.21 -3.50
N THR C 633 33.65 16.62 -4.76
CA THR C 633 32.56 16.37 -5.72
C THR C 633 32.48 14.90 -6.10
N LEU C 634 33.61 14.19 -6.04
CA LEU C 634 33.63 12.75 -6.30
C LEU C 634 33.09 11.93 -5.15
N ARG C 635 32.57 12.58 -4.09
CA ARG C 635 32.02 11.83 -2.96
C ARG C 635 30.78 11.04 -3.38
N LEU C 636 29.94 11.63 -4.22
CA LEU C 636 28.79 10.91 -4.76
C LEU C 636 29.16 10.33 -6.13
N ALA C 637 28.61 9.15 -6.42
CA ALA C 637 28.99 8.37 -7.58
C ALA C 637 27.90 8.40 -8.64
N GLY C 638 28.25 7.90 -9.82
CA GLY C 638 27.33 7.87 -10.94
C GLY C 638 27.67 8.87 -12.01
N THR C 639 26.65 9.35 -12.73
CA THR C 639 26.86 10.34 -13.78
C THR C 639 26.85 11.76 -13.24
N GLN C 640 26.28 11.98 -12.06
CA GLN C 640 26.24 13.33 -11.49
C GLN C 640 27.62 13.90 -11.14
N PRO C 641 28.57 13.14 -10.59
CA PRO C 641 29.87 13.78 -10.27
C PRO C 641 30.58 14.34 -11.49
N LEU C 642 30.63 13.58 -12.59
CA LEU C 642 31.20 14.11 -13.82
C LEU C 642 30.30 15.15 -14.47
N GLU C 643 29.04 15.24 -14.06
CA GLU C 643 28.13 16.21 -14.66
C GLU C 643 28.32 17.60 -14.07
N VAL C 644 28.48 17.70 -12.76
CA VAL C 644 28.72 18.99 -12.13
C VAL C 644 30.05 19.57 -12.60
N LEU C 645 31.07 18.72 -12.74
CA LEU C 645 32.35 19.18 -13.25
C LEU C 645 32.22 19.69 -14.68
N GLU C 646 31.35 19.06 -15.48
CA GLU C 646 31.07 19.60 -16.80
C GLU C 646 30.38 20.95 -16.69
N ALA C 647 29.46 21.09 -15.73
CA ALA C 647 28.82 22.38 -15.51
C ALA C 647 29.81 23.43 -15.05
N VAL C 648 30.83 23.02 -14.28
CA VAL C 648 31.88 23.94 -13.89
C VAL C 648 32.75 24.30 -15.09
N GLN C 649 33.11 23.30 -15.88
CA GLN C 649 33.87 23.56 -17.11
C GLN C 649 33.04 24.39 -18.09
N ARG C 650 31.73 24.10 -18.18
CA ARG C 650 30.88 24.85 -19.09
C ARG C 650 30.84 26.33 -18.71
N SER C 651 30.70 26.62 -17.42
CA SER C 651 30.60 28.00 -16.95
C SER C 651 31.94 28.73 -16.94
N LEU C 652 33.06 28.01 -17.01
CA LEU C 652 34.38 28.64 -16.92
C LEU C 652 34.94 29.05 -18.28
N VAL C 653 34.70 28.25 -19.33
CA VAL C 653 35.30 28.53 -20.63
C VAL C 653 34.23 28.50 -21.71
N LEU C 654 33.31 27.53 -21.64
CA LEU C 654 32.29 27.40 -22.68
C LEU C 654 31.29 28.55 -22.61
N GLN C 655 30.58 28.68 -21.49
CA GLN C 655 29.61 29.74 -21.30
C GLN C 655 30.23 31.00 -20.72
N ARG C 656 31.53 31.22 -20.92
CA ARG C 656 32.21 32.36 -20.35
C ARG C 656 32.03 33.57 -21.26
N PRO C 657 31.43 34.66 -20.78
CA PRO C 657 31.33 35.88 -21.57
C PRO C 657 32.52 36.79 -21.35
N GLN C 658 32.73 37.69 -22.32
CA GLN C 658 33.80 38.68 -22.20
C GLN C 658 33.27 40.07 -22.52
N THR C 659 32.27 40.15 -23.40
CA THR C 659 31.65 41.41 -23.78
C THR C 659 30.15 41.33 -23.54
N TRP C 660 29.52 42.51 -23.50
CA TRP C 660 28.07 42.56 -23.33
C TRP C 660 27.37 41.87 -24.50
N ALA C 661 27.89 42.05 -25.72
CA ALA C 661 27.30 41.38 -26.88
C ALA C 661 27.39 39.86 -26.74
N ASP C 662 28.41 39.35 -26.05
CA ASP C 662 28.50 37.91 -25.80
C ASP C 662 27.47 37.46 -24.78
N CYS C 663 26.99 38.35 -23.91
CA CYS C 663 25.93 38.01 -22.98
C CYS C 663 24.57 38.02 -23.65
N VAL C 664 24.39 38.84 -24.68
CA VAL C 664 23.12 38.89 -25.39
C VAL C 664 22.91 37.62 -26.20
N THR C 665 23.97 37.11 -26.84
CA THR C 665 23.85 35.88 -27.61
C THR C 665 23.49 34.70 -26.72
N TRP C 666 23.98 34.68 -25.48
CA TRP C 666 23.62 33.59 -24.58
C TRP C 666 22.15 33.65 -24.21
N ALA C 667 21.62 34.86 -23.96
CA ALA C 667 20.21 34.99 -23.65
C ALA C 667 19.34 34.56 -24.81
N CYS C 668 19.81 34.77 -26.04
CA CYS C 668 19.08 34.32 -27.22
C CYS C 668 19.23 32.82 -27.45
N HIS C 669 20.41 32.26 -27.11
CA HIS C 669 20.60 30.82 -27.24
C HIS C 669 19.78 30.06 -26.21
N HIS C 670 19.74 30.55 -24.97
CA HIS C 670 18.95 29.89 -23.95
C HIS C 670 17.44 30.05 -24.19
N TRP C 671 17.04 31.09 -24.91
CA TRP C 671 15.62 31.26 -25.22
C TRP C 671 15.12 30.15 -26.11
N HIS C 672 15.84 29.86 -27.20
CA HIS C 672 15.44 28.77 -28.09
C HIS C 672 15.57 27.41 -27.41
N THR C 673 16.50 27.27 -26.48
CA THR C 673 16.69 25.98 -25.82
C THR C 673 15.55 25.70 -24.84
N GLN C 674 14.99 26.74 -24.23
CA GLN C 674 14.01 26.55 -23.17
C GLN C 674 12.57 26.59 -23.67
N TYR C 675 12.28 27.37 -24.72
CA TYR C 675 10.91 27.55 -25.19
C TYR C 675 10.71 27.03 -26.61
N SER C 676 11.69 26.33 -27.18
CA SER C 676 11.54 25.78 -28.52
C SER C 676 12.19 24.40 -28.62
N ASN C 677 13.47 24.30 -28.26
CA ASN C 677 14.17 23.02 -28.41
C ASN C 677 13.61 21.97 -27.48
N ASN C 678 13.54 22.26 -26.17
CA ASN C 678 13.00 21.28 -25.25
C ASN C 678 11.53 21.02 -25.51
N ILE C 679 10.82 21.99 -26.08
CA ILE C 679 9.42 21.78 -26.43
C ILE C 679 9.30 20.80 -27.59
N ARG C 680 10.15 20.95 -28.60
CA ARG C 680 10.19 19.98 -29.70
C ARG C 680 10.64 18.62 -29.19
N GLN C 681 11.55 18.58 -28.23
CA GLN C 681 11.99 17.32 -27.65
C GLN C 681 10.86 16.64 -26.89
N LEU C 682 10.00 17.41 -26.23
CA LEU C 682 8.88 16.83 -25.52
C LEU C 682 7.82 16.30 -26.49
N LEU C 683 7.56 17.03 -27.57
CA LEU C 683 6.61 16.55 -28.57
C LEU C 683 7.15 15.36 -29.34
N HIS C 684 8.47 15.19 -29.39
CA HIS C 684 9.04 14.01 -30.04
C HIS C 684 8.85 12.77 -29.18
N ASN C 685 9.06 12.90 -27.87
CA ASN C 685 8.85 11.77 -26.96
C ASN C 685 7.38 11.50 -26.72
N PHE C 686 6.52 12.52 -26.84
CA PHE C 686 5.09 12.37 -26.67
C PHE C 686 4.39 13.11 -27.81
N PRO C 687 4.00 12.41 -28.87
CA PRO C 687 3.31 13.06 -29.99
C PRO C 687 2.01 13.69 -29.53
N PRO C 688 1.50 14.69 -30.28
CA PRO C 688 0.26 15.37 -29.86
C PRO C 688 -0.97 14.50 -29.88
N ASP C 689 -0.87 13.23 -30.27
CA ASP C 689 -2.02 12.33 -30.29
C ASP C 689 -1.58 10.90 -30.00
N GLN C 690 -0.69 10.72 -29.03
CA GLN C 690 -0.26 9.39 -28.63
C GLN C 690 -1.18 8.86 -27.53
N LEU C 691 -1.54 7.58 -27.64
CA LEU C 691 -2.41 6.95 -26.67
C LEU C 691 -1.60 6.38 -25.51
N THR C 692 -2.29 6.20 -24.39
CA THR C 692 -1.70 5.60 -23.20
C THR C 692 -1.94 4.10 -23.24
N SER C 693 -1.65 3.41 -22.13
CA SER C 693 -1.88 1.97 -22.06
C SER C 693 -3.36 1.62 -22.07
N SER C 694 -4.23 2.56 -21.69
CA SER C 694 -5.66 2.34 -21.68
C SER C 694 -6.35 2.79 -22.96
N GLY C 695 -5.59 3.06 -24.02
CA GLY C 695 -6.19 3.51 -25.26
C GLY C 695 -6.75 4.91 -25.23
N ALA C 696 -6.47 5.69 -24.16
CA ALA C 696 -6.95 7.04 -23.98
C ALA C 696 -5.90 8.05 -24.46
N PRO C 697 -6.32 9.20 -24.96
CA PRO C 697 -5.36 10.22 -25.40
C PRO C 697 -4.49 10.69 -24.25
N PHE C 698 -3.18 10.77 -24.49
CA PHE C 698 -2.26 11.20 -23.45
C PHE C 698 -2.51 12.66 -23.08
N TRP C 699 -2.63 13.53 -24.09
CA TRP C 699 -2.86 14.95 -23.88
C TRP C 699 -4.35 15.17 -23.62
N SER C 700 -4.76 14.87 -22.39
CA SER C 700 -6.15 15.03 -21.97
C SER C 700 -6.19 15.25 -20.47
N GLY C 701 -6.96 16.26 -20.05
CA GLY C 701 -7.12 16.55 -18.65
C GLY C 701 -6.01 17.44 -18.12
N PRO C 702 -5.27 16.95 -17.12
CA PRO C 702 -4.22 17.75 -16.50
C PRO C 702 -3.00 17.98 -17.38
N LYS C 703 -2.93 17.38 -18.56
CA LYS C 703 -1.78 17.51 -19.45
C LYS C 703 -2.18 18.34 -20.67
N ARG C 704 -1.61 19.53 -20.78
CA ARG C 704 -1.86 20.42 -21.91
C ARG C 704 -0.74 20.27 -22.95
N CYS C 705 -1.14 20.19 -24.21
CA CYS C 705 -0.18 19.97 -25.27
C CYS C 705 0.57 21.27 -25.59
N PRO C 706 1.89 21.30 -25.46
CA PRO C 706 2.66 22.51 -25.77
C PRO C 706 2.87 22.66 -27.27
N HIS C 707 3.47 23.78 -27.65
CA HIS C 707 3.82 24.06 -29.04
C HIS C 707 5.08 24.90 -29.07
N PRO C 708 5.96 24.69 -30.05
CA PRO C 708 7.19 25.49 -30.14
C PRO C 708 6.87 26.95 -30.44
N LEU C 709 7.80 27.81 -30.05
CA LEU C 709 7.63 29.25 -30.16
C LEU C 709 8.74 29.84 -31.02
N THR C 710 8.37 30.62 -32.02
CA THR C 710 9.36 31.27 -32.88
C THR C 710 9.79 32.59 -32.24
N PHE C 711 11.05 32.97 -32.50
CA PHE C 711 11.63 34.17 -31.90
C PHE C 711 11.33 35.38 -32.78
N ASP C 712 10.52 36.30 -32.25
CA ASP C 712 10.21 37.55 -32.92
C ASP C 712 10.88 38.69 -32.16
N VAL C 713 11.82 39.37 -32.82
CA VAL C 713 12.58 40.40 -32.13
C VAL C 713 11.72 41.62 -31.82
N ASN C 714 10.59 41.80 -32.51
CA ASN C 714 9.71 42.92 -32.25
C ASN C 714 8.71 42.65 -31.12
N ASN C 715 8.45 41.39 -30.81
CA ASN C 715 7.55 41.06 -29.71
C ASN C 715 8.19 41.45 -28.38
N PRO C 716 7.56 42.32 -27.58
CA PRO C 716 8.20 42.74 -26.33
C PRO C 716 8.44 41.60 -25.35
N LEU C 717 7.54 40.61 -25.28
CA LEU C 717 7.75 39.51 -24.36
C LEU C 717 9.02 38.74 -24.69
N HIS C 718 9.31 38.59 -25.98
CA HIS C 718 10.58 37.97 -26.37
C HIS C 718 11.76 38.90 -26.07
N LEU C 719 11.55 40.22 -26.12
CA LEU C 719 12.63 41.15 -25.83
C LEU C 719 12.79 41.38 -24.34
N ASP C 720 11.67 41.44 -23.61
CA ASP C 720 11.76 41.63 -22.16
C ASP C 720 12.51 40.48 -21.50
N TYR C 721 12.43 39.28 -22.06
CA TYR C 721 13.17 38.14 -21.50
C TYR C 721 14.66 38.27 -21.75
N VAL C 722 15.04 38.65 -22.96
CA VAL C 722 16.46 38.77 -23.28
C VAL C 722 17.10 39.90 -22.48
N MET C 723 16.38 41.00 -22.30
CA MET C 723 16.92 42.12 -21.53
C MET C 723 17.21 41.71 -20.08
N ALA C 724 16.28 41.00 -19.46
CA ALA C 724 16.49 40.61 -18.06
C ALA C 724 17.46 39.45 -17.93
N ALA C 725 17.49 38.56 -18.92
CA ALA C 725 18.39 37.41 -18.84
C ALA C 725 19.84 37.82 -19.08
N ALA C 726 20.08 38.63 -20.11
CA ALA C 726 21.45 39.04 -20.42
C ALA C 726 22.03 39.90 -19.31
N ASN C 727 21.20 40.73 -18.67
CA ASN C 727 21.68 41.56 -17.56
C ASN C 727 22.05 40.70 -16.37
N LEU C 728 21.15 39.80 -15.96
CA LEU C 728 21.45 38.90 -14.85
C LEU C 728 22.58 37.94 -15.18
N PHE C 729 22.77 37.63 -16.47
CA PHE C 729 23.90 36.80 -16.87
C PHE C 729 25.21 37.56 -16.74
N ALA C 730 25.19 38.86 -17.06
CA ALA C 730 26.40 39.66 -16.92
C ALA C 730 26.73 39.93 -15.45
N GLN C 731 25.70 40.07 -14.60
CA GLN C 731 25.94 40.28 -13.17
C GLN C 731 26.62 39.08 -12.54
N THR C 732 26.38 37.89 -13.08
CA THR C 732 27.00 36.69 -12.52
C THR C 732 28.50 36.69 -12.77
N TYR C 733 28.93 37.14 -13.96
CA TYR C 733 30.34 37.23 -14.29
C TYR C 733 30.93 38.60 -14.00
N GLY C 734 30.12 39.56 -13.58
CA GLY C 734 30.62 40.89 -13.26
C GLY C 734 30.94 41.72 -14.47
N LEU C 735 29.96 41.91 -15.35
CA LEU C 735 30.13 42.72 -16.55
C LEU C 735 29.07 43.82 -16.57
N THR C 736 29.41 44.93 -17.23
CA THR C 736 28.48 46.06 -17.32
C THR C 736 27.34 45.71 -18.26
N GLY C 737 26.12 45.70 -17.73
CA GLY C 737 24.94 45.39 -18.51
C GLY C 737 24.17 46.65 -18.84
N SER C 738 23.77 46.76 -20.11
CA SER C 738 23.03 47.93 -20.56
C SER C 738 21.53 47.68 -20.49
N GLN C 739 20.76 48.76 -20.71
CA GLN C 739 19.32 48.70 -20.73
C GLN C 739 18.74 49.24 -22.03
N ASP C 740 19.58 49.45 -23.03
CA ASP C 740 19.14 49.97 -24.32
C ASP C 740 18.45 48.85 -25.09
N ARG C 741 17.11 48.85 -25.06
CA ARG C 741 16.35 47.79 -25.73
C ARG C 741 16.40 47.90 -27.24
N ALA C 742 16.85 49.02 -27.79
CA ALA C 742 16.93 49.14 -29.24
C ALA C 742 18.19 48.47 -29.79
N ALA C 743 19.32 48.68 -29.14
CA ALA C 743 20.56 48.07 -29.61
C ALA C 743 20.55 46.56 -29.48
N VAL C 744 19.90 46.04 -28.44
CA VAL C 744 19.79 44.59 -28.28
C VAL C 744 18.92 44.00 -29.37
N ALA C 745 17.77 44.63 -29.65
CA ALA C 745 16.90 44.14 -30.70
C ALA C 745 17.57 44.21 -32.07
N THR C 746 18.36 45.27 -32.31
CA THR C 746 19.11 45.35 -33.55
C THR C 746 20.16 44.26 -33.65
N PHE C 747 20.72 43.85 -32.50
CA PHE C 747 21.75 42.82 -32.50
C PHE C 747 21.16 41.42 -32.53
N LEU C 748 19.95 41.23 -32.00
CA LEU C 748 19.36 39.89 -31.95
C LEU C 748 19.01 39.37 -33.34
N GLN C 749 18.71 40.24 -34.29
CA GLN C 749 18.41 39.78 -35.64
C GLN C 749 19.66 39.49 -36.45
N SER C 750 20.82 39.45 -35.82
CA SER C 750 22.05 39.03 -36.47
C SER C 750 22.71 37.86 -35.74
N VAL C 751 22.09 37.36 -34.69
CA VAL C 751 22.60 36.20 -33.95
C VAL C 751 22.02 34.94 -34.57
N GLN C 752 22.85 33.91 -34.67
CA GLN C 752 22.43 32.62 -35.21
C GLN C 752 22.27 31.63 -34.08
N VAL C 753 21.23 30.81 -34.16
CA VAL C 753 20.96 29.77 -33.18
C VAL C 753 21.34 28.44 -33.83
N PRO C 754 22.16 27.61 -33.19
CA PRO C 754 22.55 26.34 -33.82
C PRO C 754 21.34 25.44 -34.01
N GLU C 755 21.38 24.65 -35.09
CA GLU C 755 20.28 23.77 -35.40
C GLU C 755 20.08 22.73 -34.30
N PHE C 756 18.83 22.35 -34.09
CA PHE C 756 18.45 21.40 -33.07
C PHE C 756 17.48 20.40 -33.68
N THR C 757 17.81 19.11 -33.58
CA THR C 757 16.93 18.05 -34.04
C THR C 757 16.69 17.10 -32.87
N PRO C 758 15.44 16.90 -32.44
CA PRO C 758 15.19 16.04 -31.27
C PRO C 758 15.56 14.59 -31.56
N LYS C 759 16.07 13.92 -30.54
CA LYS C 759 16.54 12.54 -30.68
C LYS C 759 15.59 11.54 -30.01
N SER C 773 28.81 -1.01 -18.21
CA SER C 773 29.73 -1.60 -19.18
C SER C 773 30.09 -0.61 -20.28
N ALA C 774 29.29 -0.60 -21.34
CA ALA C 774 29.56 0.29 -22.46
C ALA C 774 29.37 1.75 -22.08
N ASN C 775 28.34 2.04 -21.28
CA ASN C 775 28.08 3.41 -20.84
C ASN C 775 29.12 3.91 -19.84
N ALA C 776 29.93 3.02 -19.27
CA ALA C 776 31.00 3.46 -18.38
C ALA C 776 32.20 3.98 -19.16
N SER C 777 32.44 3.44 -20.35
CA SER C 777 33.59 3.87 -21.16
C SER C 777 33.43 5.31 -21.61
N VAL C 778 32.23 5.69 -22.04
CA VAL C 778 32.00 7.08 -22.46
C VAL C 778 32.06 8.02 -21.26
N ASP C 779 31.74 7.52 -20.07
CA ASP C 779 31.84 8.35 -18.87
C ASP C 779 33.29 8.50 -18.41
N ASP C 780 34.14 7.51 -18.68
CA ASP C 780 35.55 7.65 -18.36
C ASP C 780 36.25 8.58 -19.34
N SER C 781 35.85 8.55 -20.60
CA SER C 781 36.46 9.41 -21.61
C SER C 781 36.22 10.88 -21.29
N ARG C 782 35.02 11.21 -20.82
CA ARG C 782 34.74 12.59 -20.43
C ARG C 782 35.54 12.98 -19.19
N LEU C 783 35.58 12.10 -18.19
CA LEU C 783 36.31 12.42 -16.96
C LEU C 783 37.81 12.50 -17.21
N GLU C 784 38.33 11.68 -18.12
CA GLU C 784 39.75 11.78 -18.49
C GLU C 784 40.04 13.11 -19.15
N GLU C 785 39.09 13.64 -19.93
CA GLU C 785 39.30 14.94 -20.56
C GLU C 785 39.18 16.06 -19.53
N LEU C 786 38.21 15.97 -18.63
CA LEU C 786 37.95 17.05 -17.68
C LEU C 786 39.16 17.31 -16.79
N LYS C 787 39.67 16.26 -16.13
CA LYS C 787 40.78 16.43 -15.21
C LYS C 787 42.04 16.93 -15.91
N ALA C 788 42.13 16.78 -17.23
CA ALA C 788 43.28 17.22 -18.02
C ALA C 788 43.11 18.62 -18.62
N THR C 789 41.90 18.95 -19.09
CA THR C 789 41.67 20.23 -19.77
C THR C 789 41.10 21.30 -18.85
N LEU C 790 40.66 20.95 -17.66
CA LEU C 790 40.11 21.96 -16.75
C LEU C 790 41.23 22.87 -16.25
N PRO C 791 41.05 24.18 -16.31
CA PRO C 791 42.11 25.08 -15.82
C PRO C 791 42.22 25.01 -14.30
N SER C 792 43.44 24.84 -13.83
CA SER C 792 43.69 24.81 -12.40
C SER C 792 43.48 26.20 -11.80
N PRO C 793 43.11 26.28 -10.52
CA PRO C 793 42.99 27.62 -9.89
C PRO C 793 44.26 28.43 -9.98
N ASP C 794 45.43 27.79 -10.10
CA ASP C 794 46.67 28.51 -10.34
C ASP C 794 46.82 28.95 -11.78
N LYS C 795 46.10 28.32 -12.72
CA LYS C 795 46.20 28.72 -14.12
C LYS C 795 45.58 30.09 -14.34
N LEU C 796 44.55 30.44 -13.58
CA LEU C 796 43.90 31.75 -13.69
C LEU C 796 43.25 32.05 -12.35
N PRO C 797 44.04 32.55 -11.38
CA PRO C 797 43.47 32.86 -10.06
C PRO C 797 42.75 34.19 -9.96
N GLY C 798 42.91 35.08 -10.95
CA GLY C 798 42.26 36.38 -10.88
C GLY C 798 40.77 36.33 -11.09
N PHE C 799 40.29 35.36 -11.85
CA PHE C 799 38.87 35.30 -12.23
C PHE C 799 38.01 34.92 -11.02
N LYS C 800 36.84 35.56 -10.93
CA LYS C 800 35.88 35.27 -9.87
C LYS C 800 34.47 35.56 -10.37
N MET C 801 33.50 34.75 -9.93
CA MET C 801 32.10 34.93 -10.24
C MET C 801 31.33 35.38 -9.00
N TYR C 802 30.10 35.83 -9.22
CA TYR C 802 29.27 36.41 -8.16
C TYR C 802 27.87 35.83 -8.17
N PRO C 803 27.48 35.04 -7.17
CA PRO C 803 26.10 34.55 -7.10
C PRO C 803 25.12 35.68 -6.82
N ILE C 804 23.86 35.45 -7.17
CA ILE C 804 22.80 36.45 -7.08
C ILE C 804 21.68 35.93 -6.18
N ASP C 805 21.50 36.54 -5.02
CA ASP C 805 20.39 36.21 -4.14
C ASP C 805 19.10 36.79 -4.68
N PHE C 806 18.03 35.99 -4.63
CA PHE C 806 16.75 36.39 -5.18
C PHE C 806 16.08 37.43 -4.29
N GLU C 807 15.76 38.59 -4.85
CA GLU C 807 15.08 39.67 -4.14
C GLU C 807 13.79 40.02 -4.88
N LYS C 808 12.68 40.01 -4.15
CA LYS C 808 11.36 40.23 -4.73
C LYS C 808 10.96 41.71 -4.72
N ASP C 809 11.30 42.44 -3.67
CA ASP C 809 10.84 43.81 -3.44
C ASP C 809 11.76 44.86 -4.03
N ASP C 810 12.45 44.56 -5.13
CA ASP C 810 13.35 45.51 -5.78
C ASP C 810 13.06 45.49 -7.28
N ASP C 811 12.52 46.58 -7.81
CA ASP C 811 12.14 46.68 -9.21
C ASP C 811 13.27 47.22 -10.08
N SER C 812 14.52 46.96 -9.72
CA SER C 812 15.64 47.44 -10.51
C SER C 812 16.74 46.40 -10.71
N ASN C 813 16.67 45.24 -10.06
CA ASN C 813 17.69 44.21 -10.18
C ASN C 813 17.37 43.21 -11.28
N PHE C 814 16.32 43.46 -12.07
CA PHE C 814 15.87 42.59 -13.16
C PHE C 814 15.41 41.21 -12.67
N HIS C 815 15.19 41.05 -11.37
CA HIS C 815 14.78 39.75 -10.85
C HIS C 815 13.35 39.42 -11.26
N MET C 816 12.38 40.20 -10.77
CA MET C 816 11.00 39.97 -11.15
C MET C 816 10.77 40.22 -12.64
N ASP C 817 11.60 41.08 -13.25
CA ASP C 817 11.51 41.27 -14.70
C ASP C 817 11.82 39.97 -15.43
N PHE C 818 12.71 39.14 -14.89
CA PHE C 818 13.06 37.89 -15.55
C PHE C 818 12.00 36.82 -15.31
N ILE C 819 11.50 36.70 -14.08
CA ILE C 819 10.56 35.63 -13.76
C ILE C 819 9.26 35.79 -14.54
N VAL C 820 8.74 37.02 -14.59
CA VAL C 820 7.49 37.26 -15.31
C VAL C 820 7.65 36.93 -16.78
N ALA C 821 8.75 37.38 -17.39
CA ALA C 821 8.98 37.06 -18.80
C ALA C 821 9.23 35.57 -18.99
N ALA C 822 9.87 34.91 -18.03
CA ALA C 822 10.15 33.48 -18.16
C ALA C 822 8.91 32.65 -17.91
N SER C 823 8.05 33.08 -16.97
CA SER C 823 6.84 32.33 -16.68
C SER C 823 5.81 32.50 -17.79
N ASN C 824 5.62 33.73 -18.26
CA ASN C 824 4.61 33.98 -19.29
C ASN C 824 5.02 33.38 -20.63
N LEU C 825 6.31 33.28 -20.91
CA LEU C 825 6.75 32.62 -22.14
C LEU C 825 6.45 31.12 -22.10
N ARG C 826 6.67 30.49 -20.95
CA ARG C 826 6.29 29.09 -20.82
C ARG C 826 4.77 28.93 -20.82
N ALA C 827 4.05 29.91 -20.26
CA ALA C 827 2.59 29.85 -20.28
C ALA C 827 2.06 29.92 -21.71
N GLU C 828 2.75 30.64 -22.60
CA GLU C 828 2.33 30.65 -24.00
C GLU C 828 2.60 29.31 -24.68
N ASN C 829 3.61 28.57 -24.22
CA ASN C 829 3.86 27.25 -24.79
C ASN C 829 2.71 26.31 -24.48
N TYR C 830 2.26 26.27 -23.23
CA TYR C 830 1.20 25.38 -22.80
C TYR C 830 -0.17 26.05 -22.81
N ASP C 831 -0.31 27.17 -23.52
CA ASP C 831 -1.61 27.83 -23.69
C ASP C 831 -2.26 28.16 -22.35
N ILE C 832 -1.45 28.62 -21.40
CA ILE C 832 -1.91 28.97 -20.06
C ILE C 832 -2.05 30.48 -19.98
N PRO C 833 -3.14 31.01 -19.42
CA PRO C 833 -3.28 32.46 -19.30
C PRO C 833 -2.19 33.05 -18.41
N SER C 834 -1.50 34.06 -18.93
CA SER C 834 -0.38 34.66 -18.21
C SER C 834 -0.89 35.52 -17.05
N ALA C 835 0.05 35.94 -16.20
CA ALA C 835 -0.26 36.80 -15.07
C ALA C 835 0.68 37.99 -15.07
N ASP C 836 0.20 39.11 -14.53
CA ASP C 836 1.01 40.32 -14.45
C ASP C 836 2.06 40.17 -13.36
N ARG C 837 2.97 41.15 -13.28
CA ARG C 837 4.04 41.04 -12.30
C ARG C 837 3.53 41.20 -10.88
N HIS C 838 2.32 41.75 -10.70
CA HIS C 838 1.78 41.86 -9.35
C HIS C 838 1.37 40.49 -8.81
N LYS C 839 0.70 39.69 -9.63
CA LYS C 839 0.32 38.34 -9.23
C LYS C 839 1.51 37.40 -9.26
N SER C 840 2.39 37.56 -10.23
CA SER C 840 3.60 36.74 -10.30
C SER C 840 4.45 36.91 -9.05
N LYS C 841 4.50 38.13 -8.52
CA LYS C 841 5.26 38.38 -7.30
C LYS C 841 4.64 37.66 -6.09
N LEU C 842 3.34 37.41 -6.12
CA LEU C 842 2.69 36.75 -4.99
C LEU C 842 3.09 35.29 -4.89
N ILE C 843 3.16 34.59 -6.03
CA ILE C 843 3.49 33.16 -6.01
C ILE C 843 5.00 32.95 -5.98
N ALA C 844 5.71 33.58 -6.92
CA ALA C 844 7.16 33.38 -7.00
C ALA C 844 7.87 33.90 -5.75
N GLY C 845 7.57 35.14 -5.36
CA GLY C 845 8.13 35.68 -4.14
C GLY C 845 7.57 35.08 -2.88
N LYS C 846 6.49 34.32 -2.98
CA LYS C 846 5.86 33.66 -1.83
C LYS C 846 5.52 34.65 -0.73
N ILE C 847 5.04 35.83 -1.14
CA ILE C 847 4.60 36.84 -0.19
C ILE C 847 3.31 36.38 0.47
N ILE C 848 3.27 36.40 1.80
CA ILE C 848 2.08 36.05 2.56
C ILE C 848 1.30 37.33 2.84
N PRO C 849 0.05 37.43 2.41
CA PRO C 849 -0.69 38.69 2.60
C PRO C 849 -0.96 38.99 4.07
N ALA C 850 -0.90 40.28 4.40
CA ALA C 850 -1.15 40.74 5.77
C ALA C 850 -1.65 42.17 5.72
N ILE C 851 -2.50 42.51 6.70
CA ILE C 851 -3.05 43.85 6.81
C ILE C 851 -2.96 44.28 8.26
N ALA C 852 -2.98 45.60 8.48
CA ALA C 852 -2.78 46.14 9.82
C ALA C 852 -3.99 45.90 10.71
N THR C 853 -5.19 45.85 10.13
CA THR C 853 -6.40 45.70 10.96
C THR C 853 -6.47 44.31 11.58
N THR C 854 -6.17 43.27 10.81
CA THR C 854 -6.19 41.92 11.34
C THR C 854 -5.07 41.70 12.35
N THR C 855 -3.88 42.27 12.07
CA THR C 855 -2.75 42.13 12.98
C THR C 855 -3.09 42.72 14.35
N ALA C 856 -3.66 43.92 14.37
CA ALA C 856 -4.04 44.54 15.63
C ALA C 856 -5.16 43.79 16.34
N ALA C 857 -5.97 43.03 15.60
CA ALA C 857 -7.08 42.31 16.22
C ALA C 857 -6.57 41.12 17.03
N VAL C 858 -5.61 40.36 16.49
CA VAL C 858 -5.14 39.17 17.19
C VAL C 858 -4.23 39.54 18.34
N VAL C 859 -3.41 40.59 18.19
CA VAL C 859 -2.51 41.00 19.26
C VAL C 859 -3.30 41.42 20.50
N GLY C 860 -4.45 42.07 20.29
CA GLY C 860 -5.31 42.37 21.41
C GLY C 860 -5.82 41.12 22.11
N LEU C 861 -6.08 40.06 21.33
CA LEU C 861 -6.50 38.81 21.93
C LEU C 861 -5.34 38.12 22.64
N VAL C 862 -4.11 38.32 22.16
CA VAL C 862 -2.95 37.70 22.81
C VAL C 862 -2.76 38.26 24.21
N CYS C 863 -2.85 39.58 24.34
CA CYS C 863 -2.66 40.21 25.64
C CYS C 863 -3.78 39.91 26.62
N LEU C 864 -4.93 39.46 26.13
CA LEU C 864 -6.00 39.05 27.04
C LEU C 864 -5.59 37.81 27.84
N GLU C 865 -5.04 36.80 27.15
CA GLU C 865 -4.49 35.64 27.85
C GLU C 865 -3.23 36.01 28.62
N LEU C 866 -2.54 37.06 28.22
CA LEU C 866 -1.36 37.51 28.96
C LEU C 866 -1.72 37.96 30.37
N TYR C 867 -2.91 38.57 30.54
CA TYR C 867 -3.38 38.90 31.88
C TYR C 867 -3.61 37.66 32.72
N LYS C 868 -3.87 36.51 32.10
CA LYS C 868 -4.10 35.28 32.83
C LYS C 868 -2.80 34.58 33.19
N VAL C 869 -1.75 34.79 32.40
CA VAL C 869 -0.46 34.16 32.69
C VAL C 869 0.21 34.84 33.88
N VAL C 870 0.17 36.17 33.93
CA VAL C 870 0.81 36.89 35.03
C VAL C 870 0.06 36.70 36.34
N GLN C 871 -1.22 36.31 36.30
CA GLN C 871 -1.98 36.03 37.51
C GLN C 871 -1.99 34.55 37.88
N GLY C 872 -1.56 33.67 36.98
CA GLY C 872 -1.44 32.26 37.28
C GLY C 872 -2.77 31.53 37.40
N HIS C 873 -3.38 31.20 36.26
CA HIS C 873 -4.60 30.41 36.24
C HIS C 873 -4.25 28.95 35.99
N ARG C 874 -4.77 28.06 36.82
CA ARG C 874 -4.56 26.63 36.67
C ARG C 874 -5.78 25.88 36.15
N GLN C 875 -6.93 26.54 36.01
CA GLN C 875 -8.09 25.91 35.39
C GLN C 875 -8.06 26.21 33.90
N LEU C 876 -8.26 25.17 33.09
CA LEU C 876 -8.24 25.37 31.64
C LEU C 876 -9.46 26.16 31.16
N ASP C 877 -10.49 26.29 31.98
CA ASP C 877 -11.67 27.06 31.59
C ASP C 877 -11.35 28.55 31.45
N SER C 878 -10.30 29.03 32.10
CA SER C 878 -9.99 30.46 32.08
C SER C 878 -9.30 30.88 30.78
N TYR C 879 -8.56 29.98 30.15
CA TYR C 879 -7.84 30.33 28.92
C TYR C 879 -8.73 30.08 27.71
N LYS C 880 -8.50 30.86 26.66
CA LYS C 880 -9.29 30.77 25.43
C LYS C 880 -8.39 30.91 24.23
N ASN C 881 -8.48 29.96 23.30
CA ASN C 881 -7.76 30.03 22.04
C ASN C 881 -8.63 30.73 21.00
N GLY C 882 -8.06 31.73 20.34
CA GLY C 882 -8.80 32.58 19.42
C GLY C 882 -8.65 32.18 17.97
N PHE C 883 -9.70 32.44 17.19
CA PHE C 883 -9.69 32.20 15.75
C PHE C 883 -10.55 33.27 15.08
N LEU C 884 -9.98 33.98 14.11
CA LEU C 884 -10.63 35.12 13.48
C LEU C 884 -10.64 34.98 11.98
N ASN C 885 -11.69 35.53 11.35
CA ASN C 885 -11.73 35.74 9.91
C ASN C 885 -12.63 36.95 9.68
N LEU C 886 -12.02 38.10 9.41
CA LEU C 886 -12.74 39.35 9.33
C LEU C 886 -13.52 39.53 8.03
N ALA C 887 -13.42 38.57 7.11
CA ALA C 887 -14.12 38.68 5.83
C ALA C 887 -15.49 38.04 5.81
N LEU C 888 -15.90 37.36 6.89
CA LEU C 888 -17.17 36.64 6.89
C LEU C 888 -18.33 37.41 7.52
N PRO C 889 -18.16 37.95 8.75
CA PRO C 889 -17.06 37.90 9.72
C PRO C 889 -17.22 36.74 10.70
N PHE C 890 -16.11 36.10 11.06
CA PHE C 890 -16.12 34.95 11.96
C PHE C 890 -15.26 35.24 13.18
N PHE C 891 -15.77 34.85 14.35
CA PHE C 891 -15.06 34.97 15.62
C PHE C 891 -15.34 33.74 16.44
N GLY C 892 -14.30 32.97 16.73
CA GLY C 892 -14.46 31.74 17.50
C GLY C 892 -13.42 31.62 18.59
N PHE C 893 -13.83 31.05 19.72
CA PHE C 893 -12.94 30.84 20.86
C PHE C 893 -13.22 29.48 21.46
N SER C 894 -12.14 28.77 21.82
CA SER C 894 -12.24 27.46 22.44
C SER C 894 -11.14 27.32 23.49
N GLU C 895 -11.46 26.63 24.58
CA GLU C 895 -10.48 26.43 25.63
C GLU C 895 -9.32 25.57 25.12
N PRO C 896 -8.10 25.84 25.58
CA PRO C 896 -6.96 25.04 25.13
C PRO C 896 -7.08 23.59 25.59
N LEU C 897 -6.67 22.69 24.71
CA LEU C 897 -6.70 21.27 25.03
C LEU C 897 -5.69 20.97 26.14
N ALA C 898 -6.13 20.20 27.14
CA ALA C 898 -5.22 19.72 28.16
C ALA C 898 -4.13 18.86 27.53
N ALA C 899 -2.93 18.94 28.09
CA ALA C 899 -1.81 18.17 27.56
C ALA C 899 -2.12 16.68 27.65
N PRO C 900 -1.80 15.90 26.62
CA PRO C 900 -2.15 14.48 26.63
C PRO C 900 -1.50 13.75 27.81
N ARG C 901 -2.32 12.99 28.53
CA ARG C 901 -1.87 12.21 29.68
C ARG C 901 -1.59 10.78 29.22
N HIS C 902 -0.32 10.40 29.18
CA HIS C 902 0.10 9.05 28.89
C HIS C 902 0.62 8.40 30.16
N GLN C 903 0.76 7.08 30.11
CA GLN C 903 1.30 6.32 31.23
C GLN C 903 2.09 5.14 30.67
N TYR C 904 3.21 4.82 31.32
CA TYR C 904 4.01 3.69 30.91
C TYR C 904 3.98 2.55 31.92
N TYR C 905 3.56 2.79 33.16
CA TYR C 905 3.47 1.72 34.13
C TYR C 905 2.37 2.15 35.10
N ASN C 906 2.59 2.00 36.40
CA ASN C 906 1.58 2.45 37.34
C ASN C 906 1.59 3.97 37.49
N GLN C 907 2.72 4.60 37.15
CA GLN C 907 2.87 6.05 37.22
C GLN C 907 2.56 6.65 35.84
N GLU C 908 1.80 7.74 35.84
CA GLU C 908 1.42 8.42 34.61
C GLU C 908 2.20 9.72 34.44
N TRP C 909 2.48 10.03 33.17
CA TRP C 909 3.34 11.14 32.76
C TRP C 909 2.63 12.01 31.73
N THR C 910 3.23 13.18 31.46
CA THR C 910 2.68 14.18 30.56
C THR C 910 3.80 14.72 29.69
N LEU C 911 3.42 15.43 28.62
CA LEU C 911 4.41 16.04 27.74
C LEU C 911 5.33 16.98 28.51
N TRP C 912 4.86 17.57 29.61
CA TRP C 912 5.70 18.44 30.42
C TRP C 912 6.59 17.66 31.39
N ASP C 913 6.28 16.40 31.64
CA ASP C 913 7.07 15.55 32.53
C ASP C 913 8.36 15.13 31.85
N ARG C 914 9.34 14.76 32.67
CA ARG C 914 10.69 14.57 32.16
C ARG C 914 11.47 13.63 33.07
N PHE C 915 12.37 12.86 32.47
CA PHE C 915 13.30 12.01 33.21
C PHE C 915 14.54 12.81 33.59
N GLU C 916 14.84 12.89 34.88
CA GLU C 916 16.01 13.60 35.37
C GLU C 916 17.11 12.58 35.66
N VAL C 917 18.19 12.63 34.88
CA VAL C 917 19.31 11.70 35.03
C VAL C 917 20.57 12.53 35.25
N GLN C 918 21.22 12.32 36.39
CA GLN C 918 22.42 13.08 36.73
C GLN C 918 23.60 12.48 35.97
N GLY C 919 24.12 13.26 35.01
CA GLY C 919 25.11 12.74 34.08
C GLY C 919 26.43 12.40 34.74
N LEU C 920 26.91 13.23 35.66
CA LEU C 920 28.19 12.96 36.29
C LEU C 920 27.96 12.03 37.46
N GLN C 921 28.91 11.18 37.71
CA GLN C 921 28.68 10.17 38.71
C GLN C 921 29.33 10.61 40.01
N PRO C 922 28.93 10.03 41.14
CA PRO C 922 29.62 10.36 42.39
C PRO C 922 31.07 9.93 42.40
N ASN C 923 31.41 8.80 41.78
CA ASN C 923 32.77 8.31 41.85
C ASN C 923 33.73 9.14 41.00
N GLY C 924 33.25 9.68 39.89
CA GLY C 924 34.09 10.36 38.93
C GLY C 924 33.76 9.94 37.50
N GLU C 925 34.34 10.71 36.57
CA GLU C 925 34.08 10.54 35.14
C GLU C 925 32.61 10.70 34.78
N GLU C 926 32.31 10.59 33.50
CA GLU C 926 30.94 10.67 33.01
C GLU C 926 30.35 9.28 32.94
N MET C 927 29.03 9.21 33.16
CA MET C 927 28.32 7.94 33.11
C MET C 927 28.47 7.29 31.74
N THR C 928 28.56 5.96 31.74
CA THR C 928 28.76 5.21 30.51
C THR C 928 27.42 4.72 29.95
N LEU C 929 27.49 4.11 28.77
CA LEU C 929 26.27 3.59 28.14
C LEU C 929 25.72 2.40 28.91
N LYS C 930 26.60 1.52 29.40
CA LYS C 930 26.14 0.38 30.18
C LYS C 930 25.44 0.84 31.46
N GLN C 931 25.99 1.86 32.11
CA GLN C 931 25.36 2.40 33.32
C GLN C 931 24.06 3.11 32.98
N PHE C 932 23.95 3.68 31.77
CA PHE C 932 22.71 4.32 31.37
C PHE C 932 21.61 3.30 31.15
N LEU C 933 21.90 2.25 30.39
CA LEU C 933 20.88 1.23 30.12
C LEU C 933 20.48 0.50 31.40
N ASP C 934 21.46 0.17 32.25
CA ASP C 934 21.17 -0.56 33.48
C ASP C 934 20.45 0.28 34.52
N TYR C 935 20.53 1.62 34.41
CA TYR C 935 19.81 2.47 35.35
C TYR C 935 18.31 2.38 35.15
N PHE C 936 17.86 2.34 33.89
CA PHE C 936 16.44 2.25 33.60
C PHE C 936 15.87 0.85 33.83
N LYS C 937 16.73 -0.18 33.89
CA LYS C 937 16.24 -1.53 34.13
C LYS C 937 15.99 -1.79 35.62
N THR C 938 16.76 -1.16 36.50
CA THR C 938 16.66 -1.41 37.94
C THR C 938 15.87 -0.34 38.68
N GLU C 939 16.02 0.93 38.28
CA GLU C 939 15.33 2.01 38.97
C GLU C 939 13.95 2.30 38.37
N HIS C 940 13.78 2.09 37.07
CA HIS C 940 12.53 2.38 36.40
C HIS C 940 11.86 1.16 35.78
N LYS C 941 12.51 -0.01 35.80
CA LYS C 941 11.96 -1.24 35.23
C LYS C 941 11.61 -1.03 33.75
N LEU C 942 12.53 -0.44 33.01
CA LEU C 942 12.33 -0.12 31.60
C LEU C 942 13.49 -0.70 30.79
N GLU C 943 13.20 -1.72 29.98
CA GLU C 943 14.19 -2.30 29.09
C GLU C 943 14.37 -1.37 27.90
N ILE C 944 15.40 -0.52 27.97
CA ILE C 944 15.61 0.47 26.92
C ILE C 944 16.05 -0.22 25.64
N THR C 945 15.35 0.07 24.54
CA THR C 945 15.63 -0.54 23.25
C THR C 945 15.96 0.47 22.16
N MET C 946 15.90 1.77 22.45
CA MET C 946 16.21 2.78 21.45
C MET C 946 16.61 4.06 22.17
N LEU C 947 17.85 4.51 21.94
CA LEU C 947 18.38 5.71 22.57
C LEU C 947 18.97 6.60 21.49
N SER C 948 18.52 7.85 21.45
CA SER C 948 18.95 8.79 20.42
C SER C 948 18.94 10.20 20.98
N GLN C 949 19.88 11.01 20.51
CA GLN C 949 19.96 12.43 20.85
C GLN C 949 19.75 13.21 19.56
N GLY C 950 18.56 13.76 19.40
CA GLY C 950 18.27 14.48 18.16
C GLY C 950 18.14 13.50 17.01
N VAL C 951 18.89 13.77 15.94
CA VAL C 951 18.89 12.91 14.77
C VAL C 951 19.93 11.80 14.87
N SER C 952 20.95 11.95 15.71
CA SER C 952 21.99 10.95 15.85
C SER C 952 21.50 9.77 16.69
N MET C 953 21.90 8.57 16.29
CA MET C 953 21.52 7.35 17.00
C MET C 953 22.65 6.88 17.90
N LEU C 954 22.30 6.51 19.12
CA LEU C 954 23.27 6.07 20.12
C LEU C 954 23.24 4.58 20.37
N TYR C 955 22.06 4.03 20.67
CA TYR C 955 21.90 2.62 20.99
C TYR C 955 20.62 2.10 20.36
N SER C 956 20.64 0.82 19.97
CA SER C 956 19.45 0.15 19.49
C SER C 956 19.61 -1.34 19.70
N PHE C 957 18.49 -2.05 19.74
CA PHE C 957 18.52 -3.49 19.95
C PHE C 957 19.10 -4.25 18.76
N PHE C 958 19.10 -3.64 17.58
CA PHE C 958 19.59 -4.27 16.36
C PHE C 958 21.00 -3.85 15.99
N MET C 959 21.76 -3.30 16.95
CA MET C 959 23.13 -2.91 16.66
C MET C 959 23.99 -4.14 16.38
N PRO C 960 25.01 -4.00 15.54
CA PRO C 960 26.00 -5.07 15.41
C PRO C 960 26.73 -5.31 16.73
N ALA C 961 27.20 -6.54 16.90
CA ALA C 961 27.88 -6.90 18.14
C ALA C 961 29.12 -6.04 18.35
N ALA C 962 29.84 -5.74 17.27
CA ALA C 962 31.05 -4.92 17.40
C ALA C 962 30.71 -3.47 17.71
N LYS C 963 29.61 -2.95 17.18
CA LYS C 963 29.25 -1.57 17.44
C LYS C 963 28.87 -1.33 18.90
N LEU C 964 28.29 -2.33 19.57
CA LEU C 964 27.90 -2.16 20.95
C LEU C 964 29.11 -2.19 21.88
N LYS C 965 30.11 -3.02 21.56
CA LYS C 965 31.30 -3.13 22.42
C LYS C 965 32.04 -1.82 22.50
N GLU C 966 32.22 -1.13 21.37
CA GLU C 966 32.93 0.14 21.32
C GLU C 966 32.07 1.31 21.76
N ARG C 967 30.97 1.05 22.48
CA ARG C 967 30.13 2.12 23.01
C ARG C 967 29.68 1.92 24.44
N LEU C 968 29.67 0.70 24.96
CA LEU C 968 29.18 0.47 26.32
C LEU C 968 30.06 1.15 27.36
N ASP C 969 31.38 1.06 27.20
CA ASP C 969 32.31 1.62 28.15
C ASP C 969 32.65 3.08 27.87
N GLN C 970 32.19 3.63 26.71
CA GLN C 970 32.46 5.03 26.39
C GLN C 970 31.40 5.93 27.04
N PRO C 971 31.80 7.12 27.48
CA PRO C 971 30.82 8.05 28.08
C PRO C 971 29.85 8.59 27.04
N MET C 972 28.76 9.16 27.55
CA MET C 972 27.68 9.61 26.68
C MET C 972 28.10 10.76 25.78
N THR C 973 28.86 11.72 26.32
CA THR C 973 29.29 12.87 25.51
C THR C 973 30.21 12.43 24.38
N GLU C 974 31.06 11.44 24.61
CA GLU C 974 31.94 10.98 23.55
C GLU C 974 31.19 10.25 22.45
N ILE C 975 30.06 9.62 22.78
CA ILE C 975 29.30 8.90 21.76
C ILE C 975 28.59 9.88 20.84
N VAL C 976 27.89 10.87 21.42
CA VAL C 976 27.19 11.85 20.60
C VAL C 976 28.18 12.67 19.79
N SER C 977 29.34 12.98 20.37
CA SER C 977 30.36 13.74 19.65
C SER C 977 30.97 12.97 18.50
N ARG C 978 30.91 11.63 18.54
CA ARG C 978 31.47 10.84 17.46
C ARG C 978 30.45 10.54 16.37
N VAL C 979 29.18 10.39 16.71
CA VAL C 979 28.17 10.11 15.69
C VAL C 979 27.76 11.40 14.99
N SER C 980 27.62 12.49 15.74
CA SER C 980 27.19 13.76 15.16
C SER C 980 28.32 14.52 14.48
N LYS C 981 29.56 14.04 14.56
CA LYS C 981 30.72 14.68 13.94
C LYS C 981 30.93 16.10 14.43
N ARG C 982 30.49 16.39 15.66
CA ARG C 982 30.65 17.72 16.24
C ARG C 982 30.66 17.59 17.75
N LYS C 983 31.72 18.08 18.38
CA LYS C 983 31.84 18.00 19.83
C LYS C 983 30.90 19.00 20.50
N LEU C 984 30.51 18.69 21.73
CA LEU C 984 29.59 19.54 22.47
C LEU C 984 30.31 20.79 22.97
N GLY C 985 29.64 21.94 22.83
CA GLY C 985 30.20 23.19 23.27
C GLY C 985 30.22 23.31 24.79
N ARG C 986 30.99 24.29 25.26
CA ARG C 986 31.07 24.53 26.70
C ARG C 986 29.77 25.06 27.28
N HIS C 987 28.94 25.69 26.46
CA HIS C 987 27.65 26.18 26.96
C HIS C 987 26.64 25.06 27.16
N VAL C 988 26.88 23.89 26.57
CA VAL C 988 25.98 22.76 26.71
C VAL C 988 26.08 22.22 28.13
N ARG C 989 25.10 22.54 28.96
CA ARG C 989 25.10 22.09 30.34
C ARG C 989 24.29 20.82 30.55
N ALA C 990 23.36 20.52 29.64
CA ALA C 990 22.51 19.33 29.71
C ALA C 990 22.26 18.83 28.30
N LEU C 991 21.56 17.69 28.21
CA LEU C 991 21.33 17.04 26.92
C LEU C 991 19.97 16.37 26.95
N VAL C 992 19.23 16.47 25.84
CA VAL C 992 17.90 15.90 25.73
C VAL C 992 17.98 14.56 24.99
N LEU C 993 17.38 13.53 25.57
CA LEU C 993 17.44 12.18 25.02
C LEU C 993 16.03 11.63 24.83
N GLU C 994 15.83 10.94 23.70
CA GLU C 994 14.58 10.28 23.38
C GLU C 994 14.70 8.78 23.60
N LEU C 995 13.64 8.16 24.10
CA LEU C 995 13.65 6.74 24.44
C LEU C 995 12.47 6.02 23.81
N CYS C 996 12.69 4.73 23.51
CA CYS C 996 11.64 3.80 23.08
C CYS C 996 11.98 2.48 23.77
N CYS C 997 11.49 2.31 24.99
CA CYS C 997 11.90 1.20 25.84
C CYS C 997 10.80 0.15 25.96
N ASN C 998 11.11 -0.93 26.66
CA ASN C 998 10.20 -2.03 26.92
C ASN C 998 9.87 -2.12 28.41
N ASP C 999 8.58 -2.31 28.71
CA ASP C 999 8.13 -2.42 30.08
C ASP C 999 8.62 -3.74 30.68
N GLU C 1000 8.32 -3.96 31.96
CA GLU C 1000 8.61 -5.25 32.58
C GLU C 1000 7.93 -6.38 31.80
N SER C 1001 6.74 -6.12 31.27
CA SER C 1001 6.16 -6.98 30.24
C SER C 1001 6.95 -6.78 28.95
N GLY C 1002 7.70 -7.80 28.56
CA GLY C 1002 8.62 -7.69 27.43
C GLY C 1002 8.03 -7.32 26.08
N GLU C 1003 7.71 -6.05 25.88
CA GLU C 1003 7.37 -5.50 24.57
C GLU C 1003 7.31 -3.99 24.69
N ASP C 1004 6.89 -3.32 23.62
CA ASP C 1004 7.07 -1.88 23.48
C ASP C 1004 6.14 -1.10 24.39
N VAL C 1005 6.67 -0.03 24.98
CA VAL C 1005 5.92 0.95 25.76
C VAL C 1005 6.59 2.31 25.59
N GLU C 1006 5.79 3.36 25.55
CA GLU C 1006 6.32 4.71 25.38
C GLU C 1006 6.58 5.39 26.72
N VAL C 1007 7.58 6.26 26.75
CA VAL C 1007 8.04 6.91 27.98
C VAL C 1007 8.45 8.34 27.68
N PRO C 1008 8.57 9.19 28.73
CA PRO C 1008 9.05 10.56 28.53
C PRO C 1008 10.48 10.65 28.05
N TYR C 1009 10.94 11.87 27.75
CA TYR C 1009 12.31 12.11 27.35
C TYR C 1009 13.20 12.28 28.57
N VAL C 1010 14.51 12.35 28.33
CA VAL C 1010 15.51 12.37 29.40
C VAL C 1010 16.30 13.68 29.33
N ARG C 1011 16.49 14.31 30.48
CA ARG C 1011 17.37 15.47 30.63
C ARG C 1011 18.69 14.98 31.20
N TYR C 1012 19.70 14.85 30.35
CA TYR C 1012 21.01 14.33 30.72
C TYR C 1012 21.94 15.50 31.01
N THR C 1013 22.07 15.87 32.28
CA THR C 1013 22.92 16.98 32.68
C THR C 1013 24.38 16.55 32.68
N ILE C 1014 25.21 17.22 31.90
CA ILE C 1014 26.62 16.88 31.82
C ILE C 1014 27.34 17.24 33.11
N MET D 5 -30.24 13.14 13.34
CA MET D 5 -30.25 14.60 13.38
C MET D 5 -29.38 15.19 12.27
N GLN D 6 -29.33 16.52 12.22
CA GLN D 6 -28.61 17.24 11.17
C GLN D 6 -27.69 18.26 11.82
N ILE D 7 -26.40 18.19 11.48
CA ILE D 7 -25.39 19.07 12.03
C ILE D 7 -24.74 19.85 10.90
N PHE D 8 -24.21 21.03 11.22
CA PHE D 8 -23.56 21.90 10.26
C PHE D 8 -22.09 22.06 10.62
N VAL D 9 -21.24 22.16 9.59
CA VAL D 9 -19.81 22.35 9.76
C VAL D 9 -19.38 23.50 8.87
N LYS D 10 -18.97 24.61 9.48
CA LYS D 10 -18.57 25.81 8.75
C LYS D 10 -17.06 25.96 8.81
N THR D 11 -16.46 26.28 7.67
CA THR D 11 -15.02 26.46 7.56
C THR D 11 -14.69 27.94 7.63
N LEU D 12 -13.43 28.29 7.38
CA LEU D 12 -13.00 29.69 7.35
C LEU D 12 -13.31 30.35 6.01
N THR D 13 -14.02 29.66 5.12
CA THR D 13 -14.43 30.24 3.84
C THR D 13 -15.93 30.48 3.78
N GLY D 14 -16.63 30.37 4.90
CA GLY D 14 -18.07 30.46 4.91
C GLY D 14 -18.78 29.25 4.36
N LYS D 15 -18.05 28.22 3.95
CA LYS D 15 -18.66 27.02 3.37
C LYS D 15 -19.32 26.21 4.48
N THR D 16 -20.63 26.05 4.38
CA THR D 16 -21.39 25.30 5.38
C THR D 16 -21.76 23.93 4.83
N ILE D 17 -21.44 22.89 5.59
CA ILE D 17 -21.65 21.50 5.18
C ILE D 17 -22.81 20.93 5.97
N THR D 18 -23.60 20.07 5.32
CA THR D 18 -24.75 19.42 5.94
C THR D 18 -24.44 17.94 6.16
N LEU D 19 -24.63 17.48 7.39
CA LEU D 19 -24.35 16.09 7.76
C LEU D 19 -25.58 15.48 8.43
N GLU D 20 -25.77 14.18 8.21
CA GLU D 20 -26.84 13.42 8.85
C GLU D 20 -26.21 12.40 9.78
N VAL D 21 -26.27 12.67 11.08
CA VAL D 21 -25.70 11.79 12.10
C VAL D 21 -26.75 11.57 13.20
N GLU D 22 -26.35 10.85 14.23
CA GLU D 22 -27.16 10.54 15.39
C GLU D 22 -26.39 10.87 16.65
N PRO D 23 -27.07 11.13 17.78
CA PRO D 23 -26.35 11.47 19.01
C PRO D 23 -25.45 10.37 19.53
N SER D 24 -25.61 9.13 19.06
CA SER D 24 -24.75 8.05 19.49
C SER D 24 -23.43 7.98 18.72
N ASP D 25 -23.28 8.75 17.65
CA ASP D 25 -22.04 8.75 16.89
C ASP D 25 -20.93 9.45 17.68
N THR D 26 -19.69 9.10 17.34
CA THR D 26 -18.52 9.65 18.00
C THR D 26 -17.93 10.79 17.18
N ILE D 27 -16.97 11.49 17.79
CA ILE D 27 -16.29 12.58 17.09
C ILE D 27 -15.46 12.04 15.94
N GLU D 28 -14.87 10.86 16.10
CA GLU D 28 -14.07 10.27 15.03
C GLU D 28 -14.92 9.93 13.81
N ASN D 29 -16.17 9.51 14.02
CA ASN D 29 -17.04 9.21 12.90
C ASN D 29 -17.44 10.48 12.14
N VAL D 30 -17.51 11.61 12.84
CA VAL D 30 -17.83 12.87 12.17
C VAL D 30 -16.68 13.31 11.27
N LYS D 31 -15.44 13.17 11.75
CA LYS D 31 -14.28 13.56 10.96
C LYS D 31 -14.14 12.70 9.70
N ALA D 32 -14.60 11.45 9.77
CA ALA D 32 -14.56 10.59 8.58
C ALA D 32 -15.56 11.03 7.53
N LYS D 33 -16.70 11.58 7.95
CA LYS D 33 -17.68 12.08 6.99
C LYS D 33 -17.25 13.40 6.38
N ILE D 34 -16.46 14.19 7.11
CA ILE D 34 -15.97 15.45 6.55
C ILE D 34 -14.95 15.18 5.44
N GLN D 35 -14.12 14.15 5.61
CA GLN D 35 -13.13 13.82 4.59
C GLN D 35 -13.79 13.31 3.32
N ASP D 36 -14.96 12.67 3.45
CA ASP D 36 -15.68 12.18 2.27
C ASP D 36 -16.37 13.29 1.49
N LYS D 37 -16.45 14.50 2.05
CA LYS D 37 -17.05 15.64 1.37
C LYS D 37 -16.05 16.73 1.04
N GLU D 38 -15.03 16.95 1.87
CA GLU D 38 -14.05 18.00 1.65
C GLU D 38 -12.66 17.47 1.33
N GLY D 39 -12.24 16.37 1.94
CA GLY D 39 -10.94 15.80 1.67
C GLY D 39 -9.84 16.22 2.62
N ILE D 40 -10.18 16.53 3.87
CA ILE D 40 -9.20 16.91 4.88
C ILE D 40 -9.02 15.73 5.83
N PRO D 41 -7.79 15.27 6.06
CA PRO D 41 -7.60 14.18 7.01
C PRO D 41 -8.01 14.61 8.40
N PRO D 42 -8.43 13.66 9.24
CA PRO D 42 -8.88 14.03 10.59
C PRO D 42 -7.79 14.64 11.46
N ASP D 43 -6.52 14.33 11.18
CA ASP D 43 -5.43 14.90 11.96
C ASP D 43 -5.20 16.39 11.68
N GLN D 44 -5.84 16.93 10.64
CA GLN D 44 -5.69 18.33 10.27
C GLN D 44 -6.98 19.13 10.46
N GLN D 45 -7.97 18.54 11.13
CA GLN D 45 -9.25 19.21 11.37
C GLN D 45 -9.30 19.73 12.79
N ARG D 46 -9.67 21.00 12.94
CA ARG D 46 -9.82 21.65 14.23
C ARG D 46 -11.27 22.07 14.38
N LEU D 47 -12.02 21.32 15.19
CA LEU D 47 -13.46 21.54 15.35
C LEU D 47 -13.74 22.25 16.67
N ILE D 48 -14.63 23.24 16.62
CA ILE D 48 -15.00 24.04 17.77
C ILE D 48 -16.51 23.98 17.95
N PHE D 49 -16.95 23.84 19.20
CA PHE D 49 -18.37 23.82 19.52
C PHE D 49 -18.57 24.30 20.95
N ALA D 50 -19.32 25.39 21.11
CA ALA D 50 -19.69 25.92 22.42
C ALA D 50 -18.46 26.20 23.28
N GLY D 51 -17.41 26.74 22.67
CA GLY D 51 -16.21 27.07 23.39
C GLY D 51 -15.32 25.90 23.74
N LYS D 52 -15.58 24.73 23.16
CA LYS D 52 -14.77 23.53 23.39
C LYS D 52 -14.27 23.00 22.06
N GLN D 53 -13.14 22.31 22.11
CA GLN D 53 -12.53 21.71 20.93
C GLN D 53 -12.81 20.21 20.91
N LEU D 54 -13.33 19.71 19.79
CA LEU D 54 -13.74 18.32 19.70
C LEU D 54 -12.51 17.41 19.62
N GLU D 55 -12.41 16.50 20.59
CA GLU D 55 -11.31 15.54 20.65
C GLU D 55 -11.80 14.16 20.23
N ASP D 56 -10.88 13.37 19.70
CA ASP D 56 -11.21 12.00 19.30
C ASP D 56 -11.47 11.13 20.52
N GLY D 57 -12.28 10.09 20.33
CA GLY D 57 -12.67 9.19 21.38
C GLY D 57 -13.95 9.55 22.10
N ARG D 58 -14.37 10.81 22.02
CA ARG D 58 -15.60 11.25 22.65
C ARG D 58 -16.78 11.06 21.69
N THR D 59 -17.98 11.30 22.20
CA THR D 59 -19.20 11.16 21.43
C THR D 59 -19.87 12.52 21.28
N LEU D 60 -20.90 12.56 20.43
CA LEU D 60 -21.65 13.79 20.22
C LEU D 60 -22.49 14.16 21.43
N SER D 61 -22.80 13.20 22.30
CA SER D 61 -23.57 13.49 23.51
C SER D 61 -22.71 14.05 24.64
N ASP D 62 -21.40 13.81 24.61
CA ASP D 62 -20.53 14.33 25.67
C ASP D 62 -20.41 15.85 25.58
N TYR D 63 -20.23 16.38 24.37
CA TYR D 63 -20.17 17.82 24.18
C TYR D 63 -21.55 18.48 24.12
N ASN D 64 -22.63 17.71 24.30
CA ASN D 64 -24.00 18.21 24.25
C ASN D 64 -24.27 18.91 22.91
N ILE D 65 -24.43 18.09 21.88
CA ILE D 65 -24.68 18.56 20.52
C ILE D 65 -26.11 18.16 20.14
N GLN D 66 -27.01 19.13 20.09
CA GLN D 66 -28.40 18.89 19.73
C GLN D 66 -28.54 18.96 18.21
N LYS D 67 -29.78 18.89 17.72
CA LYS D 67 -30.02 19.00 16.29
C LYS D 67 -29.78 20.43 15.82
N GLU D 68 -29.44 20.57 14.54
CA GLU D 68 -29.24 21.87 13.90
C GLU D 68 -28.10 22.65 14.53
N SER D 69 -27.08 21.95 15.03
CA SER D 69 -25.91 22.60 15.61
C SER D 69 -24.85 22.86 14.55
N THR D 70 -24.00 23.85 14.82
CA THR D 70 -22.98 24.31 13.88
C THR D 70 -21.62 24.05 14.48
N LEU D 71 -20.74 23.41 13.70
CA LEU D 71 -19.34 23.23 14.06
C LEU D 71 -18.47 24.14 13.22
N HIS D 72 -17.28 24.46 13.74
CA HIS D 72 -16.38 25.41 13.11
C HIS D 72 -15.05 24.73 12.83
N LEU D 73 -14.68 24.69 11.54
CA LEU D 73 -13.41 24.11 11.10
C LEU D 73 -12.42 25.26 10.94
N VAL D 74 -11.62 25.50 11.98
CA VAL D 74 -10.70 26.64 12.00
C VAL D 74 -9.30 26.18 11.65
N LEU D 75 -8.36 27.12 11.59
CA LEU D 75 -6.97 26.84 11.25
C LEU D 75 -6.04 27.76 12.04
N ARG D 76 -4.79 27.32 12.16
CA ARG D 76 -3.71 28.16 12.66
C ARG D 76 -2.92 28.68 11.48
N LEU D 77 -2.29 29.84 11.66
CA LEU D 77 -1.66 30.55 10.55
C LEU D 77 -0.19 30.81 10.83
N ARG D 78 0.51 31.19 9.76
CA ARG D 78 1.96 31.31 9.72
C ARG D 78 2.46 32.75 9.74
N GLY D 79 1.78 33.65 9.04
CA GLY D 79 2.26 35.02 8.92
C GLY D 79 2.22 35.78 10.22
N GLY D 80 2.99 36.88 10.26
CA GLY D 80 3.10 37.71 11.44
C GLY D 80 3.94 38.97 11.24
#